data_2CTP
#
_entry.id   2CTP
#
_entity_poly.entity_id   1
_entity_poly.type   'polypeptide(L)'
_entity_poly.pdbx_seq_one_letter_code
;GSSGSSGDYYEILGVSRGASDEDLKKAYRRLALKFHPDKNHAPGATEAFKAIGTAYAVLSNPEKRKQYDQFGSGPSSG
;
_entity_poly.pdbx_strand_id   A
#
# COMPACT_ATOMS: atom_id res chain seq x y z
N GLY A 1 12.49 -15.27 7.81
CA GLY A 1 12.12 -13.99 7.24
C GLY A 1 13.32 -13.17 6.80
N SER A 2 13.07 -11.92 6.45
CA SER A 2 14.14 -11.03 6.01
C SER A 2 14.05 -9.68 6.70
N SER A 3 15.19 -9.03 6.89
CA SER A 3 15.24 -7.72 7.55
C SER A 3 14.06 -6.85 7.10
N GLY A 4 13.64 -5.96 7.99
CA GLY A 4 12.52 -5.07 7.67
C GLY A 4 12.98 -3.76 7.07
N SER A 5 12.42 -2.66 7.56
CA SER A 5 12.78 -1.34 7.06
C SER A 5 13.01 -1.37 5.55
N SER A 6 12.13 -2.07 4.84
CA SER A 6 12.24 -2.18 3.39
C SER A 6 11.15 -1.37 2.70
N GLY A 7 9.90 -1.65 3.04
CA GLY A 7 8.79 -0.93 2.45
C GLY A 7 8.16 -1.69 1.30
N ASP A 8 7.07 -2.40 1.58
CA ASP A 8 6.38 -3.18 0.56
C ASP A 8 4.93 -2.71 0.41
N TYR A 9 4.46 -2.66 -0.82
CA TYR A 9 3.10 -2.23 -1.11
C TYR A 9 2.09 -2.96 -0.22
N TYR A 10 2.02 -4.28 -0.38
CA TYR A 10 1.12 -5.10 0.41
C TYR A 10 1.12 -4.67 1.87
N GLU A 11 2.32 -4.51 2.42
CA GLU A 11 2.47 -4.10 3.82
C GLU A 11 1.86 -2.72 4.06
N ILE A 12 2.31 -1.74 3.27
CA ILE A 12 1.81 -0.38 3.40
C ILE A 12 0.30 -0.37 3.61
N LEU A 13 -0.40 -1.24 2.88
CA LEU A 13 -1.86 -1.33 2.99
C LEU A 13 -2.27 -2.16 4.20
N GLY A 14 -1.54 -3.25 4.43
CA GLY A 14 -1.83 -4.12 5.57
C GLY A 14 -2.52 -5.40 5.14
N VAL A 15 -1.94 -6.09 4.15
CA VAL A 15 -2.52 -7.33 3.66
C VAL A 15 -1.42 -8.36 3.39
N SER A 16 -1.83 -9.53 2.90
CA SER A 16 -0.89 -10.60 2.59
C SER A 16 -0.42 -10.52 1.14
N ARG A 17 0.68 -11.20 0.84
CA ARG A 17 1.23 -11.20 -0.50
C ARG A 17 0.38 -12.06 -1.44
N GLY A 18 -0.45 -11.40 -2.25
CA GLY A 18 -1.30 -12.12 -3.17
C GLY A 18 -2.76 -11.79 -2.99
N ALA A 19 -3.04 -10.69 -2.27
CA ALA A 19 -4.41 -10.27 -2.02
C ALA A 19 -5.09 -9.82 -3.32
N SER A 20 -6.35 -10.19 -3.47
CA SER A 20 -7.12 -9.84 -4.66
C SER A 20 -7.45 -8.34 -4.66
N ASP A 21 -8.14 -7.90 -5.71
CA ASP A 21 -8.53 -6.50 -5.83
C ASP A 21 -9.41 -6.07 -4.66
N GLU A 22 -10.58 -6.68 -4.55
CA GLU A 22 -11.51 -6.37 -3.48
C GLU A 22 -10.79 -6.18 -2.16
N ASP A 23 -9.90 -7.12 -1.84
CA ASP A 23 -9.13 -7.06 -0.60
C ASP A 23 -8.28 -5.80 -0.55
N LEU A 24 -7.50 -5.57 -1.60
CA LEU A 24 -6.64 -4.40 -1.67
C LEU A 24 -7.44 -3.12 -1.51
N LYS A 25 -8.59 -3.06 -2.18
CA LYS A 25 -9.47 -1.89 -2.11
C LYS A 25 -9.95 -1.66 -0.68
N LYS A 26 -10.77 -2.59 -0.19
CA LYS A 26 -11.31 -2.50 1.16
C LYS A 26 -10.27 -1.93 2.13
N ALA A 27 -9.13 -2.60 2.23
CA ALA A 27 -8.05 -2.15 3.11
C ALA A 27 -7.61 -0.74 2.75
N TYR A 28 -7.24 -0.53 1.50
CA TYR A 28 -6.80 0.78 1.04
C TYR A 28 -7.73 1.88 1.52
N ARG A 29 -9.04 1.66 1.35
CA ARG A 29 -10.04 2.63 1.78
C ARG A 29 -9.96 2.88 3.28
N ARG A 30 -10.27 1.84 4.06
CA ARG A 30 -10.23 1.94 5.52
C ARG A 30 -9.07 2.83 5.97
N LEU A 31 -7.98 2.80 5.22
CA LEU A 31 -6.80 3.60 5.54
C LEU A 31 -6.99 5.05 5.09
N ALA A 32 -7.13 5.24 3.78
CA ALA A 32 -7.32 6.57 3.23
C ALA A 32 -8.29 7.39 4.08
N LEU A 33 -9.45 6.81 4.36
CA LEU A 33 -10.46 7.50 5.16
C LEU A 33 -9.87 7.98 6.49
N LYS A 34 -8.92 7.23 7.02
CA LYS A 34 -8.27 7.59 8.28
C LYS A 34 -7.16 8.60 8.03
N PHE A 35 -6.55 8.54 6.86
CA PHE A 35 -5.47 9.46 6.51
C PHE A 35 -5.92 10.47 5.46
N HIS A 36 -7.23 10.73 5.43
CA HIS A 36 -7.79 11.68 4.46
C HIS A 36 -7.66 13.10 4.97
N PRO A 37 -7.35 14.03 4.05
CA PRO A 37 -7.19 15.45 4.38
C PRO A 37 -8.51 16.11 4.74
N ASP A 38 -9.61 15.47 4.36
CA ASP A 38 -10.95 16.00 4.65
C ASP A 38 -11.46 15.50 6.00
N LYS A 39 -11.14 14.24 6.32
CA LYS A 39 -11.56 13.65 7.58
C LYS A 39 -10.56 13.96 8.69
N ASN A 40 -9.28 13.74 8.41
CA ASN A 40 -8.22 14.00 9.38
C ASN A 40 -8.01 15.49 9.56
N HIS A 41 -7.53 15.88 10.74
CA HIS A 41 -7.28 17.28 11.04
C HIS A 41 -5.79 17.61 10.92
N ALA A 42 -4.95 16.65 11.32
CA ALA A 42 -3.51 16.84 11.26
C ALA A 42 -2.96 16.37 9.91
N PRO A 43 -1.93 17.08 9.41
CA PRO A 43 -1.29 16.75 8.13
C PRO A 43 -0.49 15.46 8.20
N GLY A 44 0.30 15.31 9.26
CA GLY A 44 1.11 14.12 9.43
C GLY A 44 0.43 12.88 8.88
N ALA A 45 -0.87 12.75 9.16
CA ALA A 45 -1.63 11.60 8.70
C ALA A 45 -1.86 11.66 7.19
N THR A 46 -2.33 12.81 6.72
CA THR A 46 -2.60 13.00 5.30
C THR A 46 -1.38 12.65 4.46
N GLU A 47 -0.24 13.24 4.81
CA GLU A 47 1.01 13.00 4.10
C GLU A 47 1.14 11.53 3.73
N ALA A 48 0.73 10.65 4.64
CA ALA A 48 0.80 9.21 4.41
C ALA A 48 -0.10 8.80 3.25
N PHE A 49 -1.33 9.28 3.26
CA PHE A 49 -2.29 8.96 2.21
C PHE A 49 -1.60 8.84 0.86
N LYS A 50 -0.78 9.84 0.53
CA LYS A 50 -0.05 9.85 -0.73
C LYS A 50 0.65 8.52 -0.96
N ALA A 51 1.37 8.05 0.05
CA ALA A 51 2.09 6.79 -0.06
C ALA A 51 1.12 5.62 -0.25
N ILE A 52 0.21 5.44 0.69
CA ILE A 52 -0.77 4.36 0.61
C ILE A 52 -1.22 4.14 -0.82
N GLY A 53 -1.84 5.15 -1.41
CA GLY A 53 -2.31 5.05 -2.78
C GLY A 53 -1.26 4.46 -3.71
N THR A 54 -0.13 5.13 -3.80
CA THR A 54 0.96 4.67 -4.67
C THR A 54 1.06 3.16 -4.67
N ALA A 55 0.92 2.56 -3.49
CA ALA A 55 1.00 1.10 -3.35
C ALA A 55 -0.24 0.44 -3.95
N TYR A 56 -1.41 0.94 -3.60
CA TYR A 56 -2.67 0.39 -4.11
C TYR A 56 -2.71 0.46 -5.63
N ALA A 57 -2.51 1.66 -6.16
CA ALA A 57 -2.53 1.87 -7.61
C ALA A 57 -1.74 0.78 -8.33
N VAL A 58 -0.74 0.22 -7.65
CA VAL A 58 0.09 -0.83 -8.22
C VAL A 58 -0.61 -2.19 -8.14
N LEU A 59 -0.74 -2.70 -6.93
CA LEU A 59 -1.39 -3.98 -6.71
C LEU A 59 -2.76 -4.03 -7.40
N SER A 60 -3.35 -2.87 -7.60
CA SER A 60 -4.65 -2.77 -8.25
C SER A 60 -4.56 -3.18 -9.72
N ASN A 61 -3.41 -2.89 -10.33
CA ASN A 61 -3.18 -3.23 -11.73
C ASN A 61 -2.55 -4.61 -11.87
N PRO A 62 -2.92 -5.34 -12.93
CA PRO A 62 -2.40 -6.67 -13.20
C PRO A 62 -0.94 -6.65 -13.61
N GLU A 63 -0.54 -5.63 -14.37
CA GLU A 63 0.83 -5.50 -14.83
C GLU A 63 1.73 -4.96 -13.71
N LYS A 64 1.20 -4.00 -12.95
CA LYS A 64 1.94 -3.40 -11.86
C LYS A 64 2.03 -4.36 -10.67
N ARG A 65 1.06 -5.26 -10.57
CA ARG A 65 1.03 -6.22 -9.48
C ARG A 65 1.90 -7.43 -9.80
N LYS A 66 1.53 -8.15 -10.86
CA LYS A 66 2.27 -9.34 -11.28
C LYS A 66 3.78 -9.05 -11.33
N GLN A 67 4.12 -7.86 -11.80
CA GLN A 67 5.52 -7.45 -11.90
C GLN A 67 6.12 -7.22 -10.51
N TYR A 68 5.29 -6.75 -9.59
CA TYR A 68 5.73 -6.47 -8.23
C TYR A 68 5.90 -7.77 -7.44
N ASP A 69 5.04 -8.73 -7.71
CA ASP A 69 5.09 -10.02 -7.03
C ASP A 69 6.24 -10.87 -7.57
N GLN A 70 6.41 -10.85 -8.89
CA GLN A 70 7.47 -11.63 -9.52
C GLN A 70 8.84 -11.11 -9.13
N PHE A 71 9.09 -9.83 -9.43
CA PHE A 71 10.37 -9.21 -9.10
C PHE A 71 10.23 -8.28 -7.91
N GLY A 72 9.48 -7.20 -8.08
CA GLY A 72 9.27 -6.25 -7.01
C GLY A 72 9.94 -4.91 -7.29
N SER A 73 9.52 -3.88 -6.55
CA SER A 73 10.08 -2.55 -6.73
C SER A 73 11.56 -2.62 -7.08
N GLY A 74 12.34 -3.24 -6.21
CA GLY A 74 13.77 -3.36 -6.45
C GLY A 74 14.57 -2.32 -5.68
N PRO A 75 15.82 -2.10 -6.11
CA PRO A 75 16.72 -1.14 -5.47
C PRO A 75 16.29 0.30 -5.71
N SER A 76 15.19 0.47 -6.44
CA SER A 76 14.67 1.80 -6.74
C SER A 76 14.62 2.66 -5.48
N SER A 77 15.23 3.83 -5.55
CA SER A 77 15.27 4.75 -4.41
C SER A 77 14.55 6.06 -4.75
N GLY A 78 14.18 6.81 -3.72
CA GLY A 78 13.50 8.07 -3.93
C GLY A 78 14.31 9.26 -3.44
N GLY A 1 13.22 1.61 15.42
CA GLY A 1 13.53 1.93 14.04
C GLY A 1 12.83 1.03 13.06
N SER A 2 13.27 1.07 11.80
CA SER A 2 12.67 0.25 10.76
C SER A 2 13.43 -1.06 10.58
N SER A 3 12.79 -2.16 10.96
CA SER A 3 13.41 -3.48 10.86
C SER A 3 13.42 -3.96 9.41
N GLY A 4 12.24 -4.01 8.80
CA GLY A 4 12.13 -4.46 7.43
C GLY A 4 12.67 -3.44 6.45
N SER A 5 13.93 -3.61 6.06
CA SER A 5 14.57 -2.70 5.12
C SER A 5 13.67 -2.43 3.92
N SER A 6 13.04 -3.48 3.43
CA SER A 6 12.15 -3.37 2.28
C SER A 6 10.85 -2.67 2.66
N GLY A 7 10.10 -2.22 1.66
CA GLY A 7 8.85 -1.54 1.91
C GLY A 7 7.71 -2.11 1.09
N ASP A 8 7.57 -3.43 1.09
CA ASP A 8 6.52 -4.10 0.35
C ASP A 8 5.23 -3.28 0.38
N TYR A 9 4.43 -3.40 -0.68
CA TYR A 9 3.18 -2.66 -0.78
C TYR A 9 2.12 -3.27 0.15
N TYR A 10 2.02 -4.59 0.13
CA TYR A 10 1.05 -5.29 0.97
C TYR A 10 1.09 -4.76 2.40
N GLU A 11 2.30 -4.48 2.89
CA GLU A 11 2.46 -3.97 4.25
C GLU A 11 1.88 -2.56 4.37
N ILE A 12 2.33 -1.67 3.50
CA ILE A 12 1.86 -0.29 3.51
C ILE A 12 0.34 -0.23 3.72
N LEU A 13 -0.37 -1.13 3.05
CA LEU A 13 -1.83 -1.18 3.16
C LEU A 13 -2.26 -1.91 4.42
N GLY A 14 -1.64 -3.06 4.68
CA GLY A 14 -1.96 -3.83 5.86
C GLY A 14 -2.73 -5.09 5.53
N VAL A 15 -2.17 -5.91 4.64
CA VAL A 15 -2.82 -7.16 4.24
C VAL A 15 -1.79 -8.26 4.01
N SER A 16 -2.27 -9.48 3.78
CA SER A 16 -1.39 -10.61 3.56
C SER A 16 -0.81 -10.59 2.15
N ARG A 17 0.18 -11.43 1.91
CA ARG A 17 0.83 -11.51 0.60
C ARG A 17 0.00 -12.35 -0.36
N GLY A 18 -0.76 -11.68 -1.22
CA GLY A 18 -1.59 -12.39 -2.19
C GLY A 18 -3.05 -12.00 -2.08
N ALA A 19 -3.32 -10.88 -1.42
CA ALA A 19 -4.68 -10.40 -1.26
C ALA A 19 -5.27 -9.96 -2.58
N SER A 20 -6.47 -10.46 -2.90
CA SER A 20 -7.14 -10.11 -4.14
C SER A 20 -7.55 -8.65 -4.15
N ASP A 21 -7.96 -8.16 -5.32
CA ASP A 21 -8.38 -6.77 -5.47
C ASP A 21 -9.33 -6.38 -4.35
N GLU A 22 -10.52 -6.97 -4.35
CA GLU A 22 -11.53 -6.68 -3.34
C GLU A 22 -10.87 -6.43 -1.98
N ASP A 23 -10.11 -7.41 -1.51
CA ASP A 23 -9.43 -7.30 -0.23
C ASP A 23 -8.57 -6.04 -0.18
N LEU A 24 -7.75 -5.85 -1.21
CA LEU A 24 -6.87 -4.68 -1.28
C LEU A 24 -7.67 -3.39 -1.19
N LYS A 25 -8.60 -3.19 -2.12
CA LYS A 25 -9.44 -2.00 -2.13
C LYS A 25 -9.99 -1.71 -0.74
N LYS A 26 -10.68 -2.68 -0.15
CA LYS A 26 -11.26 -2.53 1.17
C LYS A 26 -10.24 -1.92 2.14
N ALA A 27 -9.09 -2.57 2.27
CA ALA A 27 -8.03 -2.10 3.16
C ALA A 27 -7.62 -0.67 2.79
N TYR A 28 -7.19 -0.50 1.54
CA TYR A 28 -6.75 0.82 1.06
C TYR A 28 -7.74 1.90 1.46
N ARG A 29 -9.03 1.64 1.23
CA ARG A 29 -10.07 2.60 1.57
C ARG A 29 -10.07 2.91 3.06
N ARG A 30 -10.39 1.90 3.87
CA ARG A 30 -10.42 2.06 5.32
C ARG A 30 -9.29 2.97 5.78
N LEU A 31 -8.20 2.99 5.03
CA LEU A 31 -7.05 3.83 5.36
C LEU A 31 -7.22 5.23 4.82
N ALA A 32 -7.31 5.35 3.49
CA ALA A 32 -7.48 6.64 2.85
C ALA A 32 -8.41 7.54 3.65
N LEU A 33 -9.59 7.03 3.97
CA LEU A 33 -10.57 7.78 4.73
C LEU A 33 -9.99 8.23 6.07
N LYS A 34 -9.15 7.40 6.66
CA LYS A 34 -8.52 7.71 7.94
C LYS A 34 -7.32 8.62 7.74
N PHE A 35 -6.75 8.59 6.54
CA PHE A 35 -5.59 9.42 6.22
C PHE A 35 -5.93 10.46 5.16
N HIS A 36 -7.22 10.74 5.01
CA HIS A 36 -7.69 11.72 4.04
C HIS A 36 -7.49 13.14 4.55
N PRO A 37 -7.08 14.05 3.66
CA PRO A 37 -6.84 15.46 4.00
C PRO A 37 -8.13 16.20 4.31
N ASP A 38 -9.21 15.81 3.64
CA ASP A 38 -10.51 16.44 3.84
C ASP A 38 -11.13 15.99 5.15
N LYS A 39 -10.72 14.81 5.63
CA LYS A 39 -11.25 14.27 6.87
C LYS A 39 -10.27 14.52 8.02
N ASN A 40 -9.08 13.93 7.93
CA ASN A 40 -8.06 14.10 8.96
C ASN A 40 -7.45 15.49 8.90
N HIS A 41 -7.85 16.34 9.84
CA HIS A 41 -7.33 17.71 9.90
C HIS A 41 -6.06 17.77 10.75
N ALA A 42 -5.24 16.74 10.66
CA ALA A 42 -3.99 16.68 11.42
C ALA A 42 -2.80 16.44 10.50
N PRO A 43 -1.66 17.07 10.85
CA PRO A 43 -0.43 16.94 10.06
C PRO A 43 0.19 15.55 10.17
N GLY A 44 0.72 15.04 9.06
CA GLY A 44 1.33 13.72 9.06
C GLY A 44 0.42 12.67 8.48
N ALA A 45 -0.73 12.47 9.11
CA ALA A 45 -1.69 11.48 8.64
C ALA A 45 -1.84 11.52 7.13
N THR A 46 -2.24 12.69 6.62
CA THR A 46 -2.41 12.87 5.19
C THR A 46 -1.14 12.53 4.42
N GLU A 47 -0.03 13.13 4.82
CA GLU A 47 1.25 12.89 4.17
C GLU A 47 1.41 11.41 3.83
N ALA A 48 0.86 10.55 4.69
CA ALA A 48 0.95 9.11 4.48
C ALA A 48 0.07 8.66 3.32
N PHE A 49 -1.13 9.23 3.25
CA PHE A 49 -2.07 8.89 2.19
C PHE A 49 -1.36 8.85 0.82
N LYS A 50 -0.56 9.87 0.55
CA LYS A 50 0.16 9.95 -0.71
C LYS A 50 0.88 8.63 -1.01
N ALA A 51 1.52 8.06 0.01
CA ALA A 51 2.23 6.80 -0.15
C ALA A 51 1.26 5.64 -0.34
N ILE A 52 0.28 5.54 0.55
CA ILE A 52 -0.72 4.47 0.46
C ILE A 52 -1.18 4.26 -0.97
N GLY A 53 -1.89 5.24 -1.51
CA GLY A 53 -2.39 5.14 -2.87
C GLY A 53 -1.37 4.51 -3.81
N THR A 54 -0.15 5.03 -3.78
CA THR A 54 0.92 4.52 -4.63
C THR A 54 0.97 3.00 -4.59
N ALA A 55 0.92 2.43 -3.39
CA ALA A 55 0.96 0.98 -3.21
C ALA A 55 -0.25 0.32 -3.85
N TYR A 56 -1.45 0.77 -3.47
CA TYR A 56 -2.68 0.22 -4.01
C TYR A 56 -2.68 0.25 -5.53
N ALA A 57 -2.50 1.44 -6.09
CA ALA A 57 -2.47 1.61 -7.54
C ALA A 57 -1.65 0.50 -8.20
N VAL A 58 -0.57 0.10 -7.56
CA VAL A 58 0.30 -0.95 -8.09
C VAL A 58 -0.37 -2.32 -7.97
N LEU A 59 -0.58 -2.76 -6.73
CA LEU A 59 -1.21 -4.05 -6.49
C LEU A 59 -2.60 -4.11 -7.13
N SER A 60 -3.48 -3.20 -6.72
CA SER A 60 -4.83 -3.15 -7.25
C SER A 60 -4.84 -3.48 -8.73
N ASN A 61 -3.84 -2.99 -9.45
CA ASN A 61 -3.74 -3.23 -10.89
C ASN A 61 -2.94 -4.50 -11.17
N PRO A 62 -3.34 -5.25 -12.21
CA PRO A 62 -2.69 -6.50 -12.61
C PRO A 62 -1.30 -6.25 -13.19
N GLU A 63 -1.22 -5.34 -14.15
CA GLU A 63 0.05 -5.01 -14.79
C GLU A 63 1.09 -4.59 -13.76
N LYS A 64 0.80 -3.52 -13.04
CA LYS A 64 1.71 -3.02 -12.02
C LYS A 64 2.02 -4.11 -10.98
N ARG A 65 1.04 -4.94 -10.69
CA ARG A 65 1.21 -6.02 -9.73
C ARG A 65 2.20 -7.06 -10.25
N LYS A 66 2.03 -7.45 -11.50
CA LYS A 66 2.91 -8.44 -12.12
C LYS A 66 4.36 -8.24 -11.66
N GLN A 67 4.91 -7.07 -11.97
CA GLN A 67 6.29 -6.75 -11.60
C GLN A 67 6.51 -6.99 -10.10
N TYR A 68 5.47 -6.74 -9.32
CA TYR A 68 5.56 -6.93 -7.86
C TYR A 68 5.60 -8.40 -7.50
N ASP A 69 4.75 -9.18 -8.16
CA ASP A 69 4.69 -10.62 -7.90
C ASP A 69 5.94 -11.31 -8.41
N GLN A 70 6.48 -10.82 -9.52
CA GLN A 70 7.69 -11.40 -10.11
C GLN A 70 8.90 -11.13 -9.23
N PHE A 71 9.20 -9.85 -9.02
CA PHE A 71 10.34 -9.46 -8.20
C PHE A 71 9.88 -8.98 -6.83
N GLY A 72 9.23 -7.83 -6.80
CA GLY A 72 8.74 -7.27 -5.54
C GLY A 72 9.28 -5.87 -5.28
N SER A 73 8.41 -4.88 -5.44
CA SER A 73 8.80 -3.49 -5.23
C SER A 73 10.24 -3.25 -5.68
N GLY A 74 10.58 -3.80 -6.85
CA GLY A 74 11.92 -3.63 -7.37
C GLY A 74 12.08 -2.34 -8.15
N PRO A 75 13.29 -1.75 -8.08
CA PRO A 75 13.60 -0.50 -8.78
C PRO A 75 13.67 -0.68 -10.29
N SER A 76 13.35 0.38 -11.03
CA SER A 76 13.38 0.34 -12.48
C SER A 76 14.75 -0.11 -12.99
N SER A 77 15.81 0.44 -12.39
CA SER A 77 17.17 0.11 -12.78
C SER A 77 17.96 -0.41 -11.59
N GLY A 78 17.86 -1.71 -11.35
CA GLY A 78 18.58 -2.31 -10.22
C GLY A 78 20.02 -1.85 -10.15
N GLY A 1 23.29 -4.93 9.76
CA GLY A 1 22.27 -4.78 8.73
C GLY A 1 20.91 -4.43 9.31
N SER A 2 19.86 -4.89 8.64
CA SER A 2 18.49 -4.62 9.08
C SER A 2 17.63 -5.86 8.99
N SER A 3 16.48 -5.83 9.65
CA SER A 3 15.55 -6.96 9.65
C SER A 3 14.40 -6.72 8.70
N GLY A 4 14.71 -6.17 7.53
CA GLY A 4 13.67 -5.89 6.55
C GLY A 4 13.59 -4.42 6.20
N SER A 5 12.60 -3.74 6.76
CA SER A 5 12.39 -2.32 6.51
C SER A 5 12.48 -2.01 5.01
N SER A 6 11.87 -2.87 4.19
CA SER A 6 11.88 -2.70 2.75
C SER A 6 10.79 -1.74 2.30
N GLY A 7 9.58 -1.96 2.81
CA GLY A 7 8.46 -1.11 2.45
C GLY A 7 7.57 -1.75 1.41
N ASP A 8 7.28 -3.04 1.57
CA ASP A 8 6.44 -3.76 0.63
C ASP A 8 5.10 -3.06 0.46
N TYR A 9 4.49 -3.21 -0.70
CA TYR A 9 3.20 -2.59 -1.00
C TYR A 9 2.11 -3.18 -0.11
N TYR A 10 2.03 -4.51 -0.09
CA TYR A 10 1.02 -5.19 0.72
C TYR A 10 1.05 -4.70 2.17
N GLU A 11 2.25 -4.41 2.66
CA GLU A 11 2.41 -3.94 4.03
C GLU A 11 1.79 -2.55 4.20
N ILE A 12 2.24 -1.61 3.38
CA ILE A 12 1.73 -0.24 3.44
C ILE A 12 0.22 -0.22 3.63
N LEU A 13 -0.47 -1.05 2.86
CA LEU A 13 -1.93 -1.14 2.95
C LEU A 13 -2.36 -1.91 4.19
N GLY A 14 -1.74 -3.06 4.41
CA GLY A 14 -2.06 -3.88 5.57
C GLY A 14 -2.81 -5.15 5.19
N VAL A 15 -2.26 -5.90 4.25
CA VAL A 15 -2.87 -7.14 3.81
C VAL A 15 -1.82 -8.21 3.53
N SER A 16 -2.27 -9.40 3.17
CA SER A 16 -1.37 -10.52 2.87
C SER A 16 -0.97 -10.51 1.40
N ARG A 17 0.14 -11.18 1.10
CA ARG A 17 0.63 -11.25 -0.28
C ARG A 17 -0.26 -12.14 -1.12
N GLY A 18 -1.10 -11.52 -1.94
CA GLY A 18 -2.00 -12.27 -2.80
C GLY A 18 -3.46 -11.91 -2.58
N ALA A 19 -3.69 -10.77 -1.91
CA ALA A 19 -5.04 -10.31 -1.64
C ALA A 19 -5.76 -9.91 -2.93
N SER A 20 -7.00 -10.33 -3.06
CA SER A 20 -7.80 -10.02 -4.25
C SER A 20 -8.16 -8.53 -4.28
N ASP A 21 -8.59 -8.06 -5.45
CA ASP A 21 -8.97 -6.66 -5.61
C ASP A 21 -9.84 -6.20 -4.46
N GLU A 22 -10.98 -6.86 -4.27
CA GLU A 22 -11.91 -6.51 -3.19
C GLU A 22 -11.16 -6.24 -1.90
N ASP A 23 -10.26 -7.15 -1.55
CA ASP A 23 -9.47 -7.01 -0.33
C ASP A 23 -8.64 -5.74 -0.35
N LEU A 24 -7.73 -5.65 -1.33
CA LEU A 24 -6.88 -4.48 -1.47
C LEU A 24 -7.69 -3.19 -1.37
N LYS A 25 -8.87 -3.20 -1.99
CA LYS A 25 -9.75 -2.04 -1.97
C LYS A 25 -10.20 -1.72 -0.55
N LYS A 26 -11.00 -2.61 0.02
CA LYS A 26 -11.50 -2.42 1.38
C LYS A 26 -10.40 -1.94 2.32
N ALA A 27 -9.31 -2.69 2.36
CA ALA A 27 -8.17 -2.34 3.20
C ALA A 27 -7.61 -0.97 2.84
N TYR A 28 -7.37 -0.76 1.55
CA TYR A 28 -6.82 0.50 1.07
C TYR A 28 -7.67 1.68 1.56
N ARG A 29 -8.97 1.59 1.34
CA ARG A 29 -9.89 2.65 1.76
C ARG A 29 -9.78 2.88 3.27
N ARG A 30 -10.06 1.84 4.05
CA ARG A 30 -10.00 1.94 5.51
C ARG A 30 -8.88 2.88 5.94
N LEU A 31 -7.80 2.90 5.16
CA LEU A 31 -6.65 3.76 5.47
C LEU A 31 -6.89 5.18 4.98
N ALA A 32 -7.06 5.34 3.67
CA ALA A 32 -7.30 6.64 3.07
C ALA A 32 -8.29 7.45 3.91
N LEU A 33 -9.43 6.83 4.24
CA LEU A 33 -10.46 7.49 5.03
C LEU A 33 -9.89 7.97 6.36
N LYS A 34 -8.98 7.19 6.93
CA LYS A 34 -8.36 7.53 8.21
C LYS A 34 -7.26 8.57 8.02
N PHE A 35 -6.63 8.54 6.84
CA PHE A 35 -5.55 9.48 6.54
C PHE A 35 -5.99 10.48 5.47
N HIS A 36 -7.31 10.68 5.36
CA HIS A 36 -7.85 11.61 4.38
C HIS A 36 -7.66 13.05 4.84
N PRO A 37 -7.34 13.94 3.88
CA PRO A 37 -7.12 15.36 4.16
C PRO A 37 -8.41 16.08 4.52
N ASP A 38 -9.54 15.41 4.31
CA ASP A 38 -10.84 15.99 4.62
C ASP A 38 -11.39 15.42 5.93
N LYS A 39 -11.30 14.11 6.08
CA LYS A 39 -11.79 13.45 7.29
C LYS A 39 -10.87 13.73 8.48
N ASN A 40 -9.56 13.52 8.28
CA ASN A 40 -8.59 13.77 9.33
C ASN A 40 -8.25 15.25 9.44
N HIS A 41 -7.89 15.85 8.31
CA HIS A 41 -7.55 17.27 8.29
C HIS A 41 -6.22 17.52 8.97
N ALA A 42 -5.37 16.50 9.00
CA ALA A 42 -4.06 16.62 9.63
C ALA A 42 -2.94 16.34 8.64
N PRO A 43 -1.83 17.08 8.79
CA PRO A 43 -0.66 16.95 7.91
C PRO A 43 0.06 15.62 8.10
N GLY A 44 0.36 15.29 9.36
CA GLY A 44 1.05 14.04 9.65
C GLY A 44 0.27 12.83 9.21
N ALA A 45 -1.04 13.00 9.04
CA ALA A 45 -1.90 11.90 8.61
C ALA A 45 -1.98 11.82 7.10
N THR A 46 -2.43 12.90 6.47
CA THR A 46 -2.56 12.96 5.01
C THR A 46 -1.24 12.58 4.34
N GLU A 47 -0.15 13.23 4.77
CA GLU A 47 1.16 12.97 4.20
C GLU A 47 1.38 11.48 3.98
N ALA A 48 0.71 10.67 4.80
CA ALA A 48 0.82 9.22 4.68
C ALA A 48 -0.05 8.68 3.54
N PHE A 49 -1.25 9.24 3.42
CA PHE A 49 -2.17 8.81 2.37
C PHE A 49 -1.47 8.75 1.02
N LYS A 50 -0.80 9.84 0.65
CA LYS A 50 -0.10 9.90 -0.62
C LYS A 50 0.68 8.62 -0.88
N ALA A 51 1.37 8.13 0.15
CA ALA A 51 2.14 6.90 0.03
C ALA A 51 1.24 5.70 -0.23
N ILE A 52 0.14 5.62 0.50
CA ILE A 52 -0.80 4.52 0.36
C ILE A 52 -1.23 4.36 -1.10
N GLY A 53 -1.97 5.34 -1.61
CA GLY A 53 -2.43 5.29 -2.99
C GLY A 53 -1.39 4.70 -3.92
N THR A 54 -0.14 5.15 -3.76
CA THR A 54 0.96 4.67 -4.60
C THR A 54 0.98 3.13 -4.64
N ALA A 55 0.93 2.52 -3.47
CA ALA A 55 0.96 1.07 -3.36
C ALA A 55 -0.28 0.45 -4.02
N TYR A 56 -1.45 0.87 -3.56
CA TYR A 56 -2.71 0.37 -4.10
C TYR A 56 -2.71 0.42 -5.63
N ALA A 57 -2.28 1.56 -6.17
CA ALA A 57 -2.24 1.74 -7.61
C ALA A 57 -1.44 0.62 -8.28
N VAL A 58 -0.31 0.27 -7.69
CA VAL A 58 0.54 -0.79 -8.23
C VAL A 58 -0.20 -2.12 -8.27
N LEU A 59 -0.43 -2.70 -7.10
CA LEU A 59 -1.14 -3.98 -7.00
C LEU A 59 -2.47 -3.92 -7.73
N SER A 60 -3.28 -2.92 -7.39
CA SER A 60 -4.60 -2.75 -8.01
C SER A 60 -4.54 -3.09 -9.49
N ASN A 61 -3.36 -2.91 -10.09
CA ASN A 61 -3.17 -3.18 -11.50
C ASN A 61 -2.49 -4.54 -11.71
N PRO A 62 -2.94 -5.27 -12.75
CA PRO A 62 -2.38 -6.59 -13.08
C PRO A 62 -0.96 -6.50 -13.62
N GLU A 63 -0.68 -5.44 -14.37
CA GLU A 63 0.64 -5.25 -14.94
C GLU A 63 1.64 -4.80 -13.88
N LYS A 64 1.22 -3.84 -13.04
CA LYS A 64 2.08 -3.32 -11.99
C LYS A 64 2.15 -4.30 -10.82
N ARG A 65 1.22 -5.24 -10.79
CA ARG A 65 1.18 -6.24 -9.72
C ARG A 65 2.03 -7.45 -10.09
N LYS A 66 1.80 -8.00 -11.27
CA LYS A 66 2.54 -9.17 -11.74
C LYS A 66 4.05 -8.92 -11.66
N GLN A 67 4.46 -7.69 -11.95
CA GLN A 67 5.86 -7.32 -11.90
C GLN A 67 6.36 -7.25 -10.47
N TYR A 68 5.50 -6.82 -9.56
CA TYR A 68 5.85 -6.72 -8.15
C TYR A 68 5.96 -8.09 -7.50
N ASP A 69 5.07 -8.99 -7.90
CA ASP A 69 5.05 -10.34 -7.36
C ASP A 69 6.23 -11.15 -7.91
N GLN A 70 6.57 -10.91 -9.16
CA GLN A 70 7.67 -11.61 -9.80
C GLN A 70 9.01 -11.02 -9.40
N PHE A 71 9.13 -9.70 -9.53
CA PHE A 71 10.37 -9.00 -9.17
C PHE A 71 10.19 -8.19 -7.90
N GLY A 72 9.47 -7.07 -8.01
CA GLY A 72 9.24 -6.22 -6.87
C GLY A 72 9.47 -4.76 -7.17
N SER A 73 9.57 -3.94 -6.13
CA SER A 73 9.78 -2.51 -6.29
C SER A 73 11.27 -2.17 -6.21
N GLY A 74 11.68 -1.14 -6.94
CA GLY A 74 13.06 -0.73 -6.96
C GLY A 74 13.88 -1.46 -8.01
N PRO A 75 15.14 -1.02 -8.20
CA PRO A 75 16.05 -1.62 -9.18
C PRO A 75 16.49 -3.02 -8.78
N SER A 76 16.03 -3.48 -7.62
CA SER A 76 16.38 -4.80 -7.12
C SER A 76 17.90 -5.00 -7.15
N SER A 77 18.63 -4.00 -6.69
CA SER A 77 20.09 -4.06 -6.66
C SER A 77 20.63 -3.53 -5.34
N GLY A 78 21.27 -4.39 -4.57
CA GLY A 78 21.82 -3.98 -3.30
C GLY A 78 23.00 -3.03 -3.45
N GLY A 1 11.00 -3.84 19.31
CA GLY A 1 11.80 -3.06 18.39
C GLY A 1 11.24 -3.08 16.97
N SER A 2 12.13 -3.17 16.00
CA SER A 2 11.72 -3.21 14.59
C SER A 2 12.44 -4.32 13.84
N SER A 3 11.84 -4.78 12.75
CA SER A 3 12.41 -5.85 11.94
C SER A 3 13.32 -5.28 10.85
N GLY A 4 12.71 -4.54 9.93
CA GLY A 4 13.47 -3.94 8.84
C GLY A 4 12.97 -4.38 7.47
N SER A 5 12.29 -3.47 6.77
CA SER A 5 11.76 -3.76 5.45
C SER A 5 11.78 -2.52 4.57
N SER A 6 12.21 -2.71 3.32
CA SER A 6 12.28 -1.60 2.37
C SER A 6 10.91 -1.01 2.10
N GLY A 7 9.88 -1.71 2.56
CA GLY A 7 8.52 -1.24 2.37
C GLY A 7 7.81 -1.97 1.24
N ASP A 8 6.87 -2.85 1.59
CA ASP A 8 6.13 -3.60 0.60
C ASP A 8 4.70 -3.07 0.47
N TYR A 9 4.23 -2.97 -0.78
CA TYR A 9 2.89 -2.47 -1.04
C TYR A 9 1.85 -3.19 -0.18
N TYR A 10 1.81 -4.51 -0.33
CA TYR A 10 0.87 -5.33 0.43
C TYR A 10 0.80 -4.88 1.89
N GLU A 11 1.98 -4.69 2.48
CA GLU A 11 2.07 -4.26 3.88
C GLU A 11 1.49 -2.86 4.05
N ILE A 12 1.97 -1.92 3.26
CA ILE A 12 1.50 -0.54 3.33
C ILE A 12 -0.02 -0.48 3.43
N LEU A 13 -0.68 -1.47 2.84
CA LEU A 13 -2.14 -1.54 2.87
C LEU A 13 -2.63 -2.34 4.08
N GLY A 14 -1.89 -3.38 4.44
CA GLY A 14 -2.25 -4.20 5.57
C GLY A 14 -2.92 -5.50 5.15
N VAL A 15 -2.39 -6.14 4.11
CA VAL A 15 -2.94 -7.39 3.62
C VAL A 15 -1.83 -8.39 3.31
N SER A 16 -2.23 -9.60 2.92
CA SER A 16 -1.26 -10.64 2.59
C SER A 16 -0.79 -10.52 1.15
N ARG A 17 0.27 -11.24 0.82
CA ARG A 17 0.84 -11.21 -0.52
C ARG A 17 -0.02 -12.04 -1.49
N GLY A 18 -0.84 -11.36 -2.27
CA GLY A 18 -1.70 -12.06 -3.23
C GLY A 18 -3.16 -11.75 -3.01
N ALA A 19 -3.45 -10.69 -2.27
CA ALA A 19 -4.82 -10.29 -2.00
C ALA A 19 -5.52 -9.83 -3.27
N SER A 20 -6.78 -10.25 -3.44
CA SER A 20 -7.55 -9.88 -4.62
C SER A 20 -7.86 -8.38 -4.61
N ASP A 21 -8.23 -7.85 -5.78
CA ASP A 21 -8.56 -6.45 -5.91
C ASP A 21 -9.44 -5.97 -4.76
N GLU A 22 -10.60 -6.61 -4.61
CA GLU A 22 -11.54 -6.26 -3.55
C GLU A 22 -10.81 -6.09 -2.21
N ASP A 23 -10.07 -7.11 -1.82
CA ASP A 23 -9.32 -7.07 -0.57
C ASP A 23 -8.39 -5.86 -0.53
N LEU A 24 -7.67 -5.63 -1.62
CA LEU A 24 -6.75 -4.51 -1.72
C LEU A 24 -7.49 -3.18 -1.59
N LYS A 25 -8.72 -3.15 -2.08
CA LYS A 25 -9.55 -1.95 -2.03
C LYS A 25 -9.97 -1.64 -0.60
N LYS A 26 -10.83 -2.50 -0.05
CA LYS A 26 -11.32 -2.32 1.32
C LYS A 26 -10.20 -1.83 2.24
N ALA A 27 -9.11 -2.59 2.30
CA ALA A 27 -7.97 -2.23 3.13
C ALA A 27 -7.42 -0.86 2.74
N TYR A 28 -7.23 -0.64 1.45
CA TYR A 28 -6.70 0.62 0.95
C TYR A 28 -7.54 1.79 1.47
N ARG A 29 -8.84 1.73 1.24
CA ARG A 29 -9.75 2.79 1.67
C ARG A 29 -9.70 2.95 3.20
N ARG A 30 -10.00 1.87 3.90
CA ARG A 30 -9.99 1.89 5.37
C ARG A 30 -8.91 2.81 5.89
N LEU A 31 -7.79 2.88 5.16
CA LEU A 31 -6.67 3.72 5.56
C LEU A 31 -6.88 5.17 5.09
N ALA A 32 -7.00 5.34 3.78
CA ALA A 32 -7.21 6.66 3.21
C ALA A 32 -8.14 7.50 4.08
N LEU A 33 -9.25 6.90 4.47
CA LEU A 33 -10.24 7.59 5.31
C LEU A 33 -9.59 8.11 6.59
N LYS A 34 -8.69 7.30 7.16
CA LYS A 34 -8.00 7.68 8.39
C LYS A 34 -6.94 8.73 8.11
N PHE A 35 -6.32 8.65 6.94
CA PHE A 35 -5.28 9.60 6.54
C PHE A 35 -5.80 10.57 5.49
N HIS A 36 -7.12 10.74 5.44
CA HIS A 36 -7.73 11.64 4.47
C HIS A 36 -7.57 13.10 4.90
N PRO A 37 -7.31 13.97 3.92
CA PRO A 37 -7.13 15.41 4.17
C PRO A 37 -8.43 16.10 4.58
N ASP A 38 -9.55 15.54 4.14
CA ASP A 38 -10.86 16.09 4.46
C ASP A 38 -11.36 15.57 5.81
N LYS A 39 -11.05 14.31 6.09
CA LYS A 39 -11.48 13.68 7.34
C LYS A 39 -10.57 14.11 8.49
N ASN A 40 -9.28 13.81 8.35
CA ASN A 40 -8.30 14.15 9.37
C ASN A 40 -8.24 15.66 9.60
N HIS A 41 -7.70 16.07 10.73
CA HIS A 41 -7.58 17.49 11.05
C HIS A 41 -6.12 17.87 11.31
N ALA A 42 -5.41 17.01 12.03
CA ALA A 42 -4.01 17.25 12.35
C ALA A 42 -3.12 16.99 11.15
N PRO A 43 -2.07 17.80 11.01
CA PRO A 43 -1.11 17.68 9.89
C PRO A 43 -0.25 16.41 10.02
N GLY A 44 0.07 15.82 8.87
CA GLY A 44 0.89 14.61 8.87
C GLY A 44 0.15 13.42 8.31
N ALA A 45 -0.91 13.00 8.98
CA ALA A 45 -1.70 11.86 8.53
C ALA A 45 -1.81 11.82 7.01
N THR A 46 -2.24 12.93 6.44
CA THR A 46 -2.39 13.03 4.98
C THR A 46 -1.11 12.62 4.27
N GLU A 47 -0.01 13.26 4.64
CA GLU A 47 1.29 12.96 4.03
C GLU A 47 1.44 11.45 3.80
N ALA A 48 0.81 10.66 4.66
CA ALA A 48 0.87 9.21 4.55
C ALA A 48 -0.07 8.70 3.46
N PHE A 49 -1.29 9.22 3.47
CA PHE A 49 -2.30 8.82 2.48
C PHE A 49 -1.70 8.77 1.09
N LYS A 50 -0.82 9.72 0.79
CA LYS A 50 -0.17 9.79 -0.51
C LYS A 50 0.56 8.48 -0.83
N ALA A 51 1.34 8.00 0.13
CA ALA A 51 2.08 6.75 -0.04
C ALA A 51 1.14 5.57 -0.25
N ILE A 52 0.10 5.50 0.58
CA ILE A 52 -0.88 4.43 0.50
C ILE A 52 -1.29 4.17 -0.94
N GLY A 53 -2.06 5.11 -1.51
CA GLY A 53 -2.51 4.97 -2.88
C GLY A 53 -1.46 4.36 -3.78
N THR A 54 -0.28 4.99 -3.80
CA THR A 54 0.83 4.50 -4.63
C THR A 54 0.87 2.98 -4.66
N ALA A 55 0.69 2.36 -3.50
CA ALA A 55 0.70 0.91 -3.40
C ALA A 55 -0.54 0.30 -4.03
N TYR A 56 -1.71 0.75 -3.58
CA TYR A 56 -2.97 0.25 -4.09
C TYR A 56 -2.98 0.26 -5.61
N ALA A 57 -2.54 1.38 -6.19
CA ALA A 57 -2.49 1.52 -7.64
C ALA A 57 -1.73 0.37 -8.29
N VAL A 58 -0.50 0.14 -7.82
CA VAL A 58 0.34 -0.92 -8.35
C VAL A 58 -0.40 -2.26 -8.33
N LEU A 59 -0.59 -2.80 -7.12
CA LEU A 59 -1.28 -4.08 -6.97
C LEU A 59 -2.62 -4.07 -7.71
N SER A 60 -3.47 -3.09 -7.39
CA SER A 60 -4.77 -2.97 -8.02
C SER A 60 -4.69 -3.34 -9.50
N ASN A 61 -3.55 -3.06 -10.11
CA ASN A 61 -3.35 -3.35 -11.52
C ASN A 61 -2.67 -4.71 -11.70
N PRO A 62 -3.11 -5.45 -12.74
CA PRO A 62 -2.56 -6.78 -13.04
C PRO A 62 -1.12 -6.71 -13.56
N GLU A 63 -0.82 -5.65 -14.31
CA GLU A 63 0.51 -5.47 -14.87
C GLU A 63 1.47 -4.93 -13.82
N LYS A 64 0.97 -4.02 -12.99
CA LYS A 64 1.79 -3.43 -11.93
C LYS A 64 1.88 -4.35 -10.73
N ARG A 65 1.00 -5.34 -10.69
CA ARG A 65 0.99 -6.30 -9.59
C ARG A 65 1.95 -7.46 -9.86
N LYS A 66 1.67 -8.23 -10.89
CA LYS A 66 2.50 -9.36 -11.26
C LYS A 66 3.98 -8.98 -11.24
N GLN A 67 4.29 -7.80 -11.76
CA GLN A 67 5.66 -7.32 -11.80
C GLN A 67 6.17 -7.03 -10.40
N TYR A 68 5.29 -6.50 -9.55
CA TYR A 68 5.66 -6.16 -8.18
C TYR A 68 5.93 -7.43 -7.37
N ASP A 69 5.17 -8.49 -7.65
CA ASP A 69 5.33 -9.75 -6.94
C ASP A 69 6.55 -10.51 -7.47
N GLN A 70 7.09 -10.05 -8.59
CA GLN A 70 8.25 -10.69 -9.19
C GLN A 70 9.54 -9.96 -8.81
N PHE A 71 9.60 -8.67 -9.12
CA PHE A 71 10.77 -7.86 -8.81
C PHE A 71 10.71 -7.36 -7.36
N GLY A 72 9.85 -6.38 -7.12
CA GLY A 72 9.71 -5.83 -5.78
C GLY A 72 10.15 -4.39 -5.70
N SER A 73 9.32 -3.55 -5.10
CA SER A 73 9.63 -2.13 -4.96
C SER A 73 11.01 -1.93 -4.36
N GLY A 74 11.35 -2.75 -3.37
CA GLY A 74 12.65 -2.65 -2.73
C GLY A 74 13.21 -3.99 -2.35
N PRO A 75 14.43 -4.00 -1.77
CA PRO A 75 15.10 -5.22 -1.35
C PRO A 75 14.43 -5.87 -0.15
N SER A 76 14.15 -7.17 -0.26
CA SER A 76 13.51 -7.90 0.83
C SER A 76 14.35 -9.10 1.25
N SER A 77 15.66 -8.88 1.39
CA SER A 77 16.58 -9.95 1.78
C SER A 77 16.72 -10.01 3.30
N GLY A 78 16.73 -11.22 3.85
CA GLY A 78 16.87 -11.38 5.28
C GLY A 78 16.89 -12.84 5.69
N GLY A 1 4.29 6.01 17.84
CA GLY A 1 4.88 5.94 16.52
C GLY A 1 4.76 4.56 15.90
N SER A 2 3.72 4.37 15.10
CA SER A 2 3.50 3.08 14.45
C SER A 2 4.50 2.86 13.32
N SER A 3 5.05 1.64 13.27
CA SER A 3 6.03 1.30 12.24
C SER A 3 5.37 0.54 11.08
N GLY A 4 6.16 0.28 10.05
CA GLY A 4 5.63 -0.43 8.89
C GLY A 4 4.77 0.44 8.01
N SER A 5 5.31 1.59 7.62
CA SER A 5 4.57 2.52 6.77
C SER A 5 4.99 2.36 5.31
N SER A 6 6.29 2.28 5.07
CA SER A 6 6.81 2.13 3.72
C SER A 6 7.48 0.77 3.54
N GLY A 7 7.54 0.31 2.29
CA GLY A 7 8.15 -0.99 2.01
C GLY A 7 7.40 -1.76 0.96
N ASP A 8 6.84 -2.91 1.35
CA ASP A 8 6.10 -3.75 0.44
C ASP A 8 4.67 -3.23 0.25
N TYR A 9 4.25 -3.12 -1.00
CA TYR A 9 2.90 -2.63 -1.31
C TYR A 9 1.87 -3.30 -0.42
N TYR A 10 1.86 -4.63 -0.42
CA TYR A 10 0.92 -5.38 0.38
C TYR A 10 0.92 -4.92 1.84
N GLU A 11 2.12 -4.70 2.37
CA GLU A 11 2.28 -4.25 3.74
C GLU A 11 1.72 -2.84 3.93
N ILE A 12 2.25 -1.90 3.15
CA ILE A 12 1.79 -0.52 3.21
C ILE A 12 0.29 -0.44 3.43
N LEU A 13 -0.45 -1.28 2.72
CA LEU A 13 -1.90 -1.31 2.83
C LEU A 13 -2.35 -2.14 4.02
N GLY A 14 -1.68 -3.28 4.21
CA GLY A 14 -2.02 -4.15 5.32
C GLY A 14 -2.79 -5.38 4.89
N VAL A 15 -2.24 -6.11 3.92
CA VAL A 15 -2.89 -7.31 3.41
C VAL A 15 -1.86 -8.38 3.06
N SER A 16 -2.33 -9.56 2.72
CA SER A 16 -1.45 -10.68 2.37
C SER A 16 -1.04 -10.59 0.90
N ARG A 17 -0.07 -11.42 0.52
CA ARG A 17 0.41 -11.44 -0.85
C ARG A 17 -0.51 -12.28 -1.74
N GLY A 18 -1.36 -11.61 -2.50
CA GLY A 18 -2.28 -12.31 -3.39
C GLY A 18 -3.73 -11.95 -3.11
N ALA A 19 -3.94 -10.85 -2.40
CA ALA A 19 -5.28 -10.40 -2.07
C ALA A 19 -6.04 -9.94 -3.32
N SER A 20 -7.32 -10.25 -3.38
CA SER A 20 -8.15 -9.88 -4.52
C SER A 20 -8.41 -8.39 -4.54
N ASP A 21 -9.00 -7.91 -5.63
CA ASP A 21 -9.31 -6.49 -5.78
C ASP A 21 -9.99 -5.94 -4.52
N GLU A 22 -11.16 -6.48 -4.21
CA GLU A 22 -11.90 -6.05 -3.03
C GLU A 22 -10.97 -5.83 -1.84
N ASP A 23 -10.33 -6.92 -1.40
CA ASP A 23 -9.41 -6.85 -0.28
C ASP A 23 -8.48 -5.64 -0.40
N LEU A 24 -7.83 -5.52 -1.55
CA LEU A 24 -6.92 -4.40 -1.79
C LEU A 24 -7.64 -3.07 -1.66
N LYS A 25 -8.89 -3.03 -2.10
CA LYS A 25 -9.69 -1.81 -2.03
C LYS A 25 -10.10 -1.51 -0.60
N LYS A 26 -11.00 -2.32 -0.06
CA LYS A 26 -11.46 -2.15 1.31
C LYS A 26 -10.34 -1.68 2.22
N ALA A 27 -9.26 -2.45 2.27
CA ALA A 27 -8.11 -2.12 3.10
C ALA A 27 -7.58 -0.73 2.75
N TYR A 28 -7.39 -0.47 1.46
CA TYR A 28 -6.87 0.81 0.99
C TYR A 28 -7.72 1.96 1.55
N ARG A 29 -9.02 1.91 1.27
CA ARG A 29 -9.92 2.95 1.74
C ARG A 29 -9.88 3.07 3.26
N ARG A 30 -10.16 1.98 3.95
CA ARG A 30 -10.14 1.96 5.41
C ARG A 30 -9.06 2.89 5.95
N LEU A 31 -7.95 2.99 5.21
CA LEU A 31 -6.84 3.84 5.61
C LEU A 31 -7.06 5.28 5.18
N ALA A 32 -7.19 5.49 3.88
CA ALA A 32 -7.41 6.82 3.32
C ALA A 32 -8.35 7.63 4.22
N LEU A 33 -9.50 7.05 4.54
CA LEU A 33 -10.48 7.71 5.38
C LEU A 33 -9.86 8.19 6.69
N LYS A 34 -8.93 7.39 7.22
CA LYS A 34 -8.25 7.74 8.46
C LYS A 34 -7.10 8.73 8.20
N PHE A 35 -6.54 8.66 7.00
CA PHE A 35 -5.45 9.55 6.62
C PHE A 35 -5.88 10.52 5.53
N HIS A 36 -7.15 10.93 5.59
CA HIS A 36 -7.70 11.86 4.60
C HIS A 36 -7.48 13.31 5.05
N PRO A 37 -7.14 14.17 4.08
CA PRO A 37 -6.90 15.59 4.34
C PRO A 37 -8.17 16.34 4.72
N ASP A 38 -9.32 15.74 4.42
CA ASP A 38 -10.60 16.35 4.72
C ASP A 38 -11.14 15.86 6.07
N LYS A 39 -10.78 14.63 6.42
CA LYS A 39 -11.22 14.04 7.68
C LYS A 39 -10.23 14.35 8.80
N ASN A 40 -8.95 14.04 8.56
CA ASN A 40 -7.91 14.29 9.53
C ASN A 40 -7.60 15.78 9.64
N HIS A 41 -7.64 16.31 10.86
CA HIS A 41 -7.36 17.71 11.10
C HIS A 41 -5.86 17.94 11.32
N ALA A 42 -5.22 17.00 11.98
CA ALA A 42 -3.79 17.10 12.25
C ALA A 42 -2.97 16.59 11.07
N PRO A 43 -1.82 17.24 10.80
CA PRO A 43 -0.93 16.87 9.70
C PRO A 43 -0.23 15.54 9.95
N GLY A 44 0.78 15.24 9.15
CA GLY A 44 1.52 14.00 9.29
C GLY A 44 0.76 12.80 8.75
N ALA A 45 -0.48 12.65 9.19
CA ALA A 45 -1.31 11.54 8.74
C ALA A 45 -1.61 11.63 7.25
N THR A 46 -2.30 12.70 6.86
CA THR A 46 -2.65 12.92 5.46
C THR A 46 -1.45 12.63 4.55
N GLU A 47 -0.39 13.40 4.73
CA GLU A 47 0.82 13.23 3.92
C GLU A 47 1.10 11.74 3.67
N ALA A 48 0.70 10.91 4.63
CA ALA A 48 0.92 9.47 4.52
C ALA A 48 0.04 8.86 3.43
N PHE A 49 -1.22 9.29 3.40
CA PHE A 49 -2.18 8.79 2.41
C PHE A 49 -1.51 8.65 1.04
N LYS A 50 -0.79 9.69 0.63
CA LYS A 50 -0.09 9.68 -0.65
C LYS A 50 0.61 8.35 -0.89
N ALA A 51 1.41 7.93 0.08
CA ALA A 51 2.14 6.67 -0.02
C ALA A 51 1.18 5.50 -0.21
N ILE A 52 0.12 5.47 0.57
CA ILE A 52 -0.88 4.41 0.49
C ILE A 52 -1.33 4.19 -0.94
N GLY A 53 -2.08 5.14 -1.48
CA GLY A 53 -2.56 5.04 -2.85
C GLY A 53 -1.52 4.44 -3.78
N THR A 54 -0.31 4.98 -3.75
CA THR A 54 0.76 4.49 -4.60
C THR A 54 0.81 2.97 -4.61
N ALA A 55 0.70 2.36 -3.43
CA ALA A 55 0.72 0.92 -3.31
C ALA A 55 -0.49 0.29 -4.00
N TYR A 56 -1.68 0.67 -3.55
CA TYR A 56 -2.91 0.14 -4.13
C TYR A 56 -2.88 0.21 -5.65
N ALA A 57 -2.45 1.36 -6.17
CA ALA A 57 -2.37 1.55 -7.62
C ALA A 57 -1.56 0.45 -8.28
N VAL A 58 -0.48 0.05 -7.62
CA VAL A 58 0.39 -1.00 -8.15
C VAL A 58 -0.34 -2.34 -8.20
N LEU A 59 -0.58 -2.92 -7.02
CA LEU A 59 -1.28 -4.21 -6.94
C LEU A 59 -2.60 -4.16 -7.70
N SER A 60 -3.42 -3.16 -7.39
CA SER A 60 -4.72 -3.01 -8.03
C SER A 60 -4.63 -3.34 -9.52
N ASN A 61 -3.44 -3.16 -10.09
CA ASN A 61 -3.23 -3.45 -11.50
C ASN A 61 -2.56 -4.81 -11.69
N PRO A 62 -2.95 -5.51 -12.77
CA PRO A 62 -2.41 -6.84 -13.08
C PRO A 62 -0.96 -6.78 -13.52
N GLU A 63 -0.62 -5.76 -14.31
CA GLU A 63 0.74 -5.59 -14.81
C GLU A 63 1.68 -5.19 -13.67
N LYS A 64 1.29 -4.17 -12.92
CA LYS A 64 2.10 -3.69 -11.80
C LYS A 64 2.13 -4.72 -10.66
N ARG A 65 1.11 -5.58 -10.63
CA ARG A 65 1.01 -6.60 -9.60
C ARG A 65 1.94 -7.78 -9.91
N LYS A 66 1.85 -8.27 -11.14
CA LYS A 66 2.67 -9.40 -11.58
C LYS A 66 4.14 -9.03 -11.55
N GLN A 67 4.46 -7.81 -11.98
CA GLN A 67 5.84 -7.34 -12.01
C GLN A 67 6.35 -7.09 -10.59
N TYR A 68 5.47 -6.62 -9.72
CA TYR A 68 5.84 -6.34 -8.34
C TYR A 68 6.29 -7.62 -7.62
N ASP A 69 5.62 -8.72 -7.93
CA ASP A 69 5.95 -10.01 -7.32
C ASP A 69 7.30 -10.51 -7.81
N GLN A 70 7.49 -10.51 -9.13
CA GLN A 70 8.75 -10.96 -9.71
C GLN A 70 9.88 -10.01 -9.39
N PHE A 71 9.76 -8.77 -9.85
CA PHE A 71 10.78 -7.76 -9.61
C PHE A 71 10.79 -7.34 -8.14
N GLY A 72 9.77 -6.58 -7.74
CA GLY A 72 9.69 -6.12 -6.36
C GLY A 72 9.22 -4.70 -6.25
N SER A 73 9.50 -4.06 -5.12
CA SER A 73 9.10 -2.68 -4.89
C SER A 73 10.28 -1.73 -5.08
N GLY A 74 9.98 -0.49 -5.46
CA GLY A 74 11.02 0.49 -5.67
C GLY A 74 11.28 0.76 -7.14
N PRO A 75 10.29 1.32 -7.82
CA PRO A 75 10.38 1.65 -9.25
C PRO A 75 11.36 2.79 -9.52
N SER A 76 11.43 3.21 -10.78
CA SER A 76 12.32 4.30 -11.17
C SER A 76 11.72 5.65 -10.79
N SER A 77 12.35 6.33 -9.84
CA SER A 77 11.88 7.63 -9.38
C SER A 77 12.11 8.70 -10.44
N GLY A 78 11.07 9.48 -10.73
CA GLY A 78 11.18 10.53 -11.72
C GLY A 78 12.02 11.70 -11.24
N GLY A 1 16.11 -9.43 12.05
CA GLY A 1 16.39 -8.03 11.83
C GLY A 1 15.25 -7.30 11.16
N SER A 2 15.57 -6.31 10.34
CA SER A 2 14.56 -5.53 9.64
C SER A 2 14.38 -6.03 8.21
N SER A 3 15.43 -5.89 7.41
CA SER A 3 15.38 -6.32 6.01
C SER A 3 14.06 -5.92 5.37
N GLY A 4 13.70 -4.65 5.49
CA GLY A 4 12.47 -4.17 4.91
C GLY A 4 11.43 -3.80 5.97
N SER A 5 11.59 -2.61 6.55
CA SER A 5 10.67 -2.15 7.58
C SER A 5 9.32 -1.77 6.98
N SER A 6 8.41 -2.74 6.92
CA SER A 6 7.09 -2.51 6.36
C SER A 6 7.17 -1.71 5.06
N GLY A 7 8.19 -2.01 4.26
CA GLY A 7 8.37 -1.31 3.00
C GLY A 7 7.88 -2.11 1.81
N ASP A 8 6.67 -2.64 1.91
CA ASP A 8 6.09 -3.44 0.83
C ASP A 8 4.63 -3.07 0.61
N TYR A 9 4.26 -2.88 -0.65
CA TYR A 9 2.89 -2.52 -1.01
C TYR A 9 1.88 -3.24 -0.12
N TYR A 10 1.95 -4.57 -0.14
CA TYR A 10 1.04 -5.39 0.67
C TYR A 10 0.98 -4.88 2.11
N GLU A 11 2.13 -4.43 2.62
CA GLU A 11 2.21 -3.92 3.98
C GLU A 11 1.60 -2.52 4.08
N ILE A 12 2.10 -1.60 3.25
CA ILE A 12 1.60 -0.24 3.25
C ILE A 12 0.08 -0.20 3.37
N LEU A 13 -0.59 -1.09 2.65
CA LEU A 13 -2.04 -1.17 2.68
C LEU A 13 -2.53 -1.90 3.92
N GLY A 14 -1.83 -2.98 4.27
CA GLY A 14 -2.20 -3.76 5.44
C GLY A 14 -2.92 -5.04 5.08
N VAL A 15 -2.39 -5.77 4.11
CA VAL A 15 -2.99 -7.02 3.67
C VAL A 15 -1.93 -8.10 3.48
N SER A 16 -2.38 -9.33 3.22
CA SER A 16 -1.47 -10.45 3.03
C SER A 16 -0.94 -10.46 1.60
N ARG A 17 0.09 -11.28 1.36
CA ARG A 17 0.69 -11.40 0.04
C ARG A 17 -0.17 -12.25 -0.88
N GLY A 18 -0.91 -11.60 -1.77
CA GLY A 18 -1.77 -12.33 -2.69
C GLY A 18 -3.23 -11.94 -2.54
N ALA A 19 -3.49 -10.82 -1.88
CA ALA A 19 -4.85 -10.35 -1.67
C ALA A 19 -5.49 -9.92 -3.00
N SER A 20 -6.75 -10.30 -3.17
CA SER A 20 -7.48 -9.97 -4.40
C SER A 20 -7.81 -8.48 -4.44
N ASP A 21 -8.22 -8.01 -5.61
CA ASP A 21 -8.56 -6.59 -5.79
C ASP A 21 -9.55 -6.14 -4.72
N GLU A 22 -10.36 -7.08 -4.24
CA GLU A 22 -11.35 -6.76 -3.21
C GLU A 22 -10.68 -6.33 -1.91
N ASP A 23 -9.84 -7.21 -1.36
CA ASP A 23 -9.13 -6.92 -0.13
C ASP A 23 -8.30 -5.65 -0.27
N LEU A 24 -7.57 -5.54 -1.36
CA LEU A 24 -6.74 -4.37 -1.62
C LEU A 24 -7.56 -3.09 -1.60
N LYS A 25 -8.77 -3.18 -2.13
CA LYS A 25 -9.68 -2.02 -2.18
C LYS A 25 -10.11 -1.61 -0.78
N LYS A 26 -10.90 -2.47 -0.14
CA LYS A 26 -11.38 -2.20 1.21
C LYS A 26 -10.25 -1.68 2.10
N ALA A 27 -9.16 -2.43 2.16
CA ALA A 27 -8.01 -2.06 2.98
C ALA A 27 -7.51 -0.66 2.61
N TYR A 28 -7.20 -0.47 1.32
CA TYR A 28 -6.71 0.82 0.84
C TYR A 28 -7.58 1.96 1.37
N ARG A 29 -8.88 1.86 1.16
CA ARG A 29 -9.82 2.88 1.62
C ARG A 29 -9.77 3.02 3.13
N ARG A 30 -10.07 1.93 3.83
CA ARG A 30 -10.06 1.93 5.29
C ARG A 30 -8.96 2.84 5.83
N LEU A 31 -7.86 2.93 5.09
CA LEU A 31 -6.73 3.76 5.49
C LEU A 31 -6.92 5.20 5.02
N ALA A 32 -7.06 5.37 3.71
CA ALA A 32 -7.26 6.70 3.14
C ALA A 32 -8.20 7.53 3.99
N LEU A 33 -9.36 6.97 4.30
CA LEU A 33 -10.36 7.67 5.11
C LEU A 33 -9.76 8.11 6.44
N LYS A 34 -8.87 7.29 7.00
CA LYS A 34 -8.23 7.59 8.26
C LYS A 34 -7.14 8.65 8.07
N PHE A 35 -6.48 8.62 6.92
CA PHE A 35 -5.42 9.57 6.61
C PHE A 35 -5.88 10.58 5.57
N HIS A 36 -7.19 10.78 5.47
CA HIS A 36 -7.76 11.71 4.50
C HIS A 36 -7.63 13.15 5.00
N PRO A 37 -7.32 14.07 4.07
CA PRO A 37 -7.16 15.49 4.39
C PRO A 37 -8.48 16.16 4.75
N ASP A 38 -9.58 15.55 4.32
CA ASP A 38 -10.91 16.07 4.59
C ASP A 38 -11.52 15.43 5.84
N LYS A 39 -11.01 14.24 6.18
CA LYS A 39 -11.50 13.51 7.35
C LYS A 39 -10.69 13.88 8.59
N ASN A 40 -9.38 13.74 8.50
CA ASN A 40 -8.48 14.05 9.62
C ASN A 40 -8.41 15.55 9.84
N HIS A 41 -8.18 15.95 11.09
CA HIS A 41 -8.09 17.36 11.45
C HIS A 41 -6.64 17.79 11.59
N ALA A 42 -5.84 16.95 12.24
CA ALA A 42 -4.42 17.24 12.46
C ALA A 42 -3.60 16.87 11.23
N PRO A 43 -2.57 17.69 10.94
CA PRO A 43 -1.69 17.47 9.79
C PRO A 43 -0.80 16.25 9.97
N GLY A 44 -0.03 15.92 8.93
CA GLY A 44 0.85 14.78 8.98
C GLY A 44 0.19 13.51 8.47
N ALA A 45 -0.89 13.09 9.13
CA ALA A 45 -1.61 11.89 8.74
C ALA A 45 -1.84 11.87 7.24
N THR A 46 -2.20 13.02 6.67
CA THR A 46 -2.45 13.13 5.24
C THR A 46 -1.25 12.70 4.43
N GLU A 47 -0.07 13.19 4.81
CA GLU A 47 1.17 12.86 4.12
C GLU A 47 1.29 11.35 3.91
N ALA A 48 0.66 10.59 4.81
CA ALA A 48 0.68 9.14 4.72
C ALA A 48 -0.27 8.62 3.65
N PHE A 49 -1.48 9.17 3.63
CA PHE A 49 -2.48 8.76 2.66
C PHE A 49 -1.87 8.65 1.26
N LYS A 50 -1.00 9.60 0.93
CA LYS A 50 -0.34 9.61 -0.37
C LYS A 50 0.37 8.28 -0.63
N ALA A 51 1.34 7.96 0.23
CA ALA A 51 2.09 6.72 0.10
C ALA A 51 1.17 5.53 -0.16
N ILE A 52 0.03 5.53 0.53
CA ILE A 52 -0.95 4.45 0.37
C ILE A 52 -1.36 4.29 -1.07
N GLY A 53 -2.00 5.33 -1.62
CA GLY A 53 -2.45 5.29 -3.01
C GLY A 53 -1.43 4.62 -3.92
N THR A 54 -0.17 4.99 -3.76
CA THR A 54 0.90 4.43 -4.58
C THR A 54 0.84 2.91 -4.60
N ALA A 55 0.88 2.30 -3.42
CA ALA A 55 0.82 0.85 -3.30
C ALA A 55 -0.40 0.29 -4.02
N TYR A 56 -1.58 0.69 -3.58
CA TYR A 56 -2.83 0.21 -4.17
C TYR A 56 -2.77 0.32 -5.69
N ALA A 57 -2.43 1.51 -6.19
CA ALA A 57 -2.34 1.74 -7.63
C ALA A 57 -1.57 0.62 -8.31
N VAL A 58 -0.49 0.18 -7.68
CA VAL A 58 0.34 -0.89 -8.23
C VAL A 58 -0.34 -2.24 -8.10
N LEU A 59 -0.52 -2.68 -6.86
CA LEU A 59 -1.18 -3.97 -6.60
C LEU A 59 -2.55 -4.03 -7.26
N SER A 60 -3.42 -3.11 -6.88
CA SER A 60 -4.78 -3.06 -7.43
C SER A 60 -4.77 -3.44 -8.91
N ASN A 61 -3.70 -3.06 -9.60
CA ASN A 61 -3.56 -3.37 -11.03
C ASN A 61 -2.86 -4.70 -11.24
N PRO A 62 -3.31 -5.47 -12.23
CA PRO A 62 -2.74 -6.78 -12.56
C PRO A 62 -1.34 -6.66 -13.17
N GLU A 63 -1.19 -5.73 -14.12
CA GLU A 63 0.09 -5.51 -14.77
C GLU A 63 1.16 -5.08 -13.76
N LYS A 64 0.93 -3.94 -13.12
CA LYS A 64 1.86 -3.42 -12.13
C LYS A 64 2.13 -4.43 -11.04
N ARG A 65 1.12 -5.25 -10.74
CA ARG A 65 1.25 -6.27 -9.71
C ARG A 65 2.19 -7.39 -10.16
N LYS A 66 2.07 -7.78 -11.44
CA LYS A 66 2.90 -8.84 -11.99
C LYS A 66 4.37 -8.63 -11.62
N GLN A 67 4.94 -7.52 -12.09
CA GLN A 67 6.33 -7.20 -11.81
C GLN A 67 6.59 -7.19 -10.31
N TYR A 68 5.62 -6.70 -9.55
CA TYR A 68 5.75 -6.62 -8.10
C TYR A 68 5.71 -8.01 -7.48
N ASP A 69 5.08 -8.94 -8.17
CA ASP A 69 4.98 -10.32 -7.68
C ASP A 69 6.22 -11.11 -8.05
N GLN A 70 6.70 -10.94 -9.28
CA GLN A 70 7.89 -11.64 -9.75
C GLN A 70 9.12 -11.19 -8.99
N PHE A 71 9.38 -9.89 -9.00
CA PHE A 71 10.53 -9.32 -8.30
C PHE A 71 10.10 -8.61 -7.03
N GLY A 72 9.37 -7.50 -7.19
CA GLY A 72 8.92 -6.74 -6.05
C GLY A 72 9.67 -5.43 -5.89
N SER A 73 9.43 -4.74 -4.78
CA SER A 73 10.08 -3.47 -4.51
C SER A 73 11.28 -3.66 -3.60
N GLY A 74 12.06 -2.59 -3.41
CA GLY A 74 13.23 -2.66 -2.56
C GLY A 74 13.75 -1.29 -2.18
N PRO A 75 15.04 -1.22 -1.80
CA PRO A 75 15.68 0.04 -1.40
C PRO A 75 15.88 0.98 -2.58
N SER A 76 16.18 2.24 -2.28
CA SER A 76 16.40 3.25 -3.31
C SER A 76 17.84 3.21 -3.81
N SER A 77 18.00 3.31 -5.13
CA SER A 77 19.32 3.29 -5.74
C SER A 77 19.27 3.79 -7.18
N GLY A 78 20.34 4.46 -7.61
CA GLY A 78 20.39 4.98 -8.97
C GLY A 78 21.80 5.10 -9.48
N GLY A 1 13.27 -5.68 12.16
CA GLY A 1 12.14 -5.96 11.31
C GLY A 1 12.53 -6.82 10.11
N SER A 2 12.52 -6.22 8.92
CA SER A 2 12.87 -6.92 7.70
C SER A 2 14.05 -6.25 7.00
N SER A 3 14.91 -7.07 6.40
CA SER A 3 16.08 -6.55 5.70
C SER A 3 15.86 -6.58 4.19
N GLY A 4 16.57 -5.70 3.48
CA GLY A 4 16.44 -5.63 2.04
C GLY A 4 15.57 -4.48 1.60
N SER A 5 14.41 -4.32 2.24
CA SER A 5 13.48 -3.25 1.91
C SER A 5 12.76 -2.75 3.15
N SER A 6 12.43 -1.46 3.15
CA SER A 6 11.74 -0.85 4.27
C SER A 6 10.37 -0.33 3.86
N GLY A 7 9.37 -1.20 3.89
CA GLY A 7 8.03 -0.81 3.51
C GLY A 7 7.57 -1.46 2.22
N ASP A 8 6.76 -2.50 2.33
CA ASP A 8 6.25 -3.22 1.17
C ASP A 8 4.84 -2.77 0.83
N TYR A 9 4.52 -2.77 -0.46
CA TYR A 9 3.20 -2.36 -0.92
C TYR A 9 2.10 -3.02 -0.08
N TYR A 10 2.09 -4.34 -0.07
CA TYR A 10 1.09 -5.10 0.68
C TYR A 10 1.04 -4.62 2.12
N GLU A 11 2.21 -4.32 2.70
CA GLU A 11 2.29 -3.85 4.08
C GLU A 11 1.63 -2.49 4.23
N ILE A 12 2.12 -1.51 3.47
CA ILE A 12 1.57 -0.15 3.52
C ILE A 12 0.05 -0.19 3.66
N LEU A 13 -0.60 -1.04 2.88
CA LEU A 13 -2.04 -1.17 2.91
C LEU A 13 -2.50 -1.97 4.13
N GLY A 14 -1.71 -2.98 4.49
CA GLY A 14 -2.05 -3.81 5.63
C GLY A 14 -2.69 -5.12 5.22
N VAL A 15 -2.05 -5.83 4.29
CA VAL A 15 -2.57 -7.11 3.82
C VAL A 15 -1.44 -8.09 3.54
N SER A 16 -1.79 -9.29 3.11
CA SER A 16 -0.80 -10.32 2.81
C SER A 16 -0.45 -10.32 1.32
N ARG A 17 0.67 -10.96 0.99
CA ARG A 17 1.12 -11.03 -0.39
C ARG A 17 0.26 -12.01 -1.19
N GLY A 18 -0.67 -11.48 -1.98
CA GLY A 18 -1.53 -12.32 -2.78
C GLY A 18 -3.01 -12.07 -2.49
N ALA A 19 -3.30 -10.94 -1.85
CA ALA A 19 -4.68 -10.59 -1.53
C ALA A 19 -5.49 -10.29 -2.78
N SER A 20 -6.76 -10.67 -2.76
CA SER A 20 -7.64 -10.45 -3.90
C SER A 20 -7.80 -8.96 -4.18
N ASP A 21 -8.40 -8.64 -5.33
CA ASP A 21 -8.62 -7.25 -5.71
C ASP A 21 -9.48 -6.52 -4.69
N GLU A 22 -10.64 -7.10 -4.39
CA GLU A 22 -11.56 -6.52 -3.43
C GLU A 22 -10.87 -6.25 -2.10
N ASP A 23 -10.12 -7.25 -1.63
CA ASP A 23 -9.40 -7.13 -0.37
C ASP A 23 -8.46 -5.93 -0.38
N LEU A 24 -7.69 -5.80 -1.46
CA LEU A 24 -6.74 -4.70 -1.59
C LEU A 24 -7.45 -3.36 -1.44
N LYS A 25 -8.61 -3.23 -2.08
CA LYS A 25 -9.39 -2.01 -2.01
C LYS A 25 -9.90 -1.76 -0.60
N LYS A 26 -10.76 -2.65 -0.12
CA LYS A 26 -11.31 -2.53 1.23
C LYS A 26 -10.29 -1.95 2.19
N ALA A 27 -9.17 -2.65 2.35
CA ALA A 27 -8.11 -2.20 3.24
C ALA A 27 -7.65 -0.79 2.88
N TYR A 28 -7.33 -0.59 1.61
CA TYR A 28 -6.88 0.71 1.14
C TYR A 28 -7.80 1.82 1.60
N ARG A 29 -9.10 1.65 1.34
CA ARG A 29 -10.10 2.64 1.73
C ARG A 29 -10.04 2.90 3.23
N ARG A 30 -10.32 1.87 4.02
CA ARG A 30 -10.31 1.99 5.47
C ARG A 30 -9.18 2.91 5.92
N LEU A 31 -8.09 2.94 5.16
CA LEU A 31 -6.94 3.77 5.48
C LEU A 31 -7.14 5.19 4.96
N ALA A 32 -7.31 5.32 3.65
CA ALA A 32 -7.52 6.62 3.02
C ALA A 32 -8.32 7.54 3.93
N LEU A 33 -9.44 7.04 4.43
CA LEU A 33 -10.31 7.81 5.31
C LEU A 33 -9.56 8.25 6.56
N LYS A 34 -8.79 7.34 7.14
CA LYS A 34 -8.01 7.62 8.34
C LYS A 34 -6.81 8.50 8.01
N PHE A 35 -6.47 8.58 6.73
CA PHE A 35 -5.34 9.39 6.29
C PHE A 35 -5.79 10.45 5.29
N HIS A 36 -7.08 10.76 5.31
CA HIS A 36 -7.63 11.76 4.40
C HIS A 36 -7.45 13.16 4.98
N PRO A 37 -7.13 14.12 4.09
CA PRO A 37 -6.92 15.51 4.48
C PRO A 37 -8.21 16.20 4.90
N ASP A 38 -9.34 15.56 4.61
CA ASP A 38 -10.64 16.11 4.97
C ASP A 38 -11.23 15.40 6.17
N LYS A 39 -11.37 14.07 6.07
CA LYS A 39 -11.91 13.27 7.15
C LYS A 39 -11.02 13.34 8.39
N ASN A 40 -9.76 13.73 8.18
CA ASN A 40 -8.81 13.84 9.27
C ASN A 40 -8.50 15.30 9.58
N HIS A 41 -8.61 15.67 10.85
CA HIS A 41 -8.34 17.04 11.28
C HIS A 41 -6.85 17.24 11.55
N ALA A 42 -6.24 16.27 12.21
CA ALA A 42 -4.82 16.34 12.53
C ALA A 42 -3.96 16.05 11.31
N PRO A 43 -2.82 16.76 11.20
CA PRO A 43 -1.90 16.60 10.08
C PRO A 43 -1.18 15.26 10.10
N GLY A 44 -0.15 15.13 9.27
CA GLY A 44 0.60 13.89 9.21
C GLY A 44 -0.15 12.78 8.49
N ALA A 45 -1.31 12.41 9.02
CA ALA A 45 -2.12 11.37 8.41
C ALA A 45 -2.11 11.47 6.89
N THR A 46 -2.38 12.67 6.38
CA THR A 46 -2.41 12.90 4.95
C THR A 46 -1.06 12.54 4.31
N GLU A 47 0.01 13.12 4.85
CA GLU A 47 1.35 12.86 4.33
C GLU A 47 1.53 11.37 4.01
N ALA A 48 0.75 10.53 4.69
CA ALA A 48 0.83 9.09 4.48
C ALA A 48 -0.04 8.66 3.30
N PHE A 49 -1.27 9.17 3.26
CA PHE A 49 -2.19 8.84 2.19
C PHE A 49 -1.49 8.84 0.83
N LYS A 50 -0.65 9.85 0.61
CA LYS A 50 0.09 9.96 -0.65
C LYS A 50 0.82 8.66 -0.97
N ALA A 51 1.48 8.09 0.05
CA ALA A 51 2.22 6.85 -0.12
C ALA A 51 1.28 5.68 -0.37
N ILE A 52 0.25 5.57 0.46
CA ILE A 52 -0.72 4.48 0.34
C ILE A 52 -1.20 4.35 -1.10
N GLY A 53 -1.96 5.34 -1.56
CA GLY A 53 -2.47 5.31 -2.93
C GLY A 53 -1.47 4.72 -3.91
N THR A 54 -0.21 5.14 -3.80
CA THR A 54 0.83 4.63 -4.69
C THR A 54 0.87 3.12 -4.69
N ALA A 55 0.94 2.52 -3.50
CA ALA A 55 0.98 1.07 -3.36
C ALA A 55 -0.26 0.43 -3.97
N TYR A 56 -1.43 0.83 -3.47
CA TYR A 56 -2.69 0.28 -3.96
C TYR A 56 -2.77 0.38 -5.49
N ALA A 57 -2.28 1.49 -6.03
CA ALA A 57 -2.29 1.72 -7.46
C ALA A 57 -1.47 0.64 -8.19
N VAL A 58 -0.43 0.15 -7.53
CA VAL A 58 0.42 -0.88 -8.12
C VAL A 58 -0.28 -2.23 -8.14
N LEU A 59 -0.57 -2.76 -6.95
CA LEU A 59 -1.24 -4.04 -6.83
C LEU A 59 -2.58 -4.03 -7.57
N SER A 60 -3.30 -2.94 -7.43
CA SER A 60 -4.60 -2.80 -8.08
C SER A 60 -4.51 -3.14 -9.56
N ASN A 61 -3.41 -2.75 -10.19
CA ASN A 61 -3.19 -3.01 -11.61
C ASN A 61 -2.56 -4.38 -11.81
N PRO A 62 -2.96 -5.07 -12.90
CA PRO A 62 -2.43 -6.40 -13.23
C PRO A 62 -0.98 -6.35 -13.67
N GLU A 63 -0.59 -5.25 -14.33
CA GLU A 63 0.77 -5.10 -14.80
C GLU A 63 1.71 -4.71 -13.66
N LYS A 64 1.30 -3.71 -12.89
CA LYS A 64 2.09 -3.24 -11.76
C LYS A 64 2.13 -4.28 -10.65
N ARG A 65 1.14 -5.17 -10.64
CA ARG A 65 1.06 -6.22 -9.64
C ARG A 65 1.94 -7.41 -10.02
N LYS A 66 1.62 -8.03 -11.15
CA LYS A 66 2.38 -9.18 -11.62
C LYS A 66 3.88 -8.88 -11.62
N GLN A 67 4.23 -7.65 -11.95
CA GLN A 67 5.64 -7.24 -11.98
C GLN A 67 6.22 -7.16 -10.58
N TYR A 68 5.39 -6.78 -9.61
CA TYR A 68 5.82 -6.67 -8.23
C TYR A 68 5.95 -8.05 -7.58
N ASP A 69 4.91 -8.86 -7.72
CA ASP A 69 4.91 -10.21 -7.15
C ASP A 69 5.97 -11.07 -7.83
N GLN A 70 6.40 -10.65 -9.01
CA GLN A 70 7.41 -11.39 -9.76
C GLN A 70 8.81 -10.96 -9.37
N PHE A 71 9.12 -9.69 -9.63
CA PHE A 71 10.43 -9.14 -9.30
C PHE A 71 10.37 -8.29 -8.04
N GLY A 72 9.40 -7.38 -8.00
CA GLY A 72 9.24 -6.52 -6.84
C GLY A 72 9.53 -7.22 -5.54
N SER A 73 8.49 -7.78 -4.94
CA SER A 73 8.63 -8.49 -3.67
C SER A 73 9.50 -9.73 -3.84
N GLY A 74 10.61 -9.78 -3.10
CA GLY A 74 11.52 -10.90 -3.17
C GLY A 74 12.84 -10.63 -2.50
N PRO A 75 12.84 -10.66 -1.16
CA PRO A 75 14.04 -10.42 -0.36
C PRO A 75 15.05 -11.55 -0.47
N SER A 76 16.01 -11.39 -1.38
CA SER A 76 17.04 -12.40 -1.60
C SER A 76 17.47 -13.02 -0.28
N SER A 77 17.66 -12.19 0.73
CA SER A 77 18.09 -12.65 2.04
C SER A 77 19.12 -13.76 1.92
N GLY A 78 20.11 -13.55 1.05
CA GLY A 78 21.15 -14.54 0.85
C GLY A 78 22.36 -14.30 1.74
N GLY A 1 6.50 -12.63 18.02
CA GLY A 1 7.26 -12.36 16.82
C GLY A 1 8.25 -11.21 17.02
N SER A 2 8.52 -10.48 15.94
CA SER A 2 9.45 -9.36 15.99
C SER A 2 9.12 -8.34 14.90
N SER A 3 9.28 -7.06 15.24
CA SER A 3 9.00 -5.99 14.29
C SER A 3 10.29 -5.36 13.78
N GLY A 4 10.40 -5.24 12.46
CA GLY A 4 11.59 -4.65 11.87
C GLY A 4 11.28 -3.52 10.92
N SER A 5 12.04 -3.42 9.83
CA SER A 5 11.84 -2.37 8.84
C SER A 5 11.41 -2.96 7.50
N SER A 6 10.21 -2.60 7.07
CA SER A 6 9.68 -3.10 5.80
C SER A 6 8.86 -2.02 5.09
N GLY A 7 8.73 -2.15 3.78
CA GLY A 7 7.97 -1.18 3.01
C GLY A 7 7.32 -1.80 1.78
N ASP A 8 6.64 -2.92 1.97
CA ASP A 8 5.98 -3.61 0.86
C ASP A 8 4.58 -3.06 0.66
N TYR A 9 4.18 -2.93 -0.61
CA TYR A 9 2.86 -2.41 -0.95
C TYR A 9 1.79 -3.04 -0.06
N TYR A 10 1.76 -4.37 -0.03
CA TYR A 10 0.78 -5.10 0.76
C TYR A 10 0.82 -4.63 2.22
N GLU A 11 2.02 -4.35 2.71
CA GLU A 11 2.19 -3.90 4.09
C GLU A 11 1.59 -2.51 4.29
N ILE A 12 1.79 -1.65 3.31
CA ILE A 12 1.27 -0.29 3.36
C ILE A 12 -0.25 -0.28 3.49
N LEU A 13 -0.89 -1.25 2.85
CA LEU A 13 -2.35 -1.36 2.90
C LEU A 13 -2.78 -2.20 4.10
N GLY A 14 -1.96 -3.15 4.49
CA GLY A 14 -2.28 -4.01 5.61
C GLY A 14 -2.98 -5.28 5.20
N VAL A 15 -2.45 -5.94 4.17
CA VAL A 15 -3.04 -7.18 3.67
C VAL A 15 -1.95 -8.18 3.28
N SER A 16 -2.37 -9.38 2.90
CA SER A 16 -1.44 -10.43 2.51
C SER A 16 -1.06 -10.31 1.04
N ARG A 17 -0.01 -11.02 0.64
CA ARG A 17 0.45 -10.98 -0.74
C ARG A 17 -0.44 -11.85 -1.63
N GLY A 18 -1.29 -11.20 -2.41
CA GLY A 18 -2.18 -11.93 -3.30
C GLY A 18 -3.64 -11.65 -3.01
N ALA A 19 -3.91 -10.57 -2.27
CA ALA A 19 -5.27 -10.19 -1.92
C ALA A 19 -6.05 -9.75 -3.16
N SER A 20 -7.27 -10.26 -3.29
CA SER A 20 -8.11 -9.92 -4.43
C SER A 20 -8.39 -8.41 -4.48
N ASP A 21 -8.82 -7.93 -5.63
CA ASP A 21 -9.13 -6.52 -5.81
C ASP A 21 -10.00 -6.01 -4.67
N GLU A 22 -11.20 -6.58 -4.54
CA GLU A 22 -12.12 -6.19 -3.48
C GLU A 22 -11.39 -6.03 -2.15
N ASP A 23 -10.59 -7.03 -1.81
CA ASP A 23 -9.84 -7.01 -0.56
C ASP A 23 -8.90 -5.81 -0.50
N LEU A 24 -8.10 -5.65 -1.54
CA LEU A 24 -7.15 -4.53 -1.60
C LEU A 24 -7.87 -3.19 -1.46
N LYS A 25 -9.12 -3.15 -1.95
CA LYS A 25 -9.91 -1.93 -1.87
C LYS A 25 -10.36 -1.66 -0.43
N LYS A 26 -11.04 -2.63 0.17
CA LYS A 26 -11.52 -2.50 1.53
C LYS A 26 -10.43 -1.94 2.43
N ALA A 27 -9.29 -2.62 2.48
CA ALA A 27 -8.18 -2.18 3.31
C ALA A 27 -7.71 -0.80 2.91
N TYR A 28 -7.42 -0.62 1.63
CA TYR A 28 -6.96 0.67 1.12
C TYR A 28 -7.85 1.81 1.62
N ARG A 29 -9.16 1.62 1.51
CA ARG A 29 -10.12 2.62 1.96
C ARG A 29 -10.00 2.86 3.44
N ARG A 30 -10.33 1.85 4.24
CA ARG A 30 -10.26 1.95 5.69
C ARG A 30 -9.05 2.78 6.12
N LEU A 31 -8.01 2.76 5.30
CA LEU A 31 -6.79 3.50 5.59
C LEU A 31 -6.90 4.95 5.08
N ALA A 32 -7.07 5.09 3.77
CA ALA A 32 -7.18 6.41 3.17
C ALA A 32 -7.99 7.35 4.04
N LEU A 33 -9.10 6.85 4.60
CA LEU A 33 -9.95 7.65 5.46
C LEU A 33 -9.23 8.01 6.76
N LYS A 34 -8.45 7.07 7.28
CA LYS A 34 -7.71 7.29 8.51
C LYS A 34 -6.57 8.28 8.29
N PHE A 35 -6.12 8.39 7.05
CA PHE A 35 -5.04 9.30 6.70
C PHE A 35 -5.56 10.51 5.94
N HIS A 36 -6.82 10.43 5.52
CA HIS A 36 -7.45 11.52 4.78
C HIS A 36 -7.31 12.85 5.53
N PRO A 37 -7.05 13.92 4.77
CA PRO A 37 -6.89 15.27 5.33
C PRO A 37 -8.19 15.83 5.87
N ASP A 38 -9.27 15.65 5.12
CA ASP A 38 -10.57 16.14 5.54
C ASP A 38 -11.03 15.47 6.83
N LYS A 39 -10.74 14.18 6.95
CA LYS A 39 -11.12 13.42 8.13
C LYS A 39 -10.11 13.61 9.26
N ASN A 40 -8.87 13.21 9.00
CA ASN A 40 -7.80 13.33 9.99
C ASN A 40 -7.62 14.80 10.40
N HIS A 41 -6.85 15.02 11.47
CA HIS A 41 -6.60 16.36 11.96
C HIS A 41 -5.16 16.78 11.67
N ALA A 42 -4.21 15.96 12.11
CA ALA A 42 -2.80 16.24 11.89
C ALA A 42 -2.40 16.03 10.43
N PRO A 43 -1.50 16.87 9.92
CA PRO A 43 -1.02 16.78 8.54
C PRO A 43 -0.15 15.55 8.31
N GLY A 44 0.84 15.35 9.18
CA GLY A 44 1.73 14.22 9.05
C GLY A 44 1.02 12.99 8.51
N ALA A 45 -0.20 12.77 8.96
CA ALA A 45 -0.98 11.62 8.52
C ALA A 45 -1.29 11.71 7.02
N THR A 46 -1.82 12.86 6.61
CA THR A 46 -2.17 13.08 5.20
C THR A 46 -1.00 12.70 4.29
N GLU A 47 0.18 13.23 4.59
CA GLU A 47 1.36 12.94 3.79
C GLU A 47 1.44 11.46 3.43
N ALA A 48 0.98 10.61 4.34
CA ALA A 48 0.98 9.17 4.11
C ALA A 48 -0.08 8.78 3.10
N PHE A 49 -1.27 9.38 3.22
CA PHE A 49 -2.37 9.08 2.32
C PHE A 49 -1.89 9.02 0.87
N LYS A 50 -0.94 9.88 0.54
CA LYS A 50 -0.39 9.93 -0.82
C LYS A 50 0.32 8.63 -1.16
N ALA A 51 1.08 8.10 -0.20
CA ALA A 51 1.82 6.87 -0.40
C ALA A 51 0.87 5.68 -0.57
N ILE A 52 -0.11 5.58 0.35
CA ILE A 52 -1.07 4.50 0.30
C ILE A 52 -1.54 4.23 -1.13
N GLY A 53 -2.11 5.25 -1.76
CA GLY A 53 -2.58 5.11 -3.13
C GLY A 53 -1.54 4.51 -4.04
N THR A 54 -0.31 5.03 -3.95
CA THR A 54 0.78 4.54 -4.78
C THR A 54 0.92 3.03 -4.69
N ALA A 55 0.54 2.47 -3.55
CA ALA A 55 0.61 1.04 -3.34
C ALA A 55 -0.55 0.32 -4.01
N TYR A 56 -1.77 0.64 -3.59
CA TYR A 56 -2.96 0.02 -4.15
C TYR A 56 -2.97 0.14 -5.66
N ALA A 57 -2.56 1.31 -6.17
CA ALA A 57 -2.53 1.55 -7.60
C ALA A 57 -1.61 0.54 -8.30
N VAL A 58 -0.65 0.01 -7.56
CA VAL A 58 0.29 -0.96 -8.11
C VAL A 58 -0.32 -2.36 -8.14
N LEU A 59 -0.57 -2.92 -6.96
CA LEU A 59 -1.16 -4.25 -6.86
C LEU A 59 -2.49 -4.32 -7.60
N SER A 60 -3.28 -3.26 -7.48
CA SER A 60 -4.58 -3.21 -8.15
C SER A 60 -4.45 -3.56 -9.63
N ASN A 61 -3.35 -3.14 -10.24
CA ASN A 61 -3.10 -3.41 -11.64
C ASN A 61 -2.32 -4.71 -11.82
N PRO A 62 -2.63 -5.44 -12.91
CA PRO A 62 -1.97 -6.71 -13.22
C PRO A 62 -0.52 -6.52 -13.64
N GLU A 63 -0.29 -5.53 -14.50
CA GLU A 63 1.06 -5.25 -14.98
C GLU A 63 1.95 -4.77 -13.84
N LYS A 64 1.44 -3.84 -13.04
CA LYS A 64 2.19 -3.30 -11.92
C LYS A 64 2.27 -4.31 -10.77
N ARG A 65 1.35 -5.27 -10.78
CA ARG A 65 1.31 -6.30 -9.75
C ARG A 65 2.27 -7.44 -10.07
N LYS A 66 2.05 -8.09 -11.21
CA LYS A 66 2.89 -9.20 -11.63
C LYS A 66 4.37 -8.85 -11.50
N GLN A 67 4.73 -7.66 -11.99
CA GLN A 67 6.11 -7.20 -11.92
C GLN A 67 6.55 -7.01 -10.47
N TYR A 68 5.63 -6.55 -9.64
CA TYR A 68 5.92 -6.32 -8.22
C TYR A 68 6.21 -7.63 -7.51
N ASP A 69 5.36 -8.63 -7.74
CA ASP A 69 5.54 -9.93 -7.11
C ASP A 69 6.87 -10.58 -7.54
N GLN A 70 7.08 -10.66 -8.84
CA GLN A 70 8.29 -11.25 -9.38
C GLN A 70 9.52 -10.44 -8.96
N PHE A 71 9.57 -9.18 -9.41
CA PHE A 71 10.69 -8.31 -9.09
C PHE A 71 10.44 -7.56 -7.79
N GLY A 72 9.49 -6.62 -7.82
CA GLY A 72 9.17 -5.84 -6.65
C GLY A 72 9.99 -4.57 -6.53
N SER A 73 9.70 -3.77 -5.52
CA SER A 73 10.42 -2.52 -5.31
C SER A 73 11.93 -2.74 -5.29
N GLY A 74 12.57 -2.51 -6.43
CA GLY A 74 14.01 -2.69 -6.53
C GLY A 74 14.45 -3.04 -7.94
N PRO A 75 14.63 -2.00 -8.78
CA PRO A 75 15.05 -2.18 -10.17
C PRO A 75 16.51 -2.65 -10.28
N SER A 76 17.13 -2.88 -9.13
CA SER A 76 18.52 -3.32 -9.09
C SER A 76 18.64 -4.68 -8.41
N SER A 77 19.44 -5.56 -9.00
CA SER A 77 19.63 -6.90 -8.46
C SER A 77 20.62 -6.88 -7.30
N GLY A 78 20.64 -7.96 -6.52
CA GLY A 78 21.55 -8.04 -5.38
C GLY A 78 22.43 -9.26 -5.44
N GLY A 1 2.09 -10.70 17.68
CA GLY A 1 3.16 -10.87 16.72
C GLY A 1 3.79 -9.56 16.31
N SER A 2 5.11 -9.53 16.25
CA SER A 2 5.84 -8.31 15.88
C SER A 2 5.68 -8.04 14.38
N SER A 3 6.15 -6.87 13.96
CA SER A 3 6.07 -6.48 12.55
C SER A 3 7.16 -5.46 12.20
N GLY A 4 7.47 -5.36 10.91
CA GLY A 4 8.49 -4.44 10.47
C GLY A 4 7.99 -3.49 9.39
N SER A 5 8.19 -2.19 9.61
CA SER A 5 7.75 -1.18 8.65
C SER A 5 8.78 -1.01 7.54
N SER A 6 9.31 -2.13 7.05
CA SER A 6 10.31 -2.09 5.98
C SER A 6 9.92 -1.08 4.90
N GLY A 7 8.69 -1.19 4.42
CA GLY A 7 8.21 -0.28 3.39
C GLY A 7 7.72 -1.02 2.16
N ASP A 8 6.88 -2.02 2.36
CA ASP A 8 6.33 -2.80 1.26
C ASP A 8 4.90 -2.40 0.96
N TYR A 9 4.49 -2.55 -0.30
CA TYR A 9 3.13 -2.20 -0.71
C TYR A 9 2.10 -2.90 0.17
N TYR A 10 2.03 -4.23 0.06
CA TYR A 10 1.09 -5.01 0.84
C TYR A 10 1.02 -4.51 2.28
N GLU A 11 2.15 -4.05 2.80
CA GLU A 11 2.22 -3.54 4.15
C GLU A 11 1.54 -2.18 4.27
N ILE A 12 1.89 -1.28 3.36
CA ILE A 12 1.32 0.05 3.35
C ILE A 12 -0.21 0.01 3.38
N LEU A 13 -0.77 -0.97 2.68
CA LEU A 13 -2.22 -1.13 2.64
C LEU A 13 -2.72 -1.94 3.82
N GLY A 14 -1.93 -2.93 4.24
CA GLY A 14 -2.31 -3.76 5.37
C GLY A 14 -3.03 -5.03 4.94
N VAL A 15 -2.42 -5.75 4.01
CA VAL A 15 -3.01 -7.00 3.52
C VAL A 15 -1.94 -8.07 3.32
N SER A 16 -2.38 -9.28 2.99
CA SER A 16 -1.46 -10.39 2.78
C SER A 16 -0.86 -10.33 1.38
N ARG A 17 0.25 -11.04 1.19
CA ARG A 17 0.93 -11.08 -0.10
C ARG A 17 0.15 -11.92 -1.11
N GLY A 18 -0.61 -11.24 -1.98
CA GLY A 18 -1.38 -11.94 -2.98
C GLY A 18 -2.87 -11.63 -2.88
N ALA A 19 -3.19 -10.55 -2.17
CA ALA A 19 -4.58 -10.15 -2.01
C ALA A 19 -5.19 -9.69 -3.33
N SER A 20 -6.38 -10.19 -3.63
CA SER A 20 -7.07 -9.83 -4.87
C SER A 20 -7.45 -8.35 -4.88
N ASP A 21 -7.84 -7.86 -6.05
CA ASP A 21 -8.22 -6.46 -6.19
C ASP A 21 -9.17 -6.03 -5.06
N GLU A 22 -10.33 -6.67 -5.00
CA GLU A 22 -11.32 -6.37 -3.96
C GLU A 22 -10.64 -6.15 -2.62
N ASP A 23 -9.89 -7.15 -2.18
CA ASP A 23 -9.18 -7.07 -0.90
C ASP A 23 -8.34 -5.80 -0.82
N LEU A 24 -7.44 -5.62 -1.79
CA LEU A 24 -6.58 -4.46 -1.82
C LEU A 24 -7.38 -3.18 -1.69
N LYS A 25 -8.59 -3.18 -2.26
CA LYS A 25 -9.47 -2.01 -2.20
C LYS A 25 -9.94 -1.76 -0.78
N LYS A 26 -10.80 -2.64 -0.28
CA LYS A 26 -11.32 -2.51 1.08
C LYS A 26 -10.24 -2.03 2.04
N ALA A 27 -9.14 -2.77 2.10
CA ALA A 27 -8.03 -2.42 2.98
C ALA A 27 -7.49 -1.03 2.64
N TYR A 28 -7.35 -0.75 1.35
CA TYR A 28 -6.83 0.53 0.90
C TYR A 28 -7.69 1.68 1.44
N ARG A 29 -8.99 1.63 1.15
CA ARG A 29 -9.91 2.67 1.60
C ARG A 29 -9.87 2.80 3.12
N ARG A 30 -10.14 1.69 3.81
CA ARG A 30 -10.14 1.68 5.27
C ARG A 30 -9.04 2.59 5.81
N LEU A 31 -7.97 2.74 5.05
CA LEU A 31 -6.85 3.58 5.47
C LEU A 31 -7.05 5.02 4.99
N ALA A 32 -7.24 5.19 3.69
CA ALA A 32 -7.44 6.52 3.11
C ALA A 32 -8.23 7.41 4.06
N LEU A 33 -9.32 6.87 4.61
CA LEU A 33 -10.16 7.62 5.53
C LEU A 33 -9.39 8.01 6.79
N LYS A 34 -8.64 7.05 7.34
CA LYS A 34 -7.85 7.30 8.54
C LYS A 34 -6.70 8.27 8.24
N PHE A 35 -6.30 8.32 6.98
CA PHE A 35 -5.21 9.20 6.55
C PHE A 35 -5.73 10.31 5.65
N HIS A 36 -7.05 10.49 5.63
CA HIS A 36 -7.67 11.52 4.79
C HIS A 36 -7.45 12.90 5.41
N PRO A 37 -7.20 13.89 4.54
CA PRO A 37 -6.98 15.28 4.97
C PRO A 37 -8.26 15.94 5.49
N ASP A 38 -9.39 15.31 5.21
CA ASP A 38 -10.68 15.83 5.66
C ASP A 38 -11.18 15.08 6.88
N LYS A 39 -10.58 13.92 7.14
CA LYS A 39 -10.96 13.10 8.28
C LYS A 39 -10.02 13.34 9.45
N ASN A 40 -8.72 13.25 9.19
CA ASN A 40 -7.71 13.44 10.23
C ASN A 40 -7.58 14.92 10.58
N HIS A 41 -6.90 15.20 11.68
CA HIS A 41 -6.70 16.58 12.14
C HIS A 41 -5.30 17.08 11.79
N ALA A 42 -4.30 16.24 12.06
CA ALA A 42 -2.92 16.59 11.78
C ALA A 42 -2.54 16.21 10.35
N PRO A 43 -1.71 17.06 9.71
CA PRO A 43 -1.26 16.84 8.33
C PRO A 43 -0.30 15.66 8.22
N GLY A 44 0.51 15.46 9.26
CA GLY A 44 1.47 14.37 9.26
C GLY A 44 0.86 13.07 8.75
N ALA A 45 -0.29 12.72 9.27
CA ALA A 45 -0.98 11.48 8.86
C ALA A 45 -1.42 11.58 7.41
N THR A 46 -1.94 12.74 7.02
CA THR A 46 -2.41 12.95 5.66
C THR A 46 -1.29 12.69 4.65
N GLU A 47 -0.21 13.44 4.77
CA GLU A 47 0.93 13.29 3.87
C GLU A 47 1.19 11.81 3.55
N ALA A 48 0.87 10.95 4.51
CA ALA A 48 1.06 9.51 4.33
C ALA A 48 0.08 8.94 3.32
N PHE A 49 -1.17 9.39 3.39
CA PHE A 49 -2.20 8.93 2.47
C PHE A 49 -1.69 8.89 1.04
N LYS A 50 -1.02 9.97 0.63
CA LYS A 50 -0.48 10.06 -0.72
C LYS A 50 0.41 8.85 -1.03
N ALA A 51 1.08 8.34 -0.01
CA ALA A 51 1.96 7.19 -0.17
C ALA A 51 1.15 5.91 -0.37
N ILE A 52 0.00 5.83 0.30
CA ILE A 52 -0.86 4.66 0.20
C ILE A 52 -1.39 4.48 -1.22
N GLY A 53 -2.17 5.46 -1.68
CA GLY A 53 -2.72 5.39 -3.02
C GLY A 53 -1.73 4.83 -4.03
N THR A 54 -0.45 5.16 -3.84
CA THR A 54 0.59 4.70 -4.74
C THR A 54 0.77 3.19 -4.65
N ALA A 55 0.73 2.66 -3.42
CA ALA A 55 0.89 1.24 -3.20
C ALA A 55 -0.31 0.47 -3.74
N TYR A 56 -1.51 0.86 -3.32
CA TYR A 56 -2.73 0.20 -3.76
C TYR A 56 -2.79 0.12 -5.28
N ALA A 57 -2.61 1.26 -5.94
CA ALA A 57 -2.64 1.32 -7.39
C ALA A 57 -1.80 0.19 -8.00
N VAL A 58 -0.57 0.07 -7.54
CA VAL A 58 0.34 -0.96 -8.04
C VAL A 58 -0.30 -2.34 -7.96
N LEU A 59 -0.60 -2.78 -6.73
CA LEU A 59 -1.23 -4.08 -6.52
C LEU A 59 -2.63 -4.11 -7.11
N SER A 60 -3.18 -2.93 -7.37
CA SER A 60 -4.53 -2.83 -7.93
C SER A 60 -4.54 -3.20 -9.40
N ASN A 61 -3.42 -2.96 -10.08
CA ASN A 61 -3.30 -3.26 -11.50
C ASN A 61 -2.65 -4.63 -11.70
N PRO A 62 -3.12 -5.34 -12.73
CA PRO A 62 -2.61 -6.68 -13.07
C PRO A 62 -1.19 -6.64 -13.62
N GLU A 63 -0.77 -5.46 -14.07
CA GLU A 63 0.55 -5.28 -14.63
C GLU A 63 1.55 -4.87 -13.55
N LYS A 64 1.16 -3.87 -12.75
CA LYS A 64 2.01 -3.38 -11.67
C LYS A 64 2.00 -4.33 -10.49
N ARG A 65 1.07 -5.29 -10.51
CA ARG A 65 0.96 -6.26 -9.44
C ARG A 65 1.80 -7.50 -9.73
N LYS A 66 1.48 -8.17 -10.84
CA LYS A 66 2.21 -9.37 -11.24
C LYS A 66 3.71 -9.12 -11.28
N GLN A 67 4.08 -7.94 -11.78
CA GLN A 67 5.49 -7.57 -11.87
C GLN A 67 6.12 -7.43 -10.48
N TYR A 68 5.33 -6.92 -9.53
CA TYR A 68 5.81 -6.73 -8.17
C TYR A 68 6.05 -8.07 -7.49
N ASP A 69 5.19 -9.05 -7.80
CA ASP A 69 5.32 -10.38 -7.22
C ASP A 69 6.49 -11.14 -7.83
N GLN A 70 6.51 -11.23 -9.15
CA GLN A 70 7.58 -11.93 -9.86
C GLN A 70 8.92 -11.24 -9.63
N PHE A 71 9.06 -10.03 -10.15
CA PHE A 71 10.29 -9.27 -9.99
C PHE A 71 10.35 -8.59 -8.64
N GLY A 72 9.35 -7.75 -8.35
CA GLY A 72 9.31 -7.05 -7.08
C GLY A 72 10.46 -6.07 -6.92
N SER A 73 10.21 -5.00 -6.17
CA SER A 73 11.23 -3.98 -5.95
C SER A 73 11.45 -3.74 -4.45
N GLY A 74 12.45 -4.41 -3.89
CA GLY A 74 12.74 -4.27 -2.48
C GLY A 74 14.23 -4.27 -2.19
N PRO A 75 14.60 -3.75 -1.01
CA PRO A 75 16.01 -3.68 -0.59
C PRO A 75 16.59 -5.05 -0.29
N SER A 76 15.72 -6.03 -0.05
CA SER A 76 16.14 -7.39 0.25
C SER A 76 15.59 -8.37 -0.76
N SER A 77 14.27 -8.31 -0.98
CA SER A 77 13.61 -9.20 -1.92
C SER A 77 13.30 -8.48 -3.23
N GLY A 78 13.85 -8.99 -4.33
CA GLY A 78 13.62 -8.37 -5.62
C GLY A 78 14.78 -7.50 -6.06
N GLY A 1 18.20 -6.46 14.69
CA GLY A 1 17.09 -7.38 14.60
C GLY A 1 16.71 -7.70 13.16
N SER A 2 15.42 -7.95 12.93
CA SER A 2 14.94 -8.26 11.61
C SER A 2 15.62 -7.40 10.55
N SER A 3 15.72 -7.92 9.34
CA SER A 3 16.35 -7.19 8.24
C SER A 3 15.36 -6.96 7.10
N GLY A 4 15.78 -6.17 6.12
CA GLY A 4 14.93 -5.88 4.98
C GLY A 4 14.44 -4.44 4.98
N SER A 5 14.19 -3.91 3.79
CA SER A 5 13.71 -2.54 3.65
C SER A 5 12.29 -2.40 4.19
N SER A 6 12.15 -1.62 5.27
CA SER A 6 10.86 -1.40 5.89
C SER A 6 9.98 -0.51 5.02
N GLY A 7 9.32 -1.11 4.04
CA GLY A 7 8.46 -0.35 3.16
C GLY A 7 7.91 -1.20 2.02
N ASP A 8 6.96 -2.07 2.33
CA ASP A 8 6.35 -2.93 1.33
C ASP A 8 4.92 -2.51 1.04
N TYR A 9 4.51 -2.64 -0.22
CA TYR A 9 3.15 -2.27 -0.63
C TYR A 9 2.11 -2.99 0.22
N TYR A 10 2.11 -4.32 0.16
CA TYR A 10 1.16 -5.12 0.92
C TYR A 10 1.03 -4.60 2.34
N GLU A 11 2.15 -4.21 2.93
CA GLU A 11 2.17 -3.69 4.29
C GLU A 11 1.54 -2.31 4.35
N ILE A 12 1.99 -1.42 3.49
CA ILE A 12 1.47 -0.06 3.44
C ILE A 12 -0.05 -0.05 3.50
N LEU A 13 -0.65 -1.17 3.12
CA LEU A 13 -2.11 -1.29 3.13
C LEU A 13 -2.57 -2.20 4.26
N GLY A 14 -1.68 -3.06 4.73
CA GLY A 14 -2.00 -3.97 5.81
C GLY A 14 -2.81 -5.17 5.34
N VAL A 15 -2.23 -5.94 4.43
CA VAL A 15 -2.89 -7.12 3.89
C VAL A 15 -1.90 -8.27 3.69
N SER A 16 -2.41 -9.40 3.21
CA SER A 16 -1.57 -10.56 2.97
C SER A 16 -1.05 -10.59 1.54
N ARG A 17 0.03 -11.32 1.32
CA ARG A 17 0.63 -11.43 -0.01
C ARG A 17 -0.24 -12.27 -0.94
N GLY A 18 -0.97 -11.61 -1.84
CA GLY A 18 -1.83 -12.31 -2.76
C GLY A 18 -3.28 -11.88 -2.64
N ALA A 19 -3.51 -10.75 -1.99
CA ALA A 19 -4.85 -10.23 -1.81
C ALA A 19 -5.46 -9.79 -3.14
N SER A 20 -6.69 -10.21 -3.39
CA SER A 20 -7.38 -9.86 -4.63
C SER A 20 -7.63 -8.36 -4.71
N ASP A 21 -8.29 -7.93 -5.78
CA ASP A 21 -8.59 -6.52 -5.99
C ASP A 21 -9.54 -6.00 -4.90
N GLU A 22 -10.37 -6.91 -4.38
CA GLU A 22 -11.33 -6.55 -3.35
C GLU A 22 -10.63 -6.28 -2.02
N ASP A 23 -9.80 -7.24 -1.61
CA ASP A 23 -9.06 -7.11 -0.34
C ASP A 23 -8.22 -5.84 -0.34
N LEU A 24 -7.54 -5.59 -1.45
CA LEU A 24 -6.69 -4.41 -1.57
C LEU A 24 -7.52 -3.13 -1.49
N LYS A 25 -8.72 -3.16 -2.05
CA LYS A 25 -9.61 -2.01 -2.04
C LYS A 25 -10.11 -1.72 -0.63
N LYS A 26 -10.96 -2.61 -0.12
CA LYS A 26 -11.51 -2.45 1.22
C LYS A 26 -10.47 -1.89 2.17
N ALA A 27 -9.34 -2.57 2.28
CA ALA A 27 -8.26 -2.13 3.15
C ALA A 27 -7.75 -0.75 2.76
N TYR A 28 -7.51 -0.57 1.46
CA TYR A 28 -7.00 0.70 0.95
C TYR A 28 -7.90 1.85 1.40
N ARG A 29 -9.21 1.68 1.24
CA ARG A 29 -10.17 2.70 1.63
C ARG A 29 -10.10 2.97 3.14
N ARG A 30 -10.52 1.99 3.93
CA ARG A 30 -10.51 2.13 5.38
C ARG A 30 -9.30 2.94 5.84
N LEU A 31 -8.18 2.80 5.12
CA LEU A 31 -6.96 3.52 5.45
C LEU A 31 -7.00 4.95 4.90
N ALA A 32 -7.17 5.06 3.58
CA ALA A 32 -7.23 6.36 2.94
C ALA A 32 -8.05 7.35 3.76
N LEU A 33 -9.18 6.88 4.29
CA LEU A 33 -10.05 7.72 5.10
C LEU A 33 -9.42 8.01 6.46
N LYS A 34 -8.62 7.07 6.95
CA LYS A 34 -7.95 7.22 8.24
C LYS A 34 -6.86 8.28 8.16
N PHE A 35 -6.34 8.51 6.96
CA PHE A 35 -5.29 9.50 6.75
C PHE A 35 -5.83 10.73 6.03
N HIS A 36 -6.93 10.55 5.29
CA HIS A 36 -7.55 11.65 4.56
C HIS A 36 -7.54 12.93 5.40
N PRO A 37 -7.27 14.06 4.72
CA PRO A 37 -7.23 15.37 5.38
C PRO A 37 -8.60 15.84 5.84
N ASP A 38 -9.65 15.29 5.23
CA ASP A 38 -11.01 15.66 5.58
C ASP A 38 -11.51 14.85 6.77
N LYS A 39 -11.04 13.61 6.86
CA LYS A 39 -11.43 12.72 7.96
C LYS A 39 -10.49 12.88 9.14
N ASN A 40 -9.18 12.75 8.89
CA ASN A 40 -8.18 12.88 9.93
C ASN A 40 -7.69 14.32 10.04
N HIS A 41 -7.92 14.92 11.20
CA HIS A 41 -7.51 16.30 11.43
C HIS A 41 -6.14 16.35 12.10
N ALA A 42 -5.34 15.31 11.88
CA ALA A 42 -4.00 15.23 12.45
C ALA A 42 -2.94 15.34 11.38
N PRO A 43 -1.82 16.01 11.71
CA PRO A 43 -0.70 16.20 10.78
C PRO A 43 0.04 14.90 10.49
N GLY A 44 0.84 14.91 9.43
CA GLY A 44 1.60 13.72 9.07
C GLY A 44 0.73 12.64 8.46
N ALA A 45 -0.19 12.11 9.26
CA ALA A 45 -1.10 11.07 8.79
C ALA A 45 -1.52 11.31 7.34
N THR A 46 -1.99 12.52 7.05
CA THR A 46 -2.42 12.88 5.72
C THR A 46 -1.29 12.70 4.70
N GLU A 47 -0.15 13.33 4.96
CA GLU A 47 1.01 13.24 4.08
C GLU A 47 1.26 11.78 3.67
N ALA A 48 0.75 10.86 4.47
CA ALA A 48 0.92 9.44 4.20
C ALA A 48 -0.08 8.96 3.16
N PHE A 49 -1.30 9.49 3.22
CA PHE A 49 -2.35 9.11 2.28
C PHE A 49 -1.81 9.07 0.85
N LYS A 50 -0.88 9.97 0.55
CA LYS A 50 -0.28 10.04 -0.78
C LYS A 50 0.53 8.78 -1.07
N ALA A 51 1.18 8.25 -0.05
CA ALA A 51 2.01 7.05 -0.20
C ALA A 51 1.13 5.83 -0.41
N ILE A 52 -0.03 5.81 0.22
CA ILE A 52 -0.95 4.68 0.10
C ILE A 52 -1.35 4.46 -1.36
N GLY A 53 -2.05 5.43 -1.93
CA GLY A 53 -2.48 5.33 -3.31
C GLY A 53 -1.46 4.60 -4.18
N THR A 54 -0.19 4.96 -4.04
CA THR A 54 0.87 4.34 -4.80
C THR A 54 0.85 2.82 -4.65
N ALA A 55 0.76 2.36 -3.41
CA ALA A 55 0.73 0.93 -3.12
C ALA A 55 -0.53 0.29 -3.70
N TYR A 56 -1.68 0.80 -3.30
CA TYR A 56 -2.96 0.27 -3.77
C TYR A 56 -3.00 0.24 -5.29
N ALA A 57 -2.43 1.26 -5.92
CA ALA A 57 -2.40 1.34 -7.38
C ALA A 57 -1.62 0.18 -7.97
N VAL A 58 -0.34 0.09 -7.63
CA VAL A 58 0.52 -0.97 -8.14
C VAL A 58 -0.19 -2.32 -8.07
N LEU A 59 -0.58 -2.72 -6.87
CA LEU A 59 -1.26 -3.99 -6.67
C LEU A 59 -2.60 -4.02 -7.42
N SER A 60 -3.46 -3.06 -7.10
CA SER A 60 -4.76 -2.98 -7.74
C SER A 60 -4.65 -3.22 -9.24
N ASN A 61 -3.50 -2.87 -9.80
CA ASN A 61 -3.27 -3.06 -11.23
C ASN A 61 -2.77 -4.47 -11.53
N PRO A 62 -3.19 -5.02 -12.67
CA PRO A 62 -2.80 -6.37 -13.10
C PRO A 62 -1.33 -6.45 -13.49
N GLU A 63 -0.91 -5.54 -14.36
CA GLU A 63 0.48 -5.51 -14.81
C GLU A 63 1.42 -5.09 -13.69
N LYS A 64 1.20 -3.89 -13.16
CA LYS A 64 2.02 -3.37 -12.08
C LYS A 64 2.18 -4.39 -10.96
N ARG A 65 1.14 -5.21 -10.77
CA ARG A 65 1.16 -6.24 -9.74
C ARG A 65 2.04 -7.41 -10.16
N LYS A 66 1.95 -7.78 -11.43
CA LYS A 66 2.73 -8.90 -11.96
C LYS A 66 4.20 -8.74 -11.59
N GLN A 67 4.82 -7.67 -12.07
CA GLN A 67 6.23 -7.40 -11.79
C GLN A 67 6.50 -7.42 -10.28
N TYR A 68 5.61 -6.78 -9.53
CA TYR A 68 5.75 -6.71 -8.08
C TYR A 68 5.76 -8.10 -7.47
N ASP A 69 5.07 -9.03 -8.13
CA ASP A 69 5.00 -10.41 -7.65
C ASP A 69 6.24 -11.19 -8.05
N GLN A 70 6.66 -11.04 -9.30
CA GLN A 70 7.84 -11.74 -9.80
C GLN A 70 9.12 -11.16 -9.20
N PHE A 71 9.33 -9.86 -9.44
CA PHE A 71 10.51 -9.18 -8.93
C PHE A 71 10.44 -9.04 -7.41
N GLY A 72 9.36 -8.43 -6.92
CA GLY A 72 9.20 -8.25 -5.50
C GLY A 72 8.99 -6.79 -5.11
N SER A 73 9.64 -5.89 -5.83
CA SER A 73 9.53 -4.46 -5.56
C SER A 73 10.12 -3.64 -6.71
N GLY A 74 9.65 -2.41 -6.85
CA GLY A 74 10.16 -1.55 -7.90
C GLY A 74 11.28 -0.64 -7.43
N PRO A 75 12.21 -0.32 -8.34
CA PRO A 75 13.35 0.54 -8.03
C PRO A 75 12.94 1.99 -7.79
N SER A 76 13.92 2.84 -7.50
CA SER A 76 13.66 4.25 -7.25
C SER A 76 12.43 4.43 -6.37
N SER A 77 12.39 3.70 -5.26
CA SER A 77 11.26 3.77 -4.33
C SER A 77 11.73 3.55 -2.89
N GLY A 78 10.93 4.02 -1.94
CA GLY A 78 11.28 3.87 -0.54
C GLY A 78 10.84 2.53 0.03
N GLY A 1 13.23 -9.00 10.87
CA GLY A 1 13.71 -8.14 9.81
C GLY A 1 15.05 -8.61 9.27
N SER A 2 15.06 -9.78 8.63
CA SER A 2 16.28 -10.34 8.06
C SER A 2 16.66 -9.62 6.78
N SER A 3 15.67 -9.00 6.14
CA SER A 3 15.90 -8.28 4.89
C SER A 3 15.65 -6.80 5.07
N GLY A 4 16.01 -6.01 4.06
CA GLY A 4 15.82 -4.57 4.12
C GLY A 4 14.39 -4.16 3.81
N SER A 5 13.47 -4.54 4.68
CA SER A 5 12.06 -4.21 4.49
C SER A 5 11.79 -2.74 4.84
N SER A 6 11.72 -1.91 3.82
CA SER A 6 11.47 -0.48 4.01
C SER A 6 9.98 -0.19 4.07
N GLY A 7 9.24 -0.72 3.09
CA GLY A 7 7.81 -0.51 3.05
C GLY A 7 7.16 -1.12 1.83
N ASP A 8 6.88 -2.42 1.91
CA ASP A 8 6.26 -3.14 0.80
C ASP A 8 4.79 -2.74 0.63
N TYR A 9 4.32 -2.72 -0.61
CA TYR A 9 2.94 -2.35 -0.89
C TYR A 9 1.98 -3.11 0.03
N TYR A 10 1.92 -4.42 -0.13
CA TYR A 10 1.04 -5.25 0.68
C TYR A 10 0.98 -4.75 2.11
N GLU A 11 2.14 -4.32 2.63
CA GLU A 11 2.23 -3.82 3.99
C GLU A 11 1.60 -2.43 4.10
N ILE A 12 1.96 -1.55 3.18
CA ILE A 12 1.43 -0.19 3.17
C ILE A 12 -0.08 -0.19 3.34
N LEU A 13 -0.73 -1.21 2.78
CA LEU A 13 -2.18 -1.33 2.86
C LEU A 13 -2.59 -2.21 4.05
N GLY A 14 -1.81 -3.24 4.31
CA GLY A 14 -2.10 -4.13 5.42
C GLY A 14 -2.84 -5.38 4.98
N VAL A 15 -2.24 -6.13 4.06
CA VAL A 15 -2.85 -7.36 3.55
C VAL A 15 -1.81 -8.43 3.31
N SER A 16 -2.26 -9.64 2.98
CA SER A 16 -1.37 -10.75 2.71
C SER A 16 -0.90 -10.74 1.26
N ARG A 17 0.17 -11.47 0.98
CA ARG A 17 0.72 -11.55 -0.36
C ARG A 17 -0.17 -12.41 -1.26
N GLY A 18 -0.97 -11.76 -2.10
CA GLY A 18 -1.86 -12.47 -2.99
C GLY A 18 -3.31 -12.09 -2.81
N ALA A 19 -3.54 -10.98 -2.12
CA ALA A 19 -4.90 -10.49 -1.88
C ALA A 19 -5.56 -10.04 -3.17
N SER A 20 -6.81 -10.46 -3.37
CA SER A 20 -7.56 -10.10 -4.57
C SER A 20 -7.76 -8.59 -4.66
N ASP A 21 -8.28 -8.14 -5.79
CA ASP A 21 -8.52 -6.71 -6.00
C ASP A 21 -9.36 -6.13 -4.86
N GLU A 22 -10.46 -6.80 -4.54
CA GLU A 22 -11.35 -6.34 -3.48
C GLU A 22 -10.55 -6.03 -2.21
N ASP A 23 -9.89 -7.04 -1.66
CA ASP A 23 -9.10 -6.86 -0.44
C ASP A 23 -8.20 -5.62 -0.56
N LEU A 24 -7.42 -5.57 -1.63
CA LEU A 24 -6.51 -4.45 -1.86
C LEU A 24 -7.26 -3.13 -1.77
N LYS A 25 -8.48 -3.09 -2.29
CA LYS A 25 -9.30 -1.89 -2.27
C LYS A 25 -9.77 -1.58 -0.85
N LYS A 26 -10.58 -2.47 -0.30
CA LYS A 26 -11.10 -2.30 1.06
C LYS A 26 -10.03 -1.73 1.98
N ALA A 27 -8.91 -2.43 2.09
CA ALA A 27 -7.81 -1.98 2.94
C ALA A 27 -7.32 -0.60 2.52
N TYR A 28 -7.09 -0.43 1.22
CA TYR A 28 -6.61 0.85 0.70
C TYR A 28 -7.49 1.99 1.16
N ARG A 29 -8.80 1.86 0.94
CA ARG A 29 -9.75 2.88 1.34
C ARG A 29 -9.80 3.03 2.86
N ARG A 30 -10.17 1.95 3.55
CA ARG A 30 -10.25 1.96 5.00
C ARG A 30 -9.14 2.82 5.60
N LEU A 31 -8.00 2.87 4.92
CA LEU A 31 -6.87 3.66 5.38
C LEU A 31 -7.03 5.12 4.99
N ALA A 32 -7.10 5.38 3.69
CA ALA A 32 -7.25 6.74 3.19
C ALA A 32 -8.14 7.57 4.11
N LEU A 33 -9.29 7.00 4.47
CA LEU A 33 -10.24 7.69 5.34
C LEU A 33 -9.59 8.03 6.69
N LYS A 34 -8.81 7.09 7.21
CA LYS A 34 -8.13 7.30 8.49
C LYS A 34 -6.99 8.31 8.35
N PHE A 35 -6.41 8.37 7.16
CA PHE A 35 -5.32 9.30 6.89
C PHE A 35 -5.79 10.47 6.05
N HIS A 36 -7.11 10.58 5.87
CA HIS A 36 -7.69 11.65 5.09
C HIS A 36 -7.57 12.99 5.82
N PRO A 37 -7.28 14.05 5.07
CA PRO A 37 -7.13 15.41 5.62
C PRO A 37 -8.46 15.99 6.09
N ASP A 38 -9.54 15.65 5.38
CA ASP A 38 -10.86 16.13 5.74
C ASP A 38 -11.37 15.46 7.00
N LYS A 39 -11.16 14.15 7.11
CA LYS A 39 -11.59 13.40 8.27
C LYS A 39 -10.60 13.54 9.41
N ASN A 40 -9.33 13.24 9.14
CA ASN A 40 -8.28 13.34 10.15
C ASN A 40 -7.70 14.74 10.18
N HIS A 41 -7.80 15.39 11.35
CA HIS A 41 -7.28 16.75 11.51
C HIS A 41 -5.96 16.71 12.28
N ALA A 42 -5.06 15.81 11.89
CA ALA A 42 -3.77 15.69 12.53
C ALA A 42 -2.63 15.72 11.50
N PRO A 43 -1.51 16.33 11.88
CA PRO A 43 -0.34 16.44 11.00
C PRO A 43 0.35 15.09 10.79
N GLY A 44 0.82 14.86 9.56
CA GLY A 44 1.49 13.62 9.25
C GLY A 44 0.55 12.60 8.62
N ALA A 45 -0.46 12.18 9.36
CA ALA A 45 -1.42 11.20 8.87
C ALA A 45 -1.68 11.41 7.38
N THR A 46 -1.98 12.64 7.00
CA THR A 46 -2.26 12.96 5.61
C THR A 46 -1.05 12.67 4.72
N GLU A 47 0.11 13.15 5.13
CA GLU A 47 1.34 12.94 4.38
C GLU A 47 1.45 11.48 3.93
N ALA A 48 0.76 10.60 4.65
CA ALA A 48 0.80 9.17 4.33
C ALA A 48 -0.24 8.83 3.26
N PHE A 49 -1.43 9.36 3.40
CA PHE A 49 -2.51 9.12 2.45
C PHE A 49 -1.97 9.08 1.02
N LYS A 50 -1.01 9.94 0.74
CA LYS A 50 -0.40 10.02 -0.58
C LYS A 50 0.32 8.71 -0.93
N ALA A 51 1.09 8.20 0.01
CA ALA A 51 1.82 6.96 -0.19
C ALA A 51 0.87 5.78 -0.39
N ILE A 52 -0.08 5.63 0.54
CA ILE A 52 -1.05 4.55 0.46
C ILE A 52 -1.45 4.27 -0.99
N GLY A 53 -2.02 5.29 -1.64
CA GLY A 53 -2.44 5.14 -3.02
C GLY A 53 -1.39 4.45 -3.88
N THR A 54 -0.22 5.07 -3.99
CA THR A 54 0.86 4.51 -4.79
C THR A 54 0.87 2.99 -4.71
N ALA A 55 0.81 2.45 -3.49
CA ALA A 55 0.81 1.01 -3.29
C ALA A 55 -0.38 0.37 -3.98
N TYR A 56 -1.58 0.82 -3.62
CA TYR A 56 -2.80 0.27 -4.20
C TYR A 56 -2.77 0.36 -5.73
N ALA A 57 -2.58 1.57 -6.24
CA ALA A 57 -2.53 1.79 -7.68
C ALA A 57 -1.75 0.68 -8.37
N VAL A 58 -0.78 0.12 -7.66
CA VAL A 58 0.05 -0.95 -8.21
C VAL A 58 -0.68 -2.29 -8.13
N LEU A 59 -0.80 -2.82 -6.92
CA LEU A 59 -1.47 -4.09 -6.70
C LEU A 59 -2.80 -4.14 -7.43
N SER A 60 -3.64 -3.14 -7.19
CA SER A 60 -4.96 -3.06 -7.82
C SER A 60 -4.86 -3.43 -9.30
N ASN A 61 -3.69 -3.19 -9.89
CA ASN A 61 -3.47 -3.49 -11.30
C ASN A 61 -2.90 -4.89 -11.48
N PRO A 62 -3.31 -5.56 -12.56
CA PRO A 62 -2.86 -6.92 -12.87
C PRO A 62 -1.39 -6.96 -13.29
N GLU A 63 -0.98 -5.97 -14.08
CA GLU A 63 0.40 -5.88 -14.54
C GLU A 63 1.32 -5.39 -13.44
N LYS A 64 1.00 -4.24 -12.87
CA LYS A 64 1.79 -3.64 -11.80
C LYS A 64 1.85 -4.58 -10.59
N ARG A 65 0.91 -5.51 -10.52
CA ARG A 65 0.85 -6.46 -9.42
C ARG A 65 1.78 -7.64 -9.67
N LYS A 66 1.61 -8.29 -10.82
CA LYS A 66 2.44 -9.44 -11.17
C LYS A 66 3.91 -9.05 -11.25
N GLN A 67 4.17 -7.83 -11.72
CA GLN A 67 5.53 -7.33 -11.83
C GLN A 67 6.13 -7.05 -10.46
N TYR A 68 5.29 -6.65 -9.52
CA TYR A 68 5.74 -6.34 -8.17
C TYR A 68 5.94 -7.62 -7.36
N ASP A 69 5.40 -8.72 -7.88
CA ASP A 69 5.51 -10.01 -7.20
C ASP A 69 6.71 -10.79 -7.74
N GLN A 70 7.12 -10.47 -8.96
CA GLN A 70 8.25 -11.15 -9.59
C GLN A 70 9.54 -10.37 -9.40
N PHE A 71 9.52 -9.10 -9.81
CA PHE A 71 10.69 -8.24 -9.69
C PHE A 71 10.78 -7.65 -8.29
N GLY A 72 9.72 -6.96 -7.87
CA GLY A 72 9.70 -6.36 -6.55
C GLY A 72 9.89 -7.37 -5.45
N SER A 73 8.81 -7.65 -4.71
CA SER A 73 8.86 -8.62 -3.62
C SER A 73 9.67 -9.85 -4.01
N GLY A 74 10.95 -9.84 -3.67
CA GLY A 74 11.81 -10.97 -4.00
C GLY A 74 13.06 -11.01 -3.14
N PRO A 75 13.53 -12.22 -2.83
CA PRO A 75 14.72 -12.43 -2.00
C PRO A 75 15.99 -12.02 -2.73
N SER A 76 16.10 -12.37 -4.00
CA SER A 76 17.26 -12.04 -4.80
C SER A 76 17.27 -10.56 -5.18
N SER A 77 18.46 -9.99 -5.28
CA SER A 77 18.60 -8.57 -5.62
C SER A 77 19.89 -8.33 -6.41
N GLY A 78 19.76 -7.75 -7.60
CA GLY A 78 20.93 -7.47 -8.42
C GLY A 78 20.62 -7.58 -9.90
N GLY A 1 13.66 -2.85 13.11
CA GLY A 1 12.98 -4.12 13.31
C GLY A 1 13.61 -5.25 12.52
N SER A 2 13.16 -6.48 12.77
CA SER A 2 13.69 -7.65 12.09
C SER A 2 13.63 -7.46 10.57
N SER A 3 12.43 -7.25 10.05
CA SER A 3 12.24 -7.07 8.63
C SER A 3 13.26 -6.09 8.06
N GLY A 4 13.48 -4.98 8.77
CA GLY A 4 14.43 -3.99 8.32
C GLY A 4 13.77 -2.81 7.65
N SER A 5 12.67 -2.32 8.24
CA SER A 5 11.93 -1.19 7.68
C SER A 5 11.46 -1.50 6.26
N SER A 6 10.97 -2.73 6.07
CA SER A 6 10.48 -3.15 4.76
C SER A 6 9.27 -2.31 4.34
N GLY A 7 9.38 -1.66 3.18
CA GLY A 7 8.29 -0.85 2.68
C GLY A 7 7.60 -1.48 1.49
N ASP A 8 6.93 -2.60 1.72
CA ASP A 8 6.22 -3.31 0.66
C ASP A 8 4.79 -2.80 0.54
N TYR A 9 4.28 -2.74 -0.68
CA TYR A 9 2.93 -2.28 -0.93
C TYR A 9 1.92 -3.00 -0.03
N TYR A 10 2.03 -4.32 0.01
CA TYR A 10 1.14 -5.13 0.83
C TYR A 10 1.12 -4.64 2.27
N GLU A 11 2.29 -4.24 2.76
CA GLU A 11 2.40 -3.75 4.14
C GLU A 11 1.77 -2.36 4.26
N ILE A 12 2.16 -1.45 3.38
CA ILE A 12 1.63 -0.09 3.40
C ILE A 12 0.12 -0.10 3.60
N LEU A 13 -0.56 -1.07 3.01
CA LEU A 13 -2.01 -1.19 3.12
C LEU A 13 -2.39 -2.04 4.33
N GLY A 14 -1.58 -3.07 4.60
CA GLY A 14 -1.84 -3.94 5.73
C GLY A 14 -2.58 -5.20 5.32
N VAL A 15 -2.02 -5.93 4.37
CA VAL A 15 -2.64 -7.17 3.89
C VAL A 15 -1.58 -8.23 3.62
N SER A 16 -2.04 -9.44 3.27
CA SER A 16 -1.13 -10.55 2.99
C SER A 16 -0.65 -10.51 1.55
N ARG A 17 0.39 -11.27 1.25
CA ARG A 17 0.95 -11.33 -0.09
C ARG A 17 0.07 -12.19 -1.00
N GLY A 18 -0.75 -11.54 -1.81
CA GLY A 18 -1.63 -12.25 -2.72
C GLY A 18 -3.09 -11.91 -2.51
N ALA A 19 -3.34 -10.80 -1.82
CA ALA A 19 -4.71 -10.36 -1.56
C ALA A 19 -5.40 -9.93 -2.85
N SER A 20 -6.60 -10.45 -3.08
CA SER A 20 -7.37 -10.12 -4.27
C SER A 20 -7.72 -8.63 -4.30
N ASP A 21 -8.25 -8.18 -5.42
CA ASP A 21 -8.63 -6.78 -5.58
C ASP A 21 -9.43 -6.30 -4.38
N GLU A 22 -10.62 -6.85 -4.20
CA GLU A 22 -11.48 -6.48 -3.09
C GLU A 22 -10.66 -6.20 -1.82
N ASP A 23 -9.92 -7.21 -1.38
CA ASP A 23 -9.09 -7.09 -0.18
C ASP A 23 -8.26 -5.81 -0.24
N LEU A 24 -7.53 -5.62 -1.33
CA LEU A 24 -6.70 -4.44 -1.50
C LEU A 24 -7.53 -3.16 -1.42
N LYS A 25 -8.71 -3.21 -2.01
CA LYS A 25 -9.61 -2.06 -2.00
C LYS A 25 -10.10 -1.76 -0.59
N LYS A 26 -10.94 -2.64 -0.06
CA LYS A 26 -11.48 -2.48 1.28
C LYS A 26 -10.42 -1.93 2.23
N ALA A 27 -9.30 -2.64 2.32
CA ALA A 27 -8.20 -2.22 3.19
C ALA A 27 -7.70 -0.83 2.81
N TYR A 28 -7.42 -0.64 1.53
CA TYR A 28 -6.92 0.63 1.03
C TYR A 28 -7.80 1.78 1.51
N ARG A 29 -9.11 1.64 1.30
CA ARG A 29 -10.05 2.67 1.70
C ARG A 29 -9.95 2.94 3.20
N ARG A 30 -10.35 1.97 4.01
CA ARG A 30 -10.31 2.10 5.45
C ARG A 30 -9.11 2.94 5.88
N LEU A 31 -8.01 2.83 5.13
CA LEU A 31 -6.80 3.57 5.43
C LEU A 31 -6.89 5.00 4.91
N ALA A 32 -7.12 5.14 3.60
CA ALA A 32 -7.23 6.45 2.98
C ALA A 32 -8.14 7.37 3.78
N LEU A 33 -9.30 6.85 4.17
CA LEU A 33 -10.26 7.63 4.95
C LEU A 33 -9.69 8.00 6.31
N LYS A 34 -8.76 7.18 6.80
CA LYS A 34 -8.12 7.42 8.09
C LYS A 34 -7.07 8.52 7.99
N PHE A 35 -6.38 8.56 6.85
CA PHE A 35 -5.35 9.57 6.62
C PHE A 35 -5.90 10.72 5.79
N HIS A 36 -7.10 10.54 5.25
CA HIS A 36 -7.73 11.57 4.42
C HIS A 36 -7.65 12.93 5.11
N PRO A 37 -7.40 13.99 4.31
CA PRO A 37 -7.29 15.36 4.82
C PRO A 37 -8.63 15.91 5.29
N ASP A 38 -9.72 15.40 4.70
CA ASP A 38 -11.05 15.84 5.06
C ASP A 38 -11.50 15.21 6.38
N LYS A 39 -11.14 13.94 6.57
CA LYS A 39 -11.50 13.22 7.79
C LYS A 39 -10.50 13.50 8.90
N ASN A 40 -9.23 13.63 8.54
CA ASN A 40 -8.18 13.90 9.50
C ASN A 40 -7.66 15.33 9.36
N HIS A 41 -7.54 16.03 10.48
CA HIS A 41 -7.04 17.40 10.49
C HIS A 41 -5.58 17.46 10.90
N ALA A 42 -4.81 16.47 10.48
CA ALA A 42 -3.39 16.39 10.80
C ALA A 42 -2.55 16.18 9.55
N PRO A 43 -1.40 16.86 9.48
CA PRO A 43 -0.49 16.76 8.34
C PRO A 43 0.21 15.41 8.27
N GLY A 44 0.74 14.97 9.41
CA GLY A 44 1.43 13.69 9.46
C GLY A 44 0.61 12.56 8.86
N ALA A 45 -0.70 12.60 9.11
CA ALA A 45 -1.61 11.58 8.59
C ALA A 45 -1.81 11.73 7.09
N THR A 46 -2.27 12.91 6.67
CA THR A 46 -2.51 13.18 5.26
C THR A 46 -1.26 12.87 4.43
N GLU A 47 -0.10 13.25 4.95
CA GLU A 47 1.16 13.02 4.26
C GLU A 47 1.32 11.54 3.90
N ALA A 48 0.63 10.68 4.64
CA ALA A 48 0.69 9.24 4.40
C ALA A 48 -0.28 8.83 3.30
N PHE A 49 -1.50 9.35 3.38
CA PHE A 49 -2.53 9.03 2.39
C PHE A 49 -1.95 8.96 0.99
N LYS A 50 -1.02 9.87 0.70
CA LYS A 50 -0.38 9.91 -0.61
C LYS A 50 0.35 8.60 -0.91
N ALA A 51 1.19 8.17 0.03
CA ALA A 51 1.93 6.93 -0.14
C ALA A 51 0.99 5.74 -0.30
N ILE A 52 -0.01 5.65 0.57
CA ILE A 52 -0.97 4.57 0.52
C ILE A 52 -1.34 4.23 -0.92
N GLY A 53 -1.91 5.20 -1.63
CA GLY A 53 -2.29 4.99 -3.01
C GLY A 53 -1.18 4.38 -3.84
N THR A 54 -0.04 5.07 -3.89
CA THR A 54 1.10 4.59 -4.65
C THR A 54 1.22 3.08 -4.59
N ALA A 55 0.79 2.51 -3.47
CA ALA A 55 0.84 1.06 -3.29
C ALA A 55 -0.37 0.38 -3.92
N TYR A 56 -1.56 0.84 -3.56
CA TYR A 56 -2.79 0.27 -4.08
C TYR A 56 -2.78 0.29 -5.61
N ALA A 57 -2.31 1.40 -6.18
CA ALA A 57 -2.24 1.55 -7.63
C ALA A 57 -1.39 0.44 -8.26
N VAL A 58 -0.35 0.03 -7.55
CA VAL A 58 0.54 -1.02 -8.04
C VAL A 58 -0.18 -2.36 -8.11
N LEU A 59 -0.53 -2.90 -6.95
CA LEU A 59 -1.22 -4.18 -6.89
C LEU A 59 -2.55 -4.12 -7.64
N SER A 60 -3.31 -3.07 -7.40
CA SER A 60 -4.60 -2.89 -8.05
C SER A 60 -4.49 -3.16 -9.55
N ASN A 61 -3.34 -2.81 -10.12
CA ASN A 61 -3.11 -3.00 -11.55
C ASN A 61 -2.40 -4.33 -11.80
N PRO A 62 -2.80 -5.03 -12.88
CA PRO A 62 -2.22 -6.31 -13.26
C PRO A 62 -0.79 -6.17 -13.77
N GLU A 63 -0.51 -5.05 -14.42
CA GLU A 63 0.82 -4.79 -14.95
C GLU A 63 1.80 -4.43 -13.84
N LYS A 64 1.38 -3.55 -12.95
CA LYS A 64 2.22 -3.12 -11.83
C LYS A 64 2.22 -4.18 -10.73
N ARG A 65 1.24 -5.07 -10.76
CA ARG A 65 1.13 -6.13 -9.75
C ARG A 65 1.96 -7.34 -10.15
N LYS A 66 1.73 -7.84 -11.36
CA LYS A 66 2.45 -9.00 -11.87
C LYS A 66 3.95 -8.86 -11.62
N GLN A 67 4.51 -7.73 -12.04
CA GLN A 67 5.94 -7.47 -11.85
C GLN A 67 6.31 -7.53 -10.38
N TYR A 68 5.46 -6.93 -9.53
CA TYR A 68 5.72 -6.91 -8.10
C TYR A 68 5.76 -8.33 -7.52
N ASP A 69 4.88 -9.19 -8.03
CA ASP A 69 4.82 -10.57 -7.57
C ASP A 69 6.01 -11.37 -8.11
N GLN A 70 6.23 -11.30 -9.41
CA GLN A 70 7.33 -12.02 -10.04
C GLN A 70 8.67 -11.58 -9.45
N PHE A 71 9.03 -10.32 -9.68
CA PHE A 71 10.29 -9.78 -9.16
C PHE A 71 10.21 -9.55 -7.66
N GLY A 72 9.34 -8.65 -7.24
CA GLY A 72 9.17 -8.36 -5.83
C GLY A 72 8.72 -9.57 -5.04
N SER A 73 7.74 -9.35 -4.15
CA SER A 73 7.21 -10.43 -3.32
C SER A 73 8.33 -11.34 -2.83
N GLY A 74 9.34 -10.74 -2.20
CA GLY A 74 10.45 -11.51 -1.68
C GLY A 74 10.71 -11.25 -0.21
N PRO A 75 11.19 -12.28 0.49
CA PRO A 75 11.49 -12.18 1.93
C PRO A 75 12.70 -11.29 2.21
N SER A 76 13.69 -11.35 1.33
CA SER A 76 14.90 -10.55 1.49
C SER A 76 14.89 -9.36 0.55
N SER A 77 15.80 -8.42 0.77
CA SER A 77 15.90 -7.22 -0.06
C SER A 77 17.33 -6.71 -0.12
N GLY A 78 17.78 -6.37 -1.32
CA GLY A 78 19.13 -5.87 -1.49
C GLY A 78 20.19 -6.94 -1.20
N GLY A 1 22.01 -5.79 10.13
CA GLY A 1 21.55 -6.76 11.12
C GLY A 1 20.04 -6.81 11.20
N SER A 2 19.54 -7.22 12.36
CA SER A 2 18.09 -7.33 12.57
C SER A 2 17.38 -6.10 12.03
N SER A 3 17.93 -4.93 12.31
CA SER A 3 17.34 -3.67 11.85
C SER A 3 17.20 -3.66 10.33
N GLY A 4 16.20 -2.93 9.84
CA GLY A 4 15.98 -2.85 8.41
C GLY A 4 14.81 -1.94 8.05
N SER A 5 14.36 -2.04 6.81
CA SER A 5 13.25 -1.22 6.34
C SER A 5 12.76 -1.68 4.98
N SER A 6 11.59 -2.31 4.95
CA SER A 6 11.01 -2.81 3.71
C SER A 6 9.65 -2.18 3.45
N GLY A 7 9.60 -1.25 2.51
CA GLY A 7 8.35 -0.58 2.18
C GLY A 7 7.51 -1.39 1.19
N ASP A 8 7.08 -2.57 1.61
CA ASP A 8 6.26 -3.42 0.76
C ASP A 8 4.82 -2.92 0.68
N TYR A 9 4.30 -2.82 -0.53
CA TYR A 9 2.93 -2.35 -0.74
C TYR A 9 1.95 -3.11 0.16
N TYR A 10 1.95 -4.43 0.03
CA TYR A 10 1.06 -5.27 0.84
C TYR A 10 0.99 -4.78 2.28
N GLU A 11 2.14 -4.35 2.81
CA GLU A 11 2.22 -3.86 4.17
C GLU A 11 1.58 -2.48 4.29
N ILE A 12 2.03 -1.55 3.45
CA ILE A 12 1.51 -0.19 3.47
C ILE A 12 -0.02 -0.19 3.59
N LEU A 13 -0.66 -1.15 2.91
CA LEU A 13 -2.11 -1.26 2.96
C LEU A 13 -2.57 -2.08 4.16
N GLY A 14 -1.84 -3.15 4.44
CA GLY A 14 -2.18 -4.00 5.57
C GLY A 14 -2.94 -5.24 5.15
N VAL A 15 -2.38 -6.00 4.23
CA VAL A 15 -3.02 -7.22 3.75
C VAL A 15 -1.99 -8.32 3.50
N SER A 16 -2.48 -9.52 3.19
CA SER A 16 -1.62 -10.66 2.94
C SER A 16 -1.11 -10.65 1.49
N ARG A 17 -0.11 -11.48 1.22
CA ARG A 17 0.46 -11.57 -0.12
C ARG A 17 -0.43 -12.41 -1.04
N GLY A 18 -1.21 -11.73 -1.88
CA GLY A 18 -2.09 -12.43 -2.79
C GLY A 18 -3.54 -12.07 -2.58
N ALA A 19 -3.78 -10.96 -1.88
CA ALA A 19 -5.14 -10.51 -1.61
C ALA A 19 -5.83 -10.06 -2.90
N SER A 20 -7.07 -10.50 -3.07
CA SER A 20 -7.84 -10.14 -4.26
C SER A 20 -8.14 -8.65 -4.29
N ASP A 21 -8.46 -8.14 -5.47
CA ASP A 21 -8.77 -6.72 -5.64
C ASP A 21 -9.60 -6.20 -4.46
N GLU A 22 -10.78 -6.77 -4.28
CA GLU A 22 -11.67 -6.35 -3.20
C GLU A 22 -10.89 -6.15 -1.91
N ASP A 23 -10.22 -7.20 -1.45
CA ASP A 23 -9.43 -7.13 -0.23
C ASP A 23 -8.56 -5.88 -0.20
N LEU A 24 -7.81 -5.67 -1.28
CA LEU A 24 -6.93 -4.50 -1.39
C LEU A 24 -7.73 -3.21 -1.30
N LYS A 25 -8.93 -3.23 -1.88
CA LYS A 25 -9.80 -2.06 -1.86
C LYS A 25 -10.19 -1.68 -0.43
N LYS A 26 -10.94 -2.57 0.22
CA LYS A 26 -11.37 -2.34 1.60
C LYS A 26 -10.22 -1.83 2.45
N ALA A 27 -9.12 -2.58 2.46
CA ALA A 27 -7.94 -2.21 3.24
C ALA A 27 -7.43 -0.83 2.83
N TYR A 28 -7.37 -0.60 1.52
CA TYR A 28 -6.88 0.67 0.99
C TYR A 28 -7.70 1.84 1.54
N ARG A 29 -9.00 1.79 1.31
CA ARG A 29 -9.89 2.84 1.79
C ARG A 29 -9.78 3.01 3.30
N ARG A 30 -10.05 1.93 4.02
CA ARG A 30 -9.98 1.95 5.48
C ARG A 30 -8.88 2.89 5.96
N LEU A 31 -7.80 2.96 5.18
CA LEU A 31 -6.67 3.81 5.52
C LEU A 31 -6.91 5.25 5.07
N ALA A 32 -7.06 5.43 3.75
CA ALA A 32 -7.31 6.75 3.19
C ALA A 32 -8.27 7.56 4.06
N LEU A 33 -9.39 6.93 4.41
CA LEU A 33 -10.40 7.59 5.24
C LEU A 33 -9.79 8.11 6.54
N LYS A 34 -8.81 7.37 7.06
CA LYS A 34 -8.15 7.76 8.30
C LYS A 34 -7.07 8.79 8.03
N PHE A 35 -6.50 8.75 6.82
CA PHE A 35 -5.45 9.69 6.44
C PHE A 35 -5.93 10.60 5.31
N HIS A 36 -7.23 10.87 5.29
CA HIS A 36 -7.81 11.74 4.26
C HIS A 36 -7.52 13.20 4.55
N PRO A 37 -7.22 13.97 3.49
CA PRO A 37 -6.92 15.40 3.61
C PRO A 37 -8.15 16.22 3.99
N ASP A 38 -9.23 16.03 3.25
CA ASP A 38 -10.47 16.75 3.50
C ASP A 38 -11.10 16.30 4.82
N LYS A 39 -10.94 15.02 5.13
CA LYS A 39 -11.50 14.47 6.37
C LYS A 39 -10.64 14.85 7.57
N ASN A 40 -9.43 14.30 7.63
CA ASN A 40 -8.52 14.60 8.73
C ASN A 40 -8.05 16.05 8.68
N HIS A 41 -7.91 16.66 9.85
CA HIS A 41 -7.48 18.04 9.93
C HIS A 41 -6.00 18.12 10.31
N ALA A 42 -5.27 17.04 10.04
CA ALA A 42 -3.84 16.99 10.35
C ALA A 42 -3.03 16.63 9.12
N PRO A 43 -1.88 17.29 8.95
CA PRO A 43 -0.98 17.06 7.81
C PRO A 43 -0.30 15.70 7.88
N GLY A 44 0.32 15.40 9.02
CA GLY A 44 0.99 14.14 9.19
C GLY A 44 0.18 12.96 8.69
N ALA A 45 -1.14 13.05 8.86
CA ALA A 45 -2.04 11.98 8.41
C ALA A 45 -2.05 11.87 6.90
N THR A 46 -2.45 12.95 6.23
CA THR A 46 -2.51 12.97 4.77
C THR A 46 -1.18 12.54 4.17
N GLU A 47 -0.09 13.15 4.65
CA GLU A 47 1.24 12.83 4.16
C GLU A 47 1.42 11.32 3.98
N ALA A 48 0.66 10.56 4.76
CA ALA A 48 0.74 9.10 4.70
C ALA A 48 -0.19 8.56 3.61
N PHE A 49 -1.36 9.16 3.47
CA PHE A 49 -2.33 8.73 2.47
C PHE A 49 -1.69 8.68 1.09
N LYS A 50 -0.92 9.71 0.76
CA LYS A 50 -0.25 9.79 -0.53
C LYS A 50 0.49 8.49 -0.84
N ALA A 51 1.26 8.02 0.13
CA ALA A 51 2.02 6.79 -0.04
C ALA A 51 1.10 5.60 -0.31
N ILE A 52 0.00 5.53 0.42
CA ILE A 52 -0.96 4.44 0.25
C ILE A 52 -1.36 4.29 -1.21
N GLY A 53 -2.02 5.31 -1.75
CA GLY A 53 -2.44 5.27 -3.14
C GLY A 53 -1.42 4.61 -4.04
N THR A 54 -0.18 5.11 -3.99
CA THR A 54 0.89 4.56 -4.81
C THR A 54 0.93 3.03 -4.73
N ALA A 55 0.78 2.50 -3.52
CA ALA A 55 0.79 1.06 -3.31
C ALA A 55 -0.44 0.41 -3.93
N TYR A 56 -1.62 0.83 -3.48
CA TYR A 56 -2.87 0.29 -4.00
C TYR A 56 -2.87 0.26 -5.52
N ALA A 57 -2.42 1.35 -6.13
CA ALA A 57 -2.37 1.45 -7.58
C ALA A 57 -1.55 0.31 -8.18
N VAL A 58 -0.45 -0.03 -7.53
CA VAL A 58 0.42 -1.10 -8.00
C VAL A 58 -0.33 -2.44 -8.04
N LEU A 59 -0.64 -2.97 -6.85
CA LEU A 59 -1.36 -4.23 -6.76
C LEU A 59 -2.67 -4.18 -7.53
N SER A 60 -3.48 -3.17 -7.23
CA SER A 60 -4.77 -3.01 -7.90
C SER A 60 -4.62 -3.18 -9.41
N ASN A 61 -3.43 -2.87 -9.92
CA ASN A 61 -3.16 -2.99 -11.35
C ASN A 61 -2.56 -4.35 -11.68
N PRO A 62 -2.87 -4.87 -12.87
CA PRO A 62 -2.36 -6.16 -13.33
C PRO A 62 -0.87 -6.11 -13.65
N GLU A 63 -0.46 -5.13 -14.44
CA GLU A 63 0.95 -4.98 -14.80
C GLU A 63 1.79 -4.64 -13.60
N LYS A 64 1.48 -3.51 -12.96
CA LYS A 64 2.21 -3.06 -11.79
C LYS A 64 2.30 -4.17 -10.74
N ARG A 65 1.29 -5.03 -10.71
CA ARG A 65 1.25 -6.13 -9.77
C ARG A 65 2.11 -7.30 -10.25
N LYS A 66 2.02 -7.59 -11.56
CA LYS A 66 2.78 -8.68 -12.15
C LYS A 66 4.24 -8.62 -11.72
N GLN A 67 4.92 -7.54 -12.08
CA GLN A 67 6.32 -7.36 -11.74
C GLN A 67 6.54 -7.52 -10.23
N TYR A 68 5.59 -7.01 -9.45
CA TYR A 68 5.68 -7.09 -8.00
C TYR A 68 5.75 -8.55 -7.55
N ASP A 69 5.15 -9.44 -8.33
CA ASP A 69 5.14 -10.86 -8.01
C ASP A 69 6.42 -11.53 -8.51
N GLN A 70 6.74 -11.32 -9.78
CA GLN A 70 7.94 -11.92 -10.37
C GLN A 70 9.20 -11.33 -9.75
N PHE A 71 9.35 -10.01 -9.87
CA PHE A 71 10.52 -9.32 -9.32
C PHE A 71 10.45 -9.26 -7.79
N GLY A 72 9.50 -8.47 -7.29
CA GLY A 72 9.35 -8.35 -5.85
C GLY A 72 8.79 -9.61 -5.21
N SER A 73 8.23 -9.46 -4.01
CA SER A 73 7.67 -10.59 -3.28
C SER A 73 8.64 -11.77 -3.27
N GLY A 74 9.92 -11.47 -3.05
CA GLY A 74 10.93 -12.51 -3.02
C GLY A 74 11.97 -12.27 -1.95
N PRO A 75 11.58 -12.47 -0.69
CA PRO A 75 12.47 -12.27 0.46
C PRO A 75 13.56 -13.34 0.53
N SER A 76 14.71 -13.05 -0.08
CA SER A 76 15.83 -13.97 -0.10
C SER A 76 17.07 -13.31 -0.68
N SER A 77 18.20 -14.02 -0.60
CA SER A 77 19.47 -13.50 -1.12
C SER A 77 19.79 -14.13 -2.48
N GLY A 78 18.77 -14.24 -3.33
CA GLY A 78 18.96 -14.82 -4.64
C GLY A 78 19.88 -13.99 -5.51
N GLY A 1 17.03 -14.10 7.81
CA GLY A 1 17.63 -12.80 7.97
C GLY A 1 16.69 -11.67 7.56
N SER A 2 16.31 -11.65 6.29
CA SER A 2 15.41 -10.62 5.77
C SER A 2 15.77 -9.25 6.35
N SER A 3 17.06 -8.97 6.43
CA SER A 3 17.54 -7.70 6.97
C SER A 3 17.23 -6.55 6.00
N GLY A 4 16.75 -5.44 6.55
CA GLY A 4 16.42 -4.29 5.73
C GLY A 4 14.97 -4.28 5.30
N SER A 5 14.12 -3.67 6.12
CA SER A 5 12.69 -3.59 5.82
C SER A 5 12.36 -2.30 5.07
N SER A 6 11.92 -2.45 3.83
CA SER A 6 11.57 -1.30 3.00
C SER A 6 10.12 -0.89 3.23
N GLY A 7 9.19 -1.81 2.94
CA GLY A 7 7.78 -1.52 3.13
C GLY A 7 6.94 -2.05 1.99
N ASP A 8 6.95 -3.36 1.80
CA ASP A 8 6.17 -3.98 0.74
C ASP A 8 4.81 -3.34 0.60
N TYR A 9 4.35 -3.17 -0.63
CA TYR A 9 3.05 -2.56 -0.89
C TYR A 9 1.96 -3.20 -0.04
N TYR A 10 1.92 -4.52 -0.06
CA TYR A 10 0.93 -5.25 0.72
C TYR A 10 0.92 -4.79 2.18
N GLU A 11 2.10 -4.50 2.70
CA GLU A 11 2.22 -4.05 4.08
C GLU A 11 1.66 -2.64 4.25
N ILE A 12 2.17 -1.71 3.46
CA ILE A 12 1.71 -0.32 3.51
C ILE A 12 0.19 -0.25 3.66
N LEU A 13 -0.51 -1.12 2.94
CA LEU A 13 -1.96 -1.16 2.98
C LEU A 13 -2.45 -1.90 4.23
N GLY A 14 -1.74 -2.95 4.60
CA GLY A 14 -2.11 -3.72 5.77
C GLY A 14 -2.82 -5.01 5.41
N VAL A 15 -2.30 -5.72 4.42
CA VAL A 15 -2.89 -6.98 3.98
C VAL A 15 -1.82 -8.05 3.82
N SER A 16 -2.25 -9.22 3.36
CA SER A 16 -1.32 -10.34 3.16
C SER A 16 -0.80 -10.37 1.73
N ARG A 17 0.29 -11.11 1.52
CA ARG A 17 0.90 -11.22 0.21
C ARG A 17 0.04 -12.09 -0.71
N GLY A 18 -0.71 -11.44 -1.59
CA GLY A 18 -1.56 -12.18 -2.52
C GLY A 18 -3.02 -11.80 -2.38
N ALA A 19 -3.28 -10.67 -1.73
CA ALA A 19 -4.66 -10.19 -1.53
C ALA A 19 -5.29 -9.80 -2.86
N SER A 20 -6.52 -10.27 -3.08
CA SER A 20 -7.24 -9.97 -4.32
C SER A 20 -7.54 -8.47 -4.41
N ASP A 21 -8.01 -8.05 -5.58
CA ASP A 21 -8.33 -6.65 -5.81
C ASP A 21 -9.22 -6.11 -4.69
N GLU A 22 -10.26 -6.87 -4.34
CA GLU A 22 -11.17 -6.46 -3.28
C GLU A 22 -10.42 -6.16 -1.99
N ASP A 23 -9.72 -7.17 -1.48
CA ASP A 23 -8.96 -7.03 -0.25
C ASP A 23 -8.09 -5.78 -0.29
N LEU A 24 -7.40 -5.58 -1.41
CA LEU A 24 -6.53 -4.42 -1.57
C LEU A 24 -7.34 -3.12 -1.53
N LYS A 25 -8.58 -3.19 -2.04
CA LYS A 25 -9.45 -2.03 -2.05
C LYS A 25 -10.01 -1.74 -0.66
N LYS A 26 -10.75 -2.70 -0.12
CA LYS A 26 -11.34 -2.56 1.21
C LYS A 26 -10.31 -2.04 2.21
N ALA A 27 -9.19 -2.75 2.30
CA ALA A 27 -8.12 -2.37 3.23
C ALA A 27 -7.59 -0.99 2.90
N TYR A 28 -7.36 -0.73 1.61
CA TYR A 28 -6.84 0.56 1.17
C TYR A 28 -7.74 1.70 1.65
N ARG A 29 -9.02 1.61 1.33
CA ARG A 29 -9.98 2.63 1.73
C ARG A 29 -9.87 2.92 3.23
N ARG A 30 -10.16 1.91 4.04
CA ARG A 30 -10.10 2.05 5.49
C ARG A 30 -8.98 3.01 5.89
N LEU A 31 -7.87 2.95 5.16
CA LEU A 31 -6.73 3.81 5.45
C LEU A 31 -6.98 5.23 4.96
N ALA A 32 -7.14 5.40 3.66
CA ALA A 32 -7.39 6.71 3.07
C ALA A 32 -8.39 7.50 3.92
N LEU A 33 -9.54 6.89 4.18
CA LEU A 33 -10.58 7.53 4.98
C LEU A 33 -10.02 8.04 6.31
N LYS A 34 -9.02 7.34 6.82
CA LYS A 34 -8.39 7.72 8.08
C LYS A 34 -7.28 8.75 7.85
N PHE A 35 -6.64 8.66 6.69
CA PHE A 35 -5.55 9.57 6.34
C PHE A 35 -5.97 10.51 5.22
N HIS A 36 -7.25 10.86 5.20
CA HIS A 36 -7.79 11.75 4.17
C HIS A 36 -7.57 13.22 4.55
N PRO A 37 -7.22 14.05 3.56
CA PRO A 37 -6.98 15.48 3.78
C PRO A 37 -8.27 16.24 4.10
N ASP A 38 -9.38 15.77 3.55
CA ASP A 38 -10.67 16.40 3.77
C ASP A 38 -11.21 16.05 5.15
N LYS A 39 -10.90 14.84 5.61
CA LYS A 39 -11.36 14.38 6.91
C LYS A 39 -10.34 14.71 8.00
N ASN A 40 -9.14 14.17 7.85
CA ASN A 40 -8.07 14.40 8.81
C ASN A 40 -7.73 15.89 8.89
N HIS A 41 -7.91 16.46 10.09
CA HIS A 41 -7.62 17.88 10.31
C HIS A 41 -6.17 18.08 10.70
N ALA A 42 -5.58 17.07 11.33
CA ALA A 42 -4.19 17.14 11.75
C ALA A 42 -3.25 16.69 10.63
N PRO A 43 -2.08 17.35 10.55
CA PRO A 43 -1.07 17.04 9.53
C PRO A 43 -0.41 15.68 9.77
N GLY A 44 0.52 15.32 8.89
CA GLY A 44 1.21 14.05 9.01
C GLY A 44 0.36 12.88 8.55
N ALA A 45 -0.88 12.83 9.01
CA ALA A 45 -1.79 11.76 8.64
C ALA A 45 -2.04 11.74 7.14
N THR A 46 -2.47 12.88 6.60
CA THR A 46 -2.76 12.99 5.18
C THR A 46 -1.50 12.70 4.35
N GLU A 47 -0.41 13.37 4.69
CA GLU A 47 0.85 13.19 3.97
C GLU A 47 1.13 11.70 3.76
N ALA A 48 0.73 10.88 4.71
CA ALA A 48 0.94 9.44 4.63
C ALA A 48 0.10 8.83 3.51
N PHE A 49 -1.12 9.31 3.36
CA PHE A 49 -2.02 8.81 2.33
C PHE A 49 -1.32 8.75 0.98
N LYS A 50 -0.71 9.86 0.59
CA LYS A 50 0.00 9.94 -0.68
C LYS A 50 0.77 8.64 -0.95
N ALA A 51 1.42 8.12 0.08
CA ALA A 51 2.18 6.88 -0.04
C ALA A 51 1.26 5.68 -0.25
N ILE A 52 0.26 5.56 0.61
CA ILE A 52 -0.70 4.46 0.53
C ILE A 52 -1.14 4.23 -0.92
N GLY A 53 -1.89 5.17 -1.46
CA GLY A 53 -2.37 5.04 -2.84
C GLY A 53 -1.31 4.44 -3.74
N THR A 54 -0.15 5.05 -3.79
CA THR A 54 0.94 4.58 -4.63
C THR A 54 1.05 3.06 -4.58
N ALA A 55 0.84 2.49 -3.40
CA ALA A 55 0.91 1.05 -3.21
C ALA A 55 -0.32 0.36 -3.78
N TYR A 56 -1.49 0.78 -3.33
CA TYR A 56 -2.75 0.21 -3.79
C TYR A 56 -2.79 0.16 -5.31
N ALA A 57 -2.38 1.26 -5.94
CA ALA A 57 -2.38 1.34 -7.40
C ALA A 57 -1.58 0.21 -8.02
N VAL A 58 -0.35 0.03 -7.54
CA VAL A 58 0.52 -1.03 -8.05
C VAL A 58 -0.20 -2.37 -8.06
N LEU A 59 -0.64 -2.82 -6.89
CA LEU A 59 -1.34 -4.09 -6.76
C LEU A 59 -2.70 -4.02 -7.45
N SER A 60 -3.26 -2.82 -7.54
CA SER A 60 -4.55 -2.63 -8.17
C SER A 60 -4.49 -2.96 -9.67
N ASN A 61 -3.38 -2.60 -10.29
CA ASN A 61 -3.19 -2.86 -11.71
C ASN A 61 -2.58 -4.24 -11.94
N PRO A 62 -3.05 -4.93 -12.98
CA PRO A 62 -2.56 -6.27 -13.33
C PRO A 62 -1.13 -6.24 -13.88
N GLU A 63 -0.73 -5.10 -14.45
CA GLU A 63 0.60 -4.95 -15.00
C GLU A 63 1.60 -4.57 -13.91
N LYS A 64 1.17 -3.69 -13.00
CA LYS A 64 2.02 -3.24 -11.91
C LYS A 64 2.05 -4.27 -10.78
N ARG A 65 1.06 -5.16 -10.77
CA ARG A 65 0.98 -6.20 -9.75
C ARG A 65 1.85 -7.39 -10.12
N LYS A 66 1.73 -7.86 -11.35
CA LYS A 66 2.50 -8.99 -11.82
C LYS A 66 3.99 -8.75 -11.63
N GLN A 67 4.44 -7.55 -11.97
CA GLN A 67 5.85 -7.20 -11.83
C GLN A 67 6.27 -7.21 -10.36
N TYR A 68 5.36 -6.81 -9.48
CA TYR A 68 5.64 -6.78 -8.06
C TYR A 68 5.62 -8.18 -7.46
N ASP A 69 4.79 -9.05 -8.03
CA ASP A 69 4.68 -10.43 -7.56
C ASP A 69 5.86 -11.27 -8.07
N GLN A 70 6.24 -11.03 -9.32
CA GLN A 70 7.35 -11.77 -9.92
C GLN A 70 8.69 -11.35 -9.32
N PHE A 71 8.92 -10.05 -9.25
CA PHE A 71 10.15 -9.51 -8.68
C PHE A 71 9.88 -8.75 -7.39
N GLY A 72 9.19 -7.62 -7.52
CA GLY A 72 8.88 -6.81 -6.35
C GLY A 72 9.60 -5.47 -6.37
N SER A 73 9.96 -4.99 -5.18
CA SER A 73 10.66 -3.72 -5.05
C SER A 73 11.85 -3.83 -4.11
N GLY A 74 12.82 -2.94 -4.28
CA GLY A 74 14.00 -2.96 -3.43
C GLY A 74 14.31 -1.61 -2.83
N PRO A 75 15.29 -1.56 -1.92
CA PRO A 75 15.69 -0.33 -1.24
C PRO A 75 16.39 0.65 -2.18
N SER A 76 15.64 1.63 -2.68
CA SER A 76 16.19 2.62 -3.59
C SER A 76 17.30 3.42 -2.92
N SER A 77 18.30 3.81 -3.72
CA SER A 77 19.43 4.57 -3.19
C SER A 77 19.76 5.74 -4.12
N GLY A 78 20.09 6.88 -3.52
CA GLY A 78 20.42 8.06 -4.30
C GLY A 78 21.87 8.47 -4.15
N GLY A 1 10.68 -7.85 18.88
CA GLY A 1 10.18 -7.78 17.52
C GLY A 1 11.00 -6.88 16.64
N SER A 2 12.10 -7.42 16.12
CA SER A 2 12.99 -6.65 15.25
C SER A 2 12.74 -6.98 13.79
N SER A 3 11.96 -6.14 13.11
CA SER A 3 11.64 -6.34 11.70
C SER A 3 12.64 -5.62 10.81
N GLY A 4 13.04 -6.29 9.72
CA GLY A 4 13.99 -5.69 8.80
C GLY A 4 13.41 -4.51 8.06
N SER A 5 14.20 -3.44 7.95
CA SER A 5 13.76 -2.24 7.26
C SER A 5 13.34 -2.54 5.83
N SER A 6 12.08 -2.27 5.52
CA SER A 6 11.55 -2.53 4.18
C SER A 6 10.13 -1.97 4.04
N GLY A 7 9.75 -1.65 2.81
CA GLY A 7 8.42 -1.11 2.57
C GLY A 7 7.70 -1.84 1.46
N ASP A 8 6.94 -2.87 1.83
CA ASP A 8 6.19 -3.66 0.86
C ASP A 8 4.77 -3.12 0.70
N TYR A 9 4.30 -3.08 -0.54
CA TYR A 9 2.95 -2.59 -0.83
C TYR A 9 1.92 -3.26 0.07
N TYR A 10 1.91 -4.59 0.06
CA TYR A 10 0.97 -5.35 0.86
C TYR A 10 0.94 -4.85 2.31
N GLU A 11 2.11 -4.45 2.80
CA GLU A 11 2.23 -3.95 4.16
C GLU A 11 1.58 -2.57 4.29
N ILE A 12 2.05 -1.63 3.48
CA ILE A 12 1.53 -0.27 3.49
C ILE A 12 0.01 -0.26 3.67
N LEU A 13 -0.66 -1.17 2.96
CA LEU A 13 -2.11 -1.28 3.04
C LEU A 13 -2.53 -2.08 4.26
N GLY A 14 -1.75 -3.11 4.58
CA GLY A 14 -2.06 -3.94 5.74
C GLY A 14 -2.83 -5.19 5.37
N VAL A 15 -2.29 -5.95 4.41
CA VAL A 15 -2.94 -7.17 3.96
C VAL A 15 -1.91 -8.26 3.70
N SER A 16 -2.39 -9.47 3.40
CA SER A 16 -1.51 -10.60 3.14
C SER A 16 -0.98 -10.56 1.70
N ARG A 17 0.06 -11.34 1.43
CA ARG A 17 0.65 -11.39 0.11
C ARG A 17 -0.18 -12.25 -0.84
N GLY A 18 -0.94 -11.59 -1.70
CA GLY A 18 -1.78 -12.31 -2.64
C GLY A 18 -3.24 -11.96 -2.51
N ALA A 19 -3.52 -10.84 -1.85
CA ALA A 19 -4.89 -10.38 -1.64
C ALA A 19 -5.53 -9.97 -2.96
N SER A 20 -6.79 -10.34 -3.15
CA SER A 20 -7.52 -10.02 -4.37
C SER A 20 -7.84 -8.52 -4.42
N ASP A 21 -8.20 -8.04 -5.61
CA ASP A 21 -8.54 -6.64 -5.79
C ASP A 21 -9.52 -6.17 -4.72
N GLU A 22 -10.61 -6.91 -4.55
CA GLU A 22 -11.63 -6.57 -3.57
C GLU A 22 -10.98 -6.23 -2.23
N ASP A 23 -10.33 -7.21 -1.62
CA ASP A 23 -9.67 -7.01 -0.34
C ASP A 23 -8.82 -5.74 -0.35
N LEU A 24 -7.83 -5.70 -1.24
CA LEU A 24 -6.95 -4.55 -1.35
C LEU A 24 -7.73 -3.25 -1.18
N LYS A 25 -8.86 -3.15 -1.87
CA LYS A 25 -9.70 -1.96 -1.78
C LYS A 25 -10.14 -1.70 -0.36
N LYS A 26 -10.94 -2.62 0.19
CA LYS A 26 -11.44 -2.49 1.55
C LYS A 26 -10.36 -1.94 2.48
N ALA A 27 -9.19 -2.58 2.47
CA ALA A 27 -8.08 -2.14 3.30
C ALA A 27 -7.63 -0.73 2.94
N TYR A 28 -7.43 -0.49 1.64
CA TYR A 28 -7.01 0.82 1.16
C TYR A 28 -7.94 1.91 1.69
N ARG A 29 -9.24 1.73 1.49
CA ARG A 29 -10.22 2.69 1.93
C ARG A 29 -10.08 2.98 3.42
N ARG A 30 -10.31 1.96 4.25
CA ARG A 30 -10.19 2.10 5.69
C ARG A 30 -9.05 3.04 6.06
N LEU A 31 -7.96 2.96 5.29
CA LEU A 31 -6.80 3.80 5.54
C LEU A 31 -7.02 5.21 5.00
N ALA A 32 -7.25 5.31 3.70
CA ALA A 32 -7.49 6.59 3.05
C ALA A 32 -8.31 7.51 3.94
N LEU A 33 -9.44 7.01 4.42
CA LEU A 33 -10.32 7.79 5.28
C LEU A 33 -9.58 8.24 6.55
N LYS A 34 -8.74 7.37 7.07
CA LYS A 34 -7.97 7.68 8.29
C LYS A 34 -6.82 8.62 7.95
N PHE A 35 -6.37 8.59 6.71
CA PHE A 35 -5.27 9.44 6.27
C PHE A 35 -5.74 10.47 5.24
N HIS A 36 -7.04 10.73 5.25
CA HIS A 36 -7.63 11.69 4.32
C HIS A 36 -7.42 13.12 4.80
N PRO A 37 -7.13 14.03 3.87
CA PRO A 37 -6.89 15.45 4.18
C PRO A 37 -8.17 16.17 4.62
N ASP A 38 -9.30 15.67 4.15
CA ASP A 38 -10.59 16.26 4.50
C ASP A 38 -11.10 15.71 5.83
N LYS A 39 -11.01 14.39 5.99
CA LYS A 39 -11.46 13.73 7.21
C LYS A 39 -10.47 13.97 8.34
N ASN A 40 -9.21 13.64 8.11
CA ASN A 40 -8.17 13.80 9.12
C ASN A 40 -7.58 15.20 9.05
N HIS A 41 -7.68 15.94 10.14
CA HIS A 41 -7.15 17.30 10.22
C HIS A 41 -5.69 17.29 10.68
N ALA A 42 -4.94 16.29 10.22
CA ALA A 42 -3.53 16.17 10.59
C ALA A 42 -2.64 16.05 9.36
N PRO A 43 -1.50 16.73 9.38
CA PRO A 43 -0.53 16.71 8.27
C PRO A 43 0.16 15.36 8.13
N GLY A 44 0.71 14.87 9.23
CA GLY A 44 1.40 13.59 9.20
C GLY A 44 0.50 12.46 8.72
N ALA A 45 -0.80 12.59 8.97
CA ALA A 45 -1.75 11.57 8.55
C ALA A 45 -1.99 11.62 7.05
N THR A 46 -2.20 12.82 6.52
CA THR A 46 -2.44 13.00 5.10
C THR A 46 -1.17 12.73 4.29
N GLU A 47 -0.03 13.18 4.81
CA GLU A 47 1.24 12.98 4.14
C GLU A 47 1.49 11.50 3.88
N ALA A 48 0.79 10.65 4.60
CA ALA A 48 0.94 9.20 4.44
C ALA A 48 0.05 8.68 3.32
N PHE A 49 -1.17 9.20 3.24
CA PHE A 49 -2.11 8.79 2.21
C PHE A 49 -1.44 8.76 0.84
N LYS A 50 -0.67 9.81 0.54
CA LYS A 50 0.03 9.90 -0.74
C LYS A 50 0.81 8.62 -1.04
N ALA A 51 1.35 8.01 0.01
CA ALA A 51 2.12 6.77 -0.13
C ALA A 51 1.19 5.59 -0.38
N ILE A 52 0.13 5.49 0.41
CA ILE A 52 -0.83 4.39 0.27
C ILE A 52 -1.28 4.25 -1.19
N GLY A 53 -2.04 5.23 -1.67
CA GLY A 53 -2.53 5.19 -3.03
C GLY A 53 -1.53 4.56 -3.98
N THR A 54 -0.26 4.93 -3.83
CA THR A 54 0.80 4.40 -4.69
C THR A 54 0.80 2.88 -4.67
N ALA A 55 0.79 2.30 -3.48
CA ALA A 55 0.79 0.84 -3.33
C ALA A 55 -0.43 0.23 -4.01
N TYR A 56 -1.61 0.59 -3.52
CA TYR A 56 -2.86 0.06 -4.08
C TYR A 56 -2.89 0.24 -5.59
N ALA A 57 -2.39 1.38 -6.07
CA ALA A 57 -2.37 1.66 -7.49
C ALA A 57 -1.54 0.62 -8.25
N VAL A 58 -0.57 0.03 -7.56
CA VAL A 58 0.29 -0.99 -8.16
C VAL A 58 -0.41 -2.34 -8.20
N LEU A 59 -0.75 -2.85 -7.02
CA LEU A 59 -1.42 -4.15 -6.92
C LEU A 59 -2.77 -4.12 -7.64
N SER A 60 -3.54 -3.07 -7.38
CA SER A 60 -4.85 -2.93 -8.00
C SER A 60 -4.79 -3.25 -9.50
N ASN A 61 -3.62 -3.01 -10.09
CA ASN A 61 -3.43 -3.27 -11.52
C ASN A 61 -2.79 -4.63 -11.74
N PRO A 62 -3.15 -5.28 -12.86
CA PRO A 62 -2.63 -6.61 -13.21
C PRO A 62 -1.16 -6.56 -13.60
N GLU A 63 -0.81 -5.62 -14.47
CA GLU A 63 0.57 -5.46 -14.92
C GLU A 63 1.46 -4.97 -13.79
N LYS A 64 1.18 -3.76 -13.30
CA LYS A 64 1.96 -3.18 -12.22
C LYS A 64 2.16 -4.18 -11.09
N ARG A 65 1.22 -5.10 -10.94
CA ARG A 65 1.30 -6.12 -9.89
C ARG A 65 2.27 -7.22 -10.29
N LYS A 66 2.24 -7.61 -11.57
CA LYS A 66 3.12 -8.66 -12.07
C LYS A 66 4.56 -8.40 -11.67
N GLN A 67 5.09 -7.24 -12.08
CA GLN A 67 6.46 -6.88 -11.75
C GLN A 67 6.73 -7.00 -10.24
N TYR A 68 5.70 -6.70 -9.45
CA TYR A 68 5.83 -6.78 -8.00
C TYR A 68 5.91 -8.24 -7.54
N ASP A 69 4.97 -9.05 -8.00
CA ASP A 69 4.93 -10.47 -7.64
C ASP A 69 6.24 -11.16 -8.04
N GLN A 70 6.86 -10.67 -9.11
CA GLN A 70 8.10 -11.25 -9.60
C GLN A 70 9.29 -10.66 -8.85
N PHE A 71 9.46 -9.35 -8.93
CA PHE A 71 10.56 -8.67 -8.27
C PHE A 71 10.12 -8.11 -6.91
N GLY A 72 9.13 -7.23 -6.93
CA GLY A 72 8.64 -6.63 -5.70
C GLY A 72 8.66 -7.61 -4.54
N SER A 73 7.55 -8.33 -4.36
CA SER A 73 7.44 -9.30 -3.28
C SER A 73 8.41 -10.46 -3.49
N GLY A 74 9.66 -10.24 -3.10
CA GLY A 74 10.67 -11.28 -3.25
C GLY A 74 11.06 -11.92 -1.93
N PRO A 75 10.26 -12.90 -1.49
CA PRO A 75 10.49 -13.61 -0.22
C PRO A 75 11.72 -14.50 -0.29
N SER A 76 12.05 -14.97 -1.49
CA SER A 76 13.20 -15.85 -1.68
C SER A 76 14.47 -15.03 -1.90
N SER A 77 15.60 -15.59 -1.50
CA SER A 77 16.89 -14.91 -1.66
C SER A 77 16.94 -13.65 -0.80
N GLY A 78 16.41 -13.74 0.41
CA GLY A 78 16.40 -12.60 1.32
C GLY A 78 15.73 -12.91 2.63
N GLY A 1 4.92 0.03 19.10
CA GLY A 1 6.16 -0.43 18.50
C GLY A 1 5.95 -1.05 17.13
N SER A 2 6.26 -0.28 16.09
CA SER A 2 6.09 -0.74 14.71
C SER A 2 6.66 -2.15 14.55
N SER A 3 5.81 -3.06 14.09
CA SER A 3 6.21 -4.46 13.88
C SER A 3 6.31 -4.78 12.39
N GLY A 4 6.72 -6.01 12.09
CA GLY A 4 6.86 -6.43 10.71
C GLY A 4 7.81 -5.55 9.92
N SER A 5 7.63 -5.49 8.61
CA SER A 5 8.49 -4.68 7.75
C SER A 5 7.95 -3.26 7.62
N SER A 6 6.66 -3.15 7.31
CA SER A 6 6.03 -1.84 7.15
C SER A 6 6.61 -1.09 5.96
N GLY A 7 6.78 -1.80 4.85
CA GLY A 7 7.32 -1.18 3.65
C GLY A 7 6.67 -1.69 2.39
N ASP A 8 6.57 -3.01 2.26
CA ASP A 8 5.96 -3.63 1.09
C ASP A 8 4.54 -3.11 0.89
N TYR A 9 4.13 -2.97 -0.37
CA TYR A 9 2.80 -2.49 -0.69
C TYR A 9 1.74 -3.18 0.17
N TYR A 10 1.73 -4.50 0.12
CA TYR A 10 0.77 -5.29 0.90
C TYR A 10 0.72 -4.80 2.35
N GLU A 11 1.89 -4.50 2.90
CA GLU A 11 1.98 -4.03 4.27
C GLU A 11 1.38 -2.63 4.41
N ILE A 12 1.89 -1.69 3.63
CA ILE A 12 1.40 -0.32 3.67
C ILE A 12 -0.12 -0.28 3.81
N LEU A 13 -0.80 -1.15 3.08
CA LEU A 13 -2.26 -1.22 3.13
C LEU A 13 -2.73 -1.95 4.39
N GLY A 14 -2.07 -3.07 4.70
CA GLY A 14 -2.44 -3.83 5.88
C GLY A 14 -3.11 -5.14 5.52
N VAL A 15 -2.59 -5.82 4.50
CA VAL A 15 -3.15 -7.09 4.07
C VAL A 15 -2.05 -8.13 3.85
N SER A 16 -2.45 -9.35 3.51
CA SER A 16 -1.50 -10.43 3.28
C SER A 16 -0.95 -10.38 1.86
N ARG A 17 0.13 -11.13 1.62
CA ARG A 17 0.75 -11.16 0.30
C ARG A 17 -0.06 -12.01 -0.67
N GLY A 18 -0.87 -11.35 -1.49
CA GLY A 18 -1.69 -12.06 -2.45
C GLY A 18 -3.17 -11.75 -2.29
N ALA A 19 -3.47 -10.66 -1.60
CA ALA A 19 -4.85 -10.25 -1.38
C ALA A 19 -5.51 -9.81 -2.69
N SER A 20 -6.70 -10.34 -2.96
CA SER A 20 -7.42 -10.00 -4.18
C SER A 20 -7.76 -8.52 -4.23
N ASP A 21 -7.91 -8.00 -5.43
CA ASP A 21 -8.24 -6.58 -5.61
C ASP A 21 -9.29 -6.14 -4.61
N GLU A 22 -10.28 -7.00 -4.37
CA GLU A 22 -11.35 -6.69 -3.43
C GLU A 22 -10.80 -6.32 -2.06
N ASP A 23 -9.94 -7.19 -1.52
CA ASP A 23 -9.34 -6.95 -0.22
C ASP A 23 -8.51 -5.67 -0.22
N LEU A 24 -7.55 -5.58 -1.15
CA LEU A 24 -6.70 -4.41 -1.26
C LEU A 24 -7.53 -3.13 -1.29
N LYS A 25 -8.71 -3.21 -1.89
CA LYS A 25 -9.60 -2.07 -1.98
C LYS A 25 -10.12 -1.66 -0.61
N LYS A 26 -11.01 -2.48 -0.06
CA LYS A 26 -11.59 -2.21 1.25
C LYS A 26 -10.52 -1.70 2.22
N ALA A 27 -9.45 -2.48 2.37
CA ALA A 27 -8.36 -2.11 3.26
C ALA A 27 -7.78 -0.75 2.90
N TYR A 28 -7.46 -0.58 1.62
CA TYR A 28 -6.89 0.69 1.14
C TYR A 28 -7.74 1.87 1.59
N ARG A 29 -9.04 1.80 1.30
CA ARG A 29 -9.96 2.87 1.67
C ARG A 29 -9.93 3.10 3.19
N ARG A 30 -10.23 2.05 3.94
CA ARG A 30 -10.24 2.14 5.40
C ARG A 30 -9.13 3.05 5.90
N LEU A 31 -8.04 3.13 5.14
CA LEU A 31 -6.90 3.96 5.50
C LEU A 31 -7.08 5.39 4.99
N ALA A 32 -7.28 5.51 3.68
CA ALA A 32 -7.47 6.81 3.06
C ALA A 32 -8.29 7.73 3.95
N LEU A 33 -9.39 7.20 4.47
CA LEU A 33 -10.28 7.98 5.35
C LEU A 33 -9.55 8.38 6.62
N LYS A 34 -8.78 7.46 7.18
CA LYS A 34 -8.02 7.72 8.40
C LYS A 34 -6.79 8.57 8.11
N PHE A 35 -6.47 8.72 6.84
CA PHE A 35 -5.31 9.51 6.42
C PHE A 35 -5.72 10.59 5.43
N HIS A 36 -7.01 10.88 5.37
CA HIS A 36 -7.54 11.90 4.46
C HIS A 36 -7.27 13.30 5.01
N PRO A 37 -6.92 14.23 4.11
CA PRO A 37 -6.63 15.61 4.48
C PRO A 37 -7.90 16.37 4.91
N ASP A 38 -9.05 15.76 4.67
CA ASP A 38 -10.33 16.37 5.02
C ASP A 38 -10.96 15.66 6.22
N LYS A 39 -11.27 14.39 6.04
CA LYS A 39 -11.87 13.60 7.11
C LYS A 39 -11.02 13.65 8.38
N ASN A 40 -9.74 13.90 8.21
CA ASN A 40 -8.81 13.98 9.34
C ASN A 40 -8.50 15.43 9.68
N HIS A 41 -7.80 15.64 10.78
CA HIS A 41 -7.43 16.98 11.23
C HIS A 41 -5.91 17.18 11.15
N ALA A 42 -5.17 16.20 11.66
CA ALA A 42 -3.72 16.27 11.65
C ALA A 42 -3.17 16.02 10.25
N PRO A 43 -2.12 16.78 9.88
CA PRO A 43 -1.48 16.67 8.57
C PRO A 43 -0.71 15.36 8.42
N GLY A 44 0.14 15.06 9.39
CA GLY A 44 0.92 13.83 9.35
C GLY A 44 0.17 12.69 8.68
N ALA A 45 -1.11 12.55 9.01
CA ALA A 45 -1.93 11.50 8.44
C ALA A 45 -1.93 11.56 6.92
N THR A 46 -2.20 12.74 6.38
CA THR A 46 -2.24 12.94 4.94
C THR A 46 -0.91 12.55 4.30
N GLU A 47 0.19 12.98 4.91
CA GLU A 47 1.51 12.67 4.39
C GLU A 47 1.65 11.18 4.08
N ALA A 48 0.77 10.38 4.67
CA ALA A 48 0.77 8.94 4.44
C ALA A 48 -0.11 8.56 3.27
N PHE A 49 -1.29 9.17 3.19
CA PHE A 49 -2.24 8.89 2.12
C PHE A 49 -1.53 8.85 0.77
N LYS A 50 -0.65 9.83 0.55
CA LYS A 50 0.09 9.91 -0.70
C LYS A 50 0.86 8.61 -0.97
N ALA A 51 1.33 7.99 0.10
CA ALA A 51 2.07 6.74 -0.01
C ALA A 51 1.14 5.56 -0.22
N ILE A 52 0.03 5.55 0.52
CA ILE A 52 -0.95 4.47 0.42
C ILE A 52 -1.36 4.24 -1.02
N GLY A 53 -2.12 5.19 -1.58
CA GLY A 53 -2.57 5.08 -2.95
C GLY A 53 -1.52 4.43 -3.85
N THR A 54 -0.30 4.94 -3.80
CA THR A 54 0.79 4.42 -4.61
C THR A 54 0.78 2.90 -4.62
N ALA A 55 0.73 2.30 -3.44
CA ALA A 55 0.72 0.85 -3.31
C ALA A 55 -0.54 0.25 -3.95
N TYR A 56 -1.70 0.72 -3.50
CA TYR A 56 -2.97 0.23 -4.01
C TYR A 56 -2.96 0.20 -5.54
N ALA A 57 -2.55 1.31 -6.15
CA ALA A 57 -2.49 1.40 -7.60
C ALA A 57 -1.71 0.24 -8.20
N VAL A 58 -0.47 0.07 -7.75
CA VAL A 58 0.38 -1.01 -8.24
C VAL A 58 -0.33 -2.35 -8.15
N LEU A 59 -0.53 -2.83 -6.93
CA LEU A 59 -1.21 -4.11 -6.71
C LEU A 59 -2.55 -4.14 -7.41
N SER A 60 -3.44 -3.24 -7.01
CA SER A 60 -4.78 -3.16 -7.60
C SER A 60 -4.73 -3.52 -9.09
N ASN A 61 -3.66 -3.10 -9.75
CA ASN A 61 -3.49 -3.38 -11.18
C ASN A 61 -2.81 -4.71 -11.39
N PRO A 62 -3.25 -5.45 -12.43
CA PRO A 62 -2.69 -6.77 -12.77
C PRO A 62 -1.27 -6.65 -13.34
N GLU A 63 -1.10 -5.75 -14.30
CA GLU A 63 0.20 -5.55 -14.93
C GLU A 63 1.24 -5.11 -13.91
N LYS A 64 0.98 -3.98 -13.26
CA LYS A 64 1.89 -3.46 -12.24
C LYS A 64 2.16 -4.50 -11.17
N ARG A 65 1.15 -5.30 -10.85
CA ARG A 65 1.30 -6.33 -9.83
C ARG A 65 2.28 -7.40 -10.28
N LYS A 66 2.22 -7.76 -11.55
CA LYS A 66 3.10 -8.77 -12.11
C LYS A 66 4.56 -8.48 -11.77
N GLN A 67 5.06 -7.34 -12.26
CA GLN A 67 6.43 -6.94 -11.99
C GLN A 67 6.73 -6.94 -10.50
N TYR A 68 5.72 -6.59 -9.70
CA TYR A 68 5.88 -6.55 -8.25
C TYR A 68 5.95 -7.95 -7.67
N ASP A 69 5.31 -8.89 -8.35
CA ASP A 69 5.30 -10.28 -7.90
C ASP A 69 6.54 -11.02 -8.38
N GLN A 70 7.08 -10.59 -9.52
CA GLN A 70 8.26 -11.20 -10.08
C GLN A 70 9.53 -10.65 -9.44
N PHE A 71 9.66 -9.33 -9.45
CA PHE A 71 10.82 -8.67 -8.86
C PHE A 71 10.44 -7.91 -7.60
N GLY A 72 9.75 -6.78 -7.78
CA GLY A 72 9.33 -5.97 -6.66
C GLY A 72 9.19 -4.51 -7.02
N SER A 73 9.94 -3.65 -6.33
CA SER A 73 9.89 -2.22 -6.59
C SER A 73 11.22 -1.70 -7.11
N GLY A 74 11.35 -1.65 -8.43
CA GLY A 74 12.59 -1.18 -9.03
C GLY A 74 13.81 -1.77 -8.38
N PRO A 75 14.97 -1.10 -8.56
CA PRO A 75 16.24 -1.54 -7.99
C PRO A 75 16.28 -1.41 -6.46
N SER A 76 16.24 -2.55 -5.78
CA SER A 76 16.27 -2.56 -4.32
C SER A 76 17.57 -3.15 -3.79
N SER A 77 18.08 -2.59 -2.71
CA SER A 77 19.32 -3.06 -2.11
C SER A 77 19.09 -3.53 -0.67
N GLY A 78 18.32 -2.74 0.08
CA GLY A 78 18.04 -3.09 1.46
C GLY A 78 18.15 -1.89 2.38
N GLY A 1 9.25 -6.57 5.78
CA GLY A 1 9.73 -7.28 6.95
C GLY A 1 10.17 -6.35 8.06
N SER A 2 10.20 -6.86 9.28
CA SER A 2 10.59 -6.07 10.44
C SER A 2 11.89 -5.31 10.16
N SER A 3 12.94 -6.05 9.82
CA SER A 3 14.23 -5.44 9.52
C SER A 3 14.67 -5.76 8.10
N GLY A 4 15.11 -4.74 7.38
CA GLY A 4 15.56 -4.92 6.01
C GLY A 4 14.42 -4.92 5.02
N SER A 5 13.94 -3.74 4.68
CA SER A 5 12.83 -3.60 3.74
C SER A 5 12.57 -2.12 3.43
N SER A 6 12.52 -1.80 2.13
CA SER A 6 12.28 -0.43 1.71
C SER A 6 10.87 0.03 2.11
N GLY A 7 9.89 -0.82 1.85
CA GLY A 7 8.52 -0.49 2.19
C GLY A 7 7.52 -1.19 1.30
N ASP A 8 7.55 -2.51 1.30
CA ASP A 8 6.63 -3.31 0.49
C ASP A 8 5.25 -2.67 0.46
N TYR A 9 4.61 -2.72 -0.71
CA TYR A 9 3.28 -2.14 -0.88
C TYR A 9 2.25 -2.86 -0.01
N TYR A 10 2.09 -4.16 -0.25
CA TYR A 10 1.14 -4.96 0.50
C TYR A 10 1.09 -4.52 1.96
N GLU A 11 2.26 -4.22 2.53
CA GLU A 11 2.35 -3.79 3.91
C GLU A 11 1.68 -2.44 4.10
N ILE A 12 2.11 -1.46 3.31
CA ILE A 12 1.55 -0.11 3.39
C ILE A 12 0.04 -0.15 3.58
N LEU A 13 -0.62 -1.05 2.84
CA LEU A 13 -2.07 -1.19 2.94
C LEU A 13 -2.46 -2.10 4.10
N GLY A 14 -1.59 -3.06 4.41
CA GLY A 14 -1.86 -3.97 5.51
C GLY A 14 -2.58 -5.23 5.05
N VAL A 15 -2.00 -5.91 4.08
CA VAL A 15 -2.59 -7.15 3.54
C VAL A 15 -1.51 -8.17 3.20
N SER A 16 -1.94 -9.40 2.95
CA SER A 16 -1.02 -10.47 2.60
C SER A 16 -0.58 -10.36 1.14
N ARG A 17 0.47 -11.10 0.79
CA ARG A 17 1.00 -11.08 -0.57
C ARG A 17 0.15 -11.97 -1.48
N GLY A 18 -0.71 -11.35 -2.28
CA GLY A 18 -1.56 -12.11 -3.18
C GLY A 18 -3.03 -11.82 -2.97
N ALA A 19 -3.33 -10.73 -2.27
CA ALA A 19 -4.71 -10.34 -1.99
C ALA A 19 -5.42 -9.93 -3.26
N SER A 20 -6.71 -10.23 -3.35
CA SER A 20 -7.51 -9.90 -4.51
C SER A 20 -7.82 -8.40 -4.55
N ASP A 21 -8.33 -7.93 -5.68
CA ASP A 21 -8.66 -6.52 -5.85
C ASP A 21 -9.61 -6.06 -4.74
N GLU A 22 -10.59 -6.90 -4.41
CA GLU A 22 -11.56 -6.57 -3.38
C GLU A 22 -10.86 -6.30 -2.04
N ASP A 23 -9.97 -7.22 -1.66
CA ASP A 23 -9.24 -7.09 -0.40
C ASP A 23 -8.41 -5.80 -0.39
N LEU A 24 -7.58 -5.62 -1.42
CA LEU A 24 -6.74 -4.44 -1.53
C LEU A 24 -7.57 -3.17 -1.43
N LYS A 25 -8.69 -3.13 -2.14
CA LYS A 25 -9.57 -1.98 -2.12
C LYS A 25 -10.11 -1.72 -0.72
N LYS A 26 -10.86 -2.68 -0.19
CA LYS A 26 -11.43 -2.55 1.14
C LYS A 26 -10.41 -1.94 2.12
N ALA A 27 -9.26 -2.60 2.24
CA ALA A 27 -8.21 -2.12 3.14
C ALA A 27 -7.75 -0.73 2.74
N TYR A 28 -7.46 -0.55 1.45
CA TYR A 28 -7.01 0.75 0.95
C TYR A 28 -7.93 1.87 1.41
N ARG A 29 -9.23 1.67 1.23
CA ARG A 29 -10.22 2.66 1.61
C ARG A 29 -10.16 2.93 3.12
N ARG A 30 -10.52 1.94 3.92
CA ARG A 30 -10.51 2.07 5.37
C ARG A 30 -9.29 2.85 5.82
N LEU A 31 -8.23 2.82 5.02
CA LEU A 31 -7.00 3.53 5.35
C LEU A 31 -7.08 4.99 4.90
N ALA A 32 -7.17 5.19 3.59
CA ALA A 32 -7.26 6.54 3.03
C ALA A 32 -8.14 7.44 3.89
N LEU A 33 -9.25 6.88 4.37
CA LEU A 33 -10.17 7.63 5.21
C LEU A 33 -9.54 7.99 6.55
N LYS A 34 -8.73 7.06 7.07
CA LYS A 34 -8.06 7.27 8.35
C LYS A 34 -6.86 8.21 8.18
N PHE A 35 -6.51 8.49 6.94
CA PHE A 35 -5.38 9.37 6.64
C PHE A 35 -5.84 10.60 5.88
N HIS A 36 -7.08 10.56 5.38
CA HIS A 36 -7.64 11.68 4.63
C HIS A 36 -7.58 12.97 5.45
N PRO A 37 -7.27 14.08 4.77
CA PRO A 37 -7.17 15.40 5.41
C PRO A 37 -8.53 15.92 5.85
N ASP A 38 -9.59 15.43 5.22
CA ASP A 38 -10.95 15.86 5.54
C ASP A 38 -11.56 14.96 6.61
N LYS A 39 -11.25 13.66 6.54
CA LYS A 39 -11.77 12.70 7.50
C LYS A 39 -10.95 12.71 8.78
N ASN A 40 -9.62 12.59 8.64
CA ASN A 40 -8.73 12.59 9.79
C ASN A 40 -8.39 14.01 10.21
N HIS A 41 -7.83 14.79 9.28
CA HIS A 41 -7.46 16.17 9.56
C HIS A 41 -6.37 16.23 10.62
N ALA A 42 -5.41 15.32 10.55
CA ALA A 42 -4.32 15.27 11.52
C ALA A 42 -2.97 15.32 10.81
N PRO A 43 -1.98 15.96 11.47
CA PRO A 43 -0.63 16.09 10.93
C PRO A 43 0.11 14.76 10.89
N GLY A 44 0.82 14.50 9.80
CA GLY A 44 1.57 13.27 9.66
C GLY A 44 0.77 12.18 8.97
N ALA A 45 -0.51 12.06 9.32
CA ALA A 45 -1.37 11.06 8.72
C ALA A 45 -1.60 11.33 7.24
N THR A 46 -2.04 12.55 6.93
CA THR A 46 -2.29 12.94 5.55
C THR A 46 -1.07 12.71 4.68
N GLU A 47 0.11 13.03 5.22
CA GLU A 47 1.36 12.86 4.48
C GLU A 47 1.52 11.42 4.02
N ALA A 48 0.84 10.50 4.71
CA ALA A 48 0.92 9.09 4.37
C ALA A 48 -0.09 8.73 3.28
N PHE A 49 -1.27 9.32 3.36
CA PHE A 49 -2.32 9.08 2.38
C PHE A 49 -1.75 9.03 0.96
N LYS A 50 -0.88 9.98 0.66
CA LYS A 50 -0.25 10.05 -0.65
C LYS A 50 0.44 8.73 -1.00
N ALA A 51 1.19 8.19 -0.04
CA ALA A 51 1.90 6.94 -0.24
C ALA A 51 0.93 5.79 -0.46
N ILE A 52 0.02 5.59 0.47
CA ILE A 52 -0.98 4.52 0.38
C ILE A 52 -1.38 4.29 -1.07
N GLY A 53 -1.81 5.35 -1.74
CA GLY A 53 -2.23 5.23 -3.13
C GLY A 53 -1.17 4.58 -4.00
N THR A 54 -0.02 5.24 -4.13
CA THR A 54 1.07 4.72 -4.94
C THR A 54 1.17 3.20 -4.83
N ALA A 55 0.81 2.68 -3.66
CA ALA A 55 0.85 1.24 -3.43
C ALA A 55 -0.34 0.55 -4.07
N TYR A 56 -1.54 0.98 -3.70
CA TYR A 56 -2.77 0.41 -4.23
C TYR A 56 -2.79 0.48 -5.75
N ALA A 57 -2.43 1.63 -6.29
CA ALA A 57 -2.40 1.83 -7.74
C ALA A 57 -1.57 0.75 -8.42
N VAL A 58 -0.58 0.24 -7.70
CA VAL A 58 0.29 -0.80 -8.24
C VAL A 58 -0.40 -2.16 -8.22
N LEU A 59 -0.59 -2.70 -7.02
CA LEU A 59 -1.23 -3.99 -6.86
C LEU A 59 -2.59 -4.02 -7.55
N SER A 60 -3.39 -2.98 -7.30
CA SER A 60 -4.72 -2.89 -7.89
C SER A 60 -4.69 -3.29 -9.37
N ASN A 61 -3.53 -3.13 -9.99
CA ASN A 61 -3.36 -3.48 -11.40
C ASN A 61 -2.65 -4.82 -11.55
N PRO A 62 -3.07 -5.61 -12.54
CA PRO A 62 -2.49 -6.93 -12.82
C PRO A 62 -1.06 -6.83 -13.36
N GLU A 63 -0.81 -5.81 -14.17
CA GLU A 63 0.51 -5.59 -14.76
C GLU A 63 1.49 -5.09 -13.71
N LYS A 64 1.06 -4.10 -12.93
CA LYS A 64 1.90 -3.53 -11.89
C LYS A 64 1.97 -4.44 -10.67
N ARG A 65 1.05 -5.41 -10.61
CA ARG A 65 1.01 -6.34 -9.49
C ARG A 65 1.94 -7.53 -9.75
N LYS A 66 1.62 -8.30 -10.79
CA LYS A 66 2.43 -9.46 -11.14
C LYS A 66 3.90 -9.10 -11.26
N GLN A 67 4.17 -7.90 -11.78
CA GLN A 67 5.54 -7.43 -11.94
C GLN A 67 6.19 -7.18 -10.58
N TYR A 68 5.39 -6.72 -9.62
CA TYR A 68 5.89 -6.44 -8.28
C TYR A 68 6.16 -7.73 -7.51
N ASP A 69 5.28 -8.70 -7.67
CA ASP A 69 5.42 -9.99 -7.00
C ASP A 69 6.57 -10.79 -7.59
N GLN A 70 6.71 -10.71 -8.90
CA GLN A 70 7.78 -11.43 -9.60
C GLN A 70 9.14 -10.80 -9.32
N PHE A 71 9.32 -9.58 -9.80
CA PHE A 71 10.58 -8.86 -9.61
C PHE A 71 10.79 -8.54 -8.13
N GLY A 72 9.93 -7.70 -7.58
CA GLY A 72 10.05 -7.32 -6.18
C GLY A 72 10.70 -5.96 -6.00
N SER A 73 10.02 -5.07 -5.27
CA SER A 73 10.53 -3.73 -5.03
C SER A 73 12.00 -3.78 -4.62
N GLY A 74 12.84 -3.12 -5.40
CA GLY A 74 14.26 -3.09 -5.11
C GLY A 74 15.06 -2.27 -6.10
N PRO A 75 15.23 -2.82 -7.31
CA PRO A 75 15.97 -2.14 -8.39
C PRO A 75 15.23 -0.92 -8.93
N SER A 76 15.53 0.24 -8.37
CA SER A 76 14.88 1.49 -8.80
C SER A 76 15.92 2.57 -9.06
N SER A 77 15.54 3.57 -9.85
CA SER A 77 16.44 4.66 -10.19
C SER A 77 15.98 5.96 -9.53
N GLY A 78 16.40 6.16 -8.28
CA GLY A 78 16.03 7.36 -7.55
C GLY A 78 16.38 8.62 -8.31
N GLY A 1 13.66 3.47 12.29
CA GLY A 1 13.54 2.46 11.25
C GLY A 1 14.69 1.47 11.26
N SER A 2 14.35 0.19 11.22
CA SER A 2 15.37 -0.87 11.23
C SER A 2 16.26 -0.77 10.00
N SER A 3 17.42 -1.42 10.08
CA SER A 3 18.37 -1.41 8.97
C SER A 3 17.65 -1.57 7.63
N GLY A 4 17.75 -0.54 6.79
CA GLY A 4 17.11 -0.60 5.49
C GLY A 4 15.74 -1.25 5.54
N SER A 5 14.79 -0.58 6.21
CA SER A 5 13.45 -1.12 6.33
C SER A 5 12.61 -0.76 5.10
N SER A 6 12.62 -1.65 4.12
CA SER A 6 11.86 -1.43 2.89
C SER A 6 10.39 -1.16 3.19
N GLY A 7 9.69 -0.57 2.23
CA GLY A 7 8.29 -0.27 2.42
C GLY A 7 7.40 -0.99 1.42
N ASP A 8 7.36 -2.31 1.52
CA ASP A 8 6.55 -3.12 0.63
C ASP A 8 5.18 -2.49 0.40
N TYR A 9 4.53 -2.87 -0.69
CA TYR A 9 3.21 -2.33 -1.02
C TYR A 9 2.13 -2.96 -0.15
N TYR A 10 2.15 -4.28 -0.07
CA TYR A 10 1.17 -5.02 0.73
C TYR A 10 1.10 -4.47 2.15
N GLU A 11 2.26 -4.16 2.71
CA GLU A 11 2.33 -3.62 4.06
C GLU A 11 1.62 -2.27 4.15
N ILE A 12 2.09 -1.31 3.36
CA ILE A 12 1.49 0.02 3.35
C ILE A 12 -0.02 -0.05 3.49
N LEU A 13 -0.67 -0.76 2.58
CA LEU A 13 -2.12 -0.91 2.60
C LEU A 13 -2.56 -1.73 3.80
N GLY A 14 -1.87 -2.84 4.04
CA GLY A 14 -2.22 -3.70 5.17
C GLY A 14 -2.86 -5.00 4.74
N VAL A 15 -2.19 -5.72 3.85
CA VAL A 15 -2.69 -7.00 3.35
C VAL A 15 -1.56 -7.99 3.12
N SER A 16 -1.92 -9.22 2.78
CA SER A 16 -0.94 -10.27 2.53
C SER A 16 -0.43 -10.21 1.09
N ARG A 17 0.56 -11.04 0.79
CA ARG A 17 1.13 -11.09 -0.55
C ARG A 17 0.30 -11.99 -1.46
N GLY A 18 -0.52 -11.36 -2.31
CA GLY A 18 -1.35 -12.11 -3.22
C GLY A 18 -2.83 -11.81 -3.04
N ALA A 19 -3.11 -10.72 -2.34
CA ALA A 19 -4.50 -10.31 -2.10
C ALA A 19 -5.17 -9.86 -3.40
N SER A 20 -6.48 -10.10 -3.49
CA SER A 20 -7.24 -9.72 -4.67
C SER A 20 -7.60 -8.24 -4.64
N ASP A 21 -8.11 -7.73 -5.75
CA ASP A 21 -8.50 -6.33 -5.84
C ASP A 21 -9.46 -5.96 -4.74
N GLU A 22 -10.63 -6.60 -4.73
CA GLU A 22 -11.65 -6.34 -3.73
C GLU A 22 -11.02 -6.16 -2.35
N ASP A 23 -10.12 -7.08 -1.99
CA ASP A 23 -9.44 -7.02 -0.70
C ASP A 23 -8.59 -5.76 -0.58
N LEU A 24 -7.65 -5.60 -1.50
CA LEU A 24 -6.77 -4.43 -1.50
C LEU A 24 -7.57 -3.15 -1.35
N LYS A 25 -8.69 -3.07 -2.07
CA LYS A 25 -9.55 -1.90 -2.02
C LYS A 25 -10.04 -1.65 -0.60
N LYS A 26 -10.86 -2.57 -0.09
CA LYS A 26 -11.40 -2.44 1.26
C LYS A 26 -10.34 -1.95 2.23
N ALA A 27 -9.22 -2.66 2.31
CA ALA A 27 -8.12 -2.29 3.20
C ALA A 27 -7.61 -0.89 2.87
N TYR A 28 -7.37 -0.65 1.58
CA TYR A 28 -6.86 0.64 1.12
C TYR A 28 -7.74 1.78 1.64
N ARG A 29 -9.04 1.68 1.38
CA ARG A 29 -9.99 2.70 1.83
C ARG A 29 -9.86 2.95 3.33
N ARG A 30 -10.14 1.92 4.12
CA ARG A 30 -10.08 2.02 5.57
C ARG A 30 -8.93 2.95 5.98
N LEU A 31 -7.83 2.89 5.26
CA LEU A 31 -6.67 3.73 5.55
C LEU A 31 -6.91 5.17 5.10
N ALA A 32 -7.04 5.37 3.80
CA ALA A 32 -7.27 6.70 3.25
C ALA A 32 -8.27 7.47 4.10
N LEU A 33 -9.37 6.82 4.47
CA LEU A 33 -10.40 7.45 5.29
C LEU A 33 -9.81 7.95 6.61
N LYS A 34 -8.86 7.19 7.15
CA LYS A 34 -8.22 7.56 8.41
C LYS A 34 -7.12 8.60 8.18
N PHE A 35 -6.51 8.55 7.01
CA PHE A 35 -5.44 9.49 6.66
C PHE A 35 -5.91 10.48 5.59
N HIS A 36 -7.20 10.80 5.62
CA HIS A 36 -7.77 11.73 4.65
C HIS A 36 -7.62 13.17 5.14
N PRO A 37 -7.31 14.07 4.20
CA PRO A 37 -7.13 15.50 4.50
C PRO A 37 -8.43 16.18 4.87
N ASP A 38 -9.52 15.78 4.21
CA ASP A 38 -10.84 16.36 4.48
C ASP A 38 -11.50 15.66 5.67
N LYS A 39 -10.73 14.85 6.39
CA LYS A 39 -11.24 14.14 7.55
C LYS A 39 -10.29 14.28 8.73
N ASN A 40 -9.07 13.75 8.59
CA ASN A 40 -8.07 13.82 9.64
C ASN A 40 -7.49 15.23 9.75
N HIS A 41 -7.52 15.78 10.96
CA HIS A 41 -6.99 17.12 11.20
C HIS A 41 -5.68 17.06 11.98
N ALA A 42 -4.83 16.11 11.61
CA ALA A 42 -3.54 15.95 12.26
C ALA A 42 -2.40 15.89 11.24
N PRO A 43 -1.26 16.48 11.60
CA PRO A 43 -0.08 16.51 10.73
C PRO A 43 0.57 15.14 10.59
N GLY A 44 0.96 14.81 9.36
CA GLY A 44 1.59 13.53 9.11
C GLY A 44 0.62 12.50 8.57
N ALA A 45 -0.59 12.48 9.14
CA ALA A 45 -1.62 11.54 8.72
C ALA A 45 -1.86 11.63 7.22
N THR A 46 -2.32 12.79 6.77
CA THR A 46 -2.60 13.01 5.36
C THR A 46 -1.39 12.68 4.49
N GLU A 47 -0.22 13.17 4.92
CA GLU A 47 1.02 12.91 4.18
C GLU A 47 1.16 11.44 3.83
N ALA A 48 0.75 10.57 4.76
CA ALA A 48 0.83 9.13 4.56
C ALA A 48 -0.09 8.69 3.43
N PHE A 49 -1.34 9.17 3.46
CA PHE A 49 -2.31 8.81 2.44
C PHE A 49 -1.67 8.82 1.05
N LYS A 50 -0.94 9.88 0.75
CA LYS A 50 -0.27 10.01 -0.55
C LYS A 50 0.49 8.73 -0.90
N ALA A 51 1.28 8.24 0.05
CA ALA A 51 2.06 7.03 -0.14
C ALA A 51 1.15 5.82 -0.31
N ILE A 52 0.15 5.70 0.55
CA ILE A 52 -0.78 4.58 0.50
C ILE A 52 -1.22 4.31 -0.94
N GLY A 53 -2.03 5.19 -1.49
CA GLY A 53 -2.49 5.03 -2.86
C GLY A 53 -1.43 4.45 -3.77
N THR A 54 -0.27 5.08 -3.81
CA THR A 54 0.83 4.62 -4.64
C THR A 54 0.89 3.10 -4.67
N ALA A 55 0.80 2.49 -3.49
CA ALA A 55 0.86 1.04 -3.38
C ALA A 55 -0.34 0.39 -4.05
N TYR A 56 -1.53 0.77 -3.62
CA TYR A 56 -2.77 0.23 -4.18
C TYR A 56 -2.74 0.28 -5.70
N ALA A 57 -2.36 1.44 -6.24
CA ALA A 57 -2.29 1.62 -7.69
C ALA A 57 -1.48 0.50 -8.35
N VAL A 58 -0.36 0.14 -7.72
CA VAL A 58 0.51 -0.90 -8.25
C VAL A 58 -0.20 -2.26 -8.21
N LEU A 59 -0.39 -2.79 -7.01
CA LEU A 59 -1.05 -4.07 -6.83
C LEU A 59 -2.40 -4.09 -7.54
N SER A 60 -3.27 -3.14 -7.18
CA SER A 60 -4.59 -3.05 -7.77
C SER A 60 -4.55 -3.42 -9.26
N ASN A 61 -3.45 -3.08 -9.92
CA ASN A 61 -3.29 -3.38 -11.33
C ASN A 61 -2.64 -4.73 -11.53
N PRO A 62 -3.09 -5.47 -12.55
CA PRO A 62 -2.56 -6.80 -12.88
C PRO A 62 -1.13 -6.74 -13.42
N GLU A 63 -0.88 -5.76 -14.29
CA GLU A 63 0.44 -5.59 -14.88
C GLU A 63 1.46 -5.15 -13.83
N LYS A 64 1.09 -4.14 -13.04
CA LYS A 64 1.97 -3.63 -11.99
C LYS A 64 2.07 -4.62 -10.84
N ARG A 65 1.09 -5.51 -10.73
CA ARG A 65 1.08 -6.50 -9.67
C ARG A 65 1.95 -7.70 -10.03
N LYS A 66 1.86 -8.13 -11.29
CA LYS A 66 2.65 -9.27 -11.77
C LYS A 66 4.14 -8.95 -11.73
N GLN A 67 4.48 -7.69 -11.97
CA GLN A 67 5.88 -7.27 -11.97
C GLN A 67 6.42 -7.22 -10.54
N TYR A 68 5.56 -6.87 -9.59
CA TYR A 68 5.95 -6.78 -8.19
C TYR A 68 6.09 -8.17 -7.58
N ASP A 69 5.07 -9.00 -7.77
CA ASP A 69 5.07 -10.36 -7.24
C ASP A 69 6.24 -11.16 -7.81
N GLN A 70 6.58 -10.90 -9.07
CA GLN A 70 7.67 -11.59 -9.73
C GLN A 70 9.02 -10.97 -9.36
N PHE A 71 9.19 -9.69 -9.68
CA PHE A 71 10.42 -8.98 -9.40
C PHE A 71 10.35 -8.31 -8.02
N GLY A 72 9.27 -7.57 -7.79
CA GLY A 72 9.10 -6.89 -6.52
C GLY A 72 9.03 -7.85 -5.35
N SER A 73 7.94 -7.75 -4.58
CA SER A 73 7.76 -8.62 -3.42
C SER A 73 8.34 -10.00 -3.68
N GLY A 74 9.21 -10.44 -2.78
CA GLY A 74 9.82 -11.76 -2.93
C GLY A 74 10.65 -12.16 -1.72
N PRO A 75 11.63 -13.02 -1.94
CA PRO A 75 12.51 -13.51 -0.87
C PRO A 75 13.46 -12.42 -0.35
N SER A 76 13.31 -11.21 -0.91
CA SER A 76 14.15 -10.09 -0.51
C SER A 76 13.71 -9.53 0.84
N SER A 77 13.52 -10.42 1.81
CA SER A 77 13.10 -10.02 3.14
C SER A 77 14.16 -9.16 3.82
N GLY A 78 13.81 -7.90 4.10
CA GLY A 78 14.74 -7.00 4.74
C GLY A 78 14.21 -5.58 4.82
N GLY A 1 11.76 -5.03 14.25
CA GLY A 1 13.14 -5.09 13.78
C GLY A 1 13.55 -3.84 13.04
N SER A 2 14.85 -3.68 12.84
CA SER A 2 15.38 -2.51 12.14
C SER A 2 16.26 -2.93 10.96
N SER A 3 17.12 -3.91 11.20
CA SER A 3 18.02 -4.40 10.16
C SER A 3 17.22 -5.03 9.01
N GLY A 4 17.43 -4.50 7.81
CA GLY A 4 16.73 -5.02 6.65
C GLY A 4 15.53 -4.17 6.26
N SER A 5 15.74 -2.87 6.15
CA SER A 5 14.68 -1.94 5.80
C SER A 5 14.09 -2.29 4.43
N SER A 6 12.76 -2.27 4.34
CA SER A 6 12.07 -2.58 3.10
C SER A 6 10.63 -2.12 3.14
N GLY A 7 10.03 -1.94 1.97
CA GLY A 7 8.65 -1.51 1.89
C GLY A 7 7.81 -2.37 0.97
N ASP A 8 6.92 -3.16 1.55
CA ASP A 8 6.06 -4.04 0.77
C ASP A 8 4.65 -3.44 0.64
N TYR A 9 4.22 -3.25 -0.60
CA TYR A 9 2.90 -2.69 -0.87
C TYR A 9 1.83 -3.36 0.01
N TYR A 10 1.83 -4.69 0.01
CA TYR A 10 0.87 -5.44 0.80
C TYR A 10 0.89 -5.00 2.26
N GLU A 11 2.08 -4.64 2.75
CA GLU A 11 2.24 -4.19 4.12
C GLU A 11 1.67 -2.79 4.31
N ILE A 12 2.04 -1.88 3.41
CA ILE A 12 1.57 -0.51 3.48
C ILE A 12 0.06 -0.45 3.66
N LEU A 13 -0.66 -1.27 2.90
CA LEU A 13 -2.11 -1.32 2.97
C LEU A 13 -2.57 -2.12 4.18
N GLY A 14 -1.86 -3.19 4.48
CA GLY A 14 -2.20 -4.02 5.62
C GLY A 14 -3.01 -5.25 5.22
N VAL A 15 -2.46 -6.02 4.29
CA VAL A 15 -3.13 -7.24 3.81
C VAL A 15 -2.14 -8.37 3.58
N SER A 16 -2.64 -9.51 3.13
CA SER A 16 -1.80 -10.66 2.86
C SER A 16 -1.27 -10.63 1.43
N ARG A 17 -0.17 -11.34 1.20
CA ARG A 17 0.44 -11.40 -0.12
C ARG A 17 -0.43 -12.22 -1.09
N GLY A 18 -1.21 -11.53 -1.90
CA GLY A 18 -2.07 -12.20 -2.86
C GLY A 18 -3.53 -11.83 -2.68
N ALA A 19 -3.78 -10.74 -1.98
CA ALA A 19 -5.15 -10.27 -1.75
C ALA A 19 -5.79 -9.80 -3.04
N SER A 20 -7.04 -10.23 -3.26
CA SER A 20 -7.77 -9.86 -4.47
C SER A 20 -8.06 -8.36 -4.48
N ASP A 21 -8.46 -7.86 -5.65
CA ASP A 21 -8.77 -6.44 -5.81
C ASP A 21 -9.67 -5.96 -4.68
N GLU A 22 -10.83 -6.59 -4.53
CA GLU A 22 -11.78 -6.22 -3.50
C GLU A 22 -11.07 -6.01 -2.16
N ASP A 23 -10.30 -7.01 -1.75
CA ASP A 23 -9.57 -6.94 -0.48
C ASP A 23 -8.70 -5.68 -0.43
N LEU A 24 -7.84 -5.53 -1.43
CA LEU A 24 -6.95 -4.37 -1.49
C LEU A 24 -7.74 -3.07 -1.43
N LYS A 25 -8.92 -3.07 -2.04
CA LYS A 25 -9.77 -1.88 -2.04
C LYS A 25 -10.24 -1.56 -0.63
N LYS A 26 -11.04 -2.46 -0.04
CA LYS A 26 -11.55 -2.26 1.30
C LYS A 26 -10.45 -1.77 2.25
N ALA A 27 -9.34 -2.49 2.27
CA ALA A 27 -8.21 -2.12 3.13
C ALA A 27 -7.72 -0.72 2.81
N TYR A 28 -7.41 -0.48 1.53
CA TYR A 28 -6.92 0.81 1.09
C TYR A 28 -7.84 1.93 1.56
N ARG A 29 -9.14 1.72 1.41
CA ARG A 29 -10.14 2.71 1.81
C ARG A 29 -10.07 2.96 3.32
N ARG A 30 -10.32 1.92 4.10
CA ARG A 30 -10.30 2.02 5.55
C ARG A 30 -9.13 2.89 6.01
N LEU A 31 -8.08 2.95 5.19
CA LEU A 31 -6.90 3.74 5.51
C LEU A 31 -7.04 5.16 4.97
N ALA A 32 -7.24 5.26 3.65
CA ALA A 32 -7.38 6.56 3.00
C ALA A 32 -8.25 7.50 3.84
N LEU A 33 -9.41 7.01 4.27
CA LEU A 33 -10.32 7.81 5.08
C LEU A 33 -9.64 8.28 6.36
N LYS A 34 -8.89 7.38 6.99
CA LYS A 34 -8.18 7.70 8.22
C LYS A 34 -7.02 8.65 7.95
N PHE A 35 -6.56 8.68 6.71
CA PHE A 35 -5.44 9.53 6.32
C PHE A 35 -5.87 10.50 5.22
N HIS A 36 -7.16 10.76 5.13
CA HIS A 36 -7.70 11.67 4.14
C HIS A 36 -7.54 13.13 4.58
N PRO A 37 -7.19 14.00 3.62
CA PRO A 37 -7.01 15.43 3.90
C PRO A 37 -8.32 16.14 4.21
N ASP A 38 -9.43 15.42 4.06
CA ASP A 38 -10.75 15.98 4.33
C ASP A 38 -11.37 15.32 5.56
N LYS A 39 -11.34 14.00 5.60
CA LYS A 39 -11.90 13.25 6.72
C LYS A 39 -10.96 13.29 7.92
N ASN A 40 -9.66 13.43 7.66
CA ASN A 40 -8.67 13.47 8.72
C ASN A 40 -8.02 14.86 8.80
N HIS A 41 -8.38 15.61 9.83
CA HIS A 41 -7.84 16.95 10.02
C HIS A 41 -6.63 16.92 10.95
N ALA A 42 -5.69 16.02 10.67
CA ALA A 42 -4.49 15.88 11.47
C ALA A 42 -3.23 15.93 10.60
N PRO A 43 -2.19 16.59 11.11
CA PRO A 43 -0.91 16.72 10.39
C PRO A 43 -0.17 15.39 10.30
N GLY A 44 0.44 15.14 9.14
CA GLY A 44 1.18 13.91 8.95
C GLY A 44 0.31 12.80 8.37
N ALA A 45 -0.90 12.66 8.89
CA ALA A 45 -1.81 11.63 8.42
C ALA A 45 -1.94 11.65 6.91
N THR A 46 -2.18 12.83 6.35
CA THR A 46 -2.32 12.99 4.91
C THR A 46 -1.04 12.57 4.19
N GLU A 47 0.08 13.18 4.55
CA GLU A 47 1.36 12.86 3.94
C GLU A 47 1.48 11.36 3.68
N ALA A 48 0.93 10.57 4.59
CA ALA A 48 0.98 9.11 4.47
C ALA A 48 0.09 8.64 3.33
N PHE A 49 -1.12 9.18 3.26
CA PHE A 49 -2.07 8.81 2.23
C PHE A 49 -1.40 8.70 0.87
N LYS A 50 -0.54 9.67 0.57
CA LYS A 50 0.18 9.68 -0.70
C LYS A 50 0.94 8.38 -0.92
N ALA A 51 1.54 7.87 0.16
CA ALA A 51 2.29 6.62 0.10
C ALA A 51 1.37 5.43 -0.08
N ILE A 52 0.19 5.50 0.52
CA ILE A 52 -0.79 4.42 0.42
C ILE A 52 -1.28 4.25 -1.02
N GLY A 53 -1.86 5.30 -1.57
CA GLY A 53 -2.36 5.23 -2.93
C GLY A 53 -1.38 4.57 -3.87
N THR A 54 -0.10 4.94 -3.76
CA THR A 54 0.94 4.36 -4.60
C THR A 54 0.90 2.84 -4.57
N ALA A 55 0.89 2.29 -3.37
CA ALA A 55 0.87 0.83 -3.20
C ALA A 55 -0.41 0.25 -3.79
N TYR A 56 -1.56 0.69 -3.28
CA TYR A 56 -2.84 0.20 -3.77
C TYR A 56 -2.89 0.20 -5.30
N ALA A 57 -2.50 1.32 -5.89
CA ALA A 57 -2.50 1.43 -7.35
C ALA A 57 -1.77 0.26 -7.99
N VAL A 58 -0.56 0.00 -7.53
CA VAL A 58 0.25 -1.11 -8.07
C VAL A 58 -0.48 -2.44 -7.92
N LEU A 59 -0.63 -2.89 -6.68
CA LEU A 59 -1.31 -4.15 -6.40
C LEU A 59 -2.68 -4.19 -7.07
N SER A 60 -3.55 -3.26 -6.69
CA SER A 60 -4.90 -3.19 -7.24
C SER A 60 -4.88 -3.52 -8.74
N ASN A 61 -3.75 -3.24 -9.38
CA ASN A 61 -3.60 -3.50 -10.81
C ASN A 61 -2.94 -4.86 -11.05
N PRO A 62 -3.44 -5.59 -12.07
CA PRO A 62 -2.92 -6.91 -12.42
C PRO A 62 -1.52 -6.84 -13.02
N GLU A 63 -1.35 -5.99 -14.02
CA GLU A 63 -0.06 -5.82 -14.69
C GLU A 63 0.98 -5.30 -13.71
N LYS A 64 0.73 -4.13 -13.13
CA LYS A 64 1.65 -3.52 -12.18
C LYS A 64 2.03 -4.51 -11.09
N ARG A 65 1.08 -5.36 -10.71
CA ARG A 65 1.32 -6.35 -9.67
C ARG A 65 2.37 -7.38 -10.12
N LYS A 66 2.24 -7.83 -11.37
CA LYS A 66 3.17 -8.80 -11.92
C LYS A 66 4.61 -8.39 -11.65
N GLN A 67 4.98 -7.20 -12.11
CA GLN A 67 6.33 -6.69 -11.92
C GLN A 67 6.69 -6.67 -10.44
N TYR A 68 5.72 -6.31 -9.61
CA TYR A 68 5.94 -6.24 -8.17
C TYR A 68 6.22 -7.62 -7.59
N ASP A 69 5.56 -8.64 -8.14
CA ASP A 69 5.74 -10.00 -7.68
C ASP A 69 6.99 -10.62 -8.30
N GLN A 70 7.36 -10.16 -9.48
CA GLN A 70 8.53 -10.67 -10.18
C GLN A 70 9.79 -9.94 -9.71
N PHE A 71 9.85 -8.65 -9.98
CA PHE A 71 11.00 -7.84 -9.59
C PHE A 71 10.79 -7.22 -8.20
N GLY A 72 9.76 -6.38 -8.08
CA GLY A 72 9.47 -5.75 -6.81
C GLY A 72 9.76 -6.65 -5.62
N SER A 73 9.33 -7.90 -5.73
CA SER A 73 9.53 -8.87 -4.65
C SER A 73 10.29 -10.10 -5.17
N GLY A 74 11.20 -10.61 -4.34
CA GLY A 74 11.97 -11.77 -4.72
C GLY A 74 11.93 -12.87 -3.69
N PRO A 75 12.96 -12.91 -2.81
CA PRO A 75 13.05 -13.92 -1.75
C PRO A 75 12.01 -13.70 -0.66
N SER A 76 11.71 -14.76 0.08
CA SER A 76 10.72 -14.70 1.15
C SER A 76 11.08 -13.59 2.14
N SER A 77 10.21 -12.57 2.22
CA SER A 77 10.44 -11.46 3.12
C SER A 77 9.18 -11.17 3.94
N GLY A 78 9.38 -10.50 5.08
CA GLY A 78 8.26 -10.17 5.96
C GLY A 78 7.03 -9.74 5.17
N GLY A 1 11.14 -4.37 20.64
CA GLY A 1 9.96 -4.76 19.91
C GLY A 1 9.79 -4.01 18.60
N SER A 2 9.03 -4.59 17.68
CA SER A 2 8.79 -3.97 16.38
C SER A 2 7.44 -4.38 15.81
N SER A 3 6.61 -3.39 15.48
CA SER A 3 5.29 -3.65 14.93
C SER A 3 4.91 -2.57 13.92
N GLY A 4 4.22 -2.99 12.87
CA GLY A 4 3.80 -2.05 11.84
C GLY A 4 4.34 -2.41 10.46
N SER A 5 4.19 -1.50 9.51
CA SER A 5 4.66 -1.73 8.15
C SER A 5 6.19 -1.74 8.11
N SER A 6 6.74 -2.03 6.93
CA SER A 6 8.18 -2.08 6.75
C SER A 6 8.59 -1.34 5.48
N GLY A 7 7.86 -1.59 4.39
CA GLY A 7 8.17 -0.94 3.13
C GLY A 7 7.34 -1.47 1.99
N ASP A 8 7.33 -2.80 1.83
CA ASP A 8 6.56 -3.43 0.76
C ASP A 8 5.19 -2.79 0.63
N TYR A 9 4.59 -2.93 -0.56
CA TYR A 9 3.27 -2.36 -0.81
C TYR A 9 2.22 -3.00 0.08
N TYR A 10 2.16 -4.33 0.05
CA TYR A 10 1.21 -5.07 0.86
C TYR A 10 1.17 -4.55 2.29
N GLU A 11 2.34 -4.27 2.84
CA GLU A 11 2.45 -3.75 4.21
C GLU A 11 1.83 -2.37 4.32
N ILE A 12 2.32 -1.44 3.51
CA ILE A 12 1.82 -0.07 3.51
C ILE A 12 0.30 -0.05 3.63
N LEU A 13 -0.36 -0.98 2.95
CA LEU A 13 -1.81 -1.08 2.99
C LEU A 13 -2.29 -1.81 4.24
N GLY A 14 -1.59 -2.89 4.59
CA GLY A 14 -1.94 -3.65 5.77
C GLY A 14 -2.64 -4.95 5.41
N VAL A 15 -2.11 -5.66 4.42
CA VAL A 15 -2.69 -6.93 3.99
C VAL A 15 -1.59 -7.97 3.73
N SER A 16 -2.02 -9.20 3.45
CA SER A 16 -1.08 -10.28 3.19
C SER A 16 -0.62 -10.27 1.73
N ARG A 17 0.40 -11.06 1.42
CA ARG A 17 0.93 -11.14 0.07
C ARG A 17 0.08 -12.06 -0.79
N GLY A 18 -0.78 -11.47 -1.62
CA GLY A 18 -1.63 -12.25 -2.48
C GLY A 18 -3.10 -11.93 -2.29
N ALA A 19 -3.39 -10.80 -1.65
CA ALA A 19 -4.76 -10.39 -1.40
C ALA A 19 -5.48 -10.05 -2.70
N SER A 20 -6.75 -10.45 -2.79
CA SER A 20 -7.54 -10.18 -3.98
C SER A 20 -7.88 -8.70 -4.10
N ASP A 21 -8.30 -8.28 -5.28
CA ASP A 21 -8.65 -6.88 -5.54
C ASP A 21 -9.54 -6.36 -4.42
N GLU A 22 -10.57 -7.12 -4.07
CA GLU A 22 -11.50 -6.71 -3.02
C GLU A 22 -10.74 -6.32 -1.75
N ASP A 23 -9.89 -7.21 -1.27
CA ASP A 23 -9.11 -6.96 -0.06
C ASP A 23 -8.29 -5.68 -0.22
N LEU A 24 -7.44 -5.66 -1.24
CA LEU A 24 -6.60 -4.50 -1.49
C LEU A 24 -7.41 -3.21 -1.48
N LYS A 25 -8.63 -3.28 -2.01
CA LYS A 25 -9.52 -2.12 -2.05
C LYS A 25 -9.96 -1.72 -0.65
N LYS A 26 -10.80 -2.57 -0.04
CA LYS A 26 -11.30 -2.31 1.30
C LYS A 26 -10.19 -1.78 2.21
N ALA A 27 -9.10 -2.54 2.30
CA ALA A 27 -7.97 -2.15 3.13
C ALA A 27 -7.45 -0.77 2.74
N TYR A 28 -7.22 -0.57 1.44
CA TYR A 28 -6.71 0.70 0.95
C TYR A 28 -7.59 1.85 1.43
N ARG A 29 -8.89 1.76 1.14
CA ARG A 29 -9.83 2.79 1.55
C ARG A 29 -9.81 2.99 3.07
N ARG A 30 -10.11 1.91 3.79
CA ARG A 30 -10.13 1.97 5.25
C ARG A 30 -9.05 2.91 5.77
N LEU A 31 -7.94 3.00 5.05
CA LEU A 31 -6.83 3.85 5.43
C LEU A 31 -7.06 5.29 4.99
N ALA A 32 -7.15 5.49 3.67
CA ALA A 32 -7.37 6.81 3.11
C ALA A 32 -8.40 7.58 3.93
N LEU A 33 -9.53 6.95 4.21
CA LEU A 33 -10.59 7.58 4.99
C LEU A 33 -10.07 8.05 6.34
N LYS A 34 -9.13 7.29 6.90
CA LYS A 34 -8.55 7.63 8.20
C LYS A 34 -7.41 8.63 8.03
N PHE A 35 -6.77 8.61 6.87
CA PHE A 35 -5.66 9.52 6.58
C PHE A 35 -6.05 10.52 5.50
N HIS A 36 -7.33 10.90 5.48
CA HIS A 36 -7.82 11.85 4.50
C HIS A 36 -7.68 13.29 5.03
N PRO A 37 -7.30 14.20 4.12
CA PRO A 37 -7.12 15.62 4.47
C PRO A 37 -8.44 16.32 4.77
N ASP A 38 -9.54 15.67 4.41
CA ASP A 38 -10.87 16.23 4.65
C ASP A 38 -11.45 15.71 5.95
N LYS A 39 -11.25 14.43 6.23
CA LYS A 39 -11.75 13.81 7.45
C LYS A 39 -10.80 14.06 8.61
N ASN A 40 -9.51 13.76 8.42
CA ASN A 40 -8.51 13.96 9.45
C ASN A 40 -7.98 15.39 9.42
N HIS A 41 -7.70 15.89 8.22
CA HIS A 41 -7.18 17.24 8.05
C HIS A 41 -6.10 17.53 9.09
N ALA A 42 -5.27 16.53 9.37
CA ALA A 42 -4.19 16.69 10.34
C ALA A 42 -2.84 16.35 9.71
N PRO A 43 -1.77 16.97 10.24
CA PRO A 43 -0.41 16.75 9.76
C PRO A 43 0.11 15.36 10.08
N GLY A 44 0.93 14.81 9.18
CA GLY A 44 1.49 13.49 9.39
C GLY A 44 0.58 12.39 8.82
N ALA A 45 -0.67 12.38 9.25
CA ALA A 45 -1.62 11.39 8.78
C ALA A 45 -1.89 11.54 7.29
N THR A 46 -2.42 12.69 6.89
CA THR A 46 -2.73 12.96 5.50
C THR A 46 -1.55 12.59 4.60
N GLU A 47 -0.44 13.30 4.77
CA GLU A 47 0.76 13.04 3.97
C GLU A 47 0.90 11.55 3.67
N ALA A 48 0.72 10.73 4.70
CA ALA A 48 0.82 9.28 4.54
C ALA A 48 -0.07 8.78 3.40
N PHE A 49 -1.31 9.26 3.39
CA PHE A 49 -2.26 8.86 2.35
C PHE A 49 -1.59 8.80 0.99
N LYS A 50 -0.90 9.88 0.62
CA LYS A 50 -0.20 9.95 -0.66
C LYS A 50 0.54 8.66 -0.95
N ALA A 51 1.27 8.16 0.04
CA ALA A 51 2.03 6.93 -0.11
C ALA A 51 1.11 5.73 -0.30
N ILE A 52 0.15 5.58 0.61
CA ILE A 52 -0.80 4.47 0.54
C ILE A 52 -1.21 4.20 -0.91
N GLY A 53 -1.87 5.17 -1.53
CA GLY A 53 -2.31 5.01 -2.90
C GLY A 53 -1.24 4.39 -3.78
N THR A 54 -0.08 5.05 -3.85
CA THR A 54 1.03 4.56 -4.66
C THR A 54 1.08 3.04 -4.67
N ALA A 55 0.86 2.43 -3.51
CA ALA A 55 0.87 0.98 -3.38
C ALA A 55 -0.37 0.36 -4.02
N TYR A 56 -1.54 0.76 -3.53
CA TYR A 56 -2.80 0.24 -4.05
C TYR A 56 -2.82 0.28 -5.57
N ALA A 57 -2.37 1.39 -6.13
CA ALA A 57 -2.33 1.56 -7.58
C ALA A 57 -1.55 0.41 -8.24
N VAL A 58 -0.38 0.10 -7.69
CA VAL A 58 0.45 -0.97 -8.21
C VAL A 58 -0.30 -2.28 -8.25
N LEU A 59 -0.53 -2.86 -7.08
CA LEU A 59 -1.24 -4.13 -6.97
C LEU A 59 -2.56 -4.08 -7.74
N SER A 60 -3.36 -3.05 -7.45
CA SER A 60 -4.66 -2.89 -8.12
C SER A 60 -4.53 -3.10 -9.63
N ASN A 61 -3.34 -2.79 -10.16
CA ASN A 61 -3.09 -2.94 -11.58
C ASN A 61 -2.42 -4.27 -11.88
N PRO A 62 -2.83 -4.91 -12.99
CA PRO A 62 -2.28 -6.21 -13.40
C PRO A 62 -0.84 -6.09 -13.89
N GLU A 63 -0.49 -4.93 -14.44
CA GLU A 63 0.86 -4.69 -14.94
C GLU A 63 1.83 -4.40 -13.79
N LYS A 64 1.42 -3.48 -12.92
CA LYS A 64 2.25 -3.11 -11.77
C LYS A 64 2.25 -4.21 -10.71
N ARG A 65 1.24 -5.07 -10.76
CA ARG A 65 1.11 -6.16 -9.81
C ARG A 65 1.92 -7.38 -10.28
N LYS A 66 1.66 -7.81 -11.51
CA LYS A 66 2.36 -8.96 -12.07
C LYS A 66 3.87 -8.83 -11.88
N GLN A 67 4.38 -7.61 -11.97
CA GLN A 67 5.80 -7.35 -11.78
C GLN A 67 6.21 -7.52 -10.33
N TYR A 68 5.31 -7.15 -9.43
CA TYR A 68 5.58 -7.26 -8.00
C TYR A 68 5.52 -8.71 -7.53
N ASP A 69 4.58 -9.46 -8.09
CA ASP A 69 4.42 -10.87 -7.74
C ASP A 69 5.62 -11.69 -8.21
N GLN A 70 6.27 -11.23 -9.27
CA GLN A 70 7.43 -11.91 -9.82
C GLN A 70 8.73 -11.32 -9.26
N PHE A 71 8.94 -10.04 -9.48
CA PHE A 71 10.14 -9.36 -9.00
C PHE A 71 9.81 -8.47 -7.80
N GLY A 72 9.16 -9.04 -6.80
CA GLY A 72 8.79 -8.28 -5.62
C GLY A 72 8.49 -9.18 -4.43
N SER A 73 7.93 -10.35 -4.69
CA SER A 73 7.59 -11.29 -3.64
C SER A 73 8.37 -12.60 -3.80
N GLY A 74 8.47 -13.06 -5.04
CA GLY A 74 9.19 -14.30 -5.31
C GLY A 74 8.93 -15.36 -4.26
N PRO A 75 9.88 -15.52 -3.33
CA PRO A 75 9.78 -16.50 -2.25
C PRO A 75 8.70 -16.14 -1.23
N SER A 76 7.81 -17.09 -0.96
CA SER A 76 6.73 -16.86 -0.01
C SER A 76 7.25 -16.89 1.43
N SER A 77 7.60 -15.72 1.95
CA SER A 77 8.11 -15.61 3.31
C SER A 77 9.26 -16.59 3.53
N GLY A 78 10.24 -16.56 2.63
CA GLY A 78 11.38 -17.45 2.74
C GLY A 78 12.57 -16.78 3.37
#